data_7V9H
# 
_entry.id   7V9H 
# 
_audit_conform.dict_name       mmcif_pdbx.dic 
_audit_conform.dict_version    5.392 
_audit_conform.dict_location   http://mmcif.pdb.org/dictionaries/ascii/mmcif_pdbx.dic 
# 
loop_
_database_2.database_id 
_database_2.database_code 
_database_2.pdbx_database_accession 
_database_2.pdbx_DOI 
PDB   7V9H         pdb_00007v9h 10.2210/pdb7v9h/pdb 
WWPDB D_1300024319 ?            ?                   
# 
loop_
_pdbx_audit_revision_history.ordinal 
_pdbx_audit_revision_history.data_content_type 
_pdbx_audit_revision_history.major_revision 
_pdbx_audit_revision_history.minor_revision 
_pdbx_audit_revision_history.revision_date 
1 'Structure model' 1 0 2022-02-16 
2 'Structure model' 1 1 2022-02-23 
3 'Structure model' 1 2 2022-03-16 
4 'Structure model' 1 3 2024-05-29 
# 
_pdbx_audit_revision_details.ordinal             1 
_pdbx_audit_revision_details.revision_ordinal    1 
_pdbx_audit_revision_details.data_content_type   'Structure model' 
_pdbx_audit_revision_details.provider            repository 
_pdbx_audit_revision_details.type                'Initial release' 
_pdbx_audit_revision_details.description         ? 
_pdbx_audit_revision_details.details             ? 
# 
loop_
_pdbx_audit_revision_group.ordinal 
_pdbx_audit_revision_group.revision_ordinal 
_pdbx_audit_revision_group.data_content_type 
_pdbx_audit_revision_group.group 
1 2 'Structure model' 'Database references' 
2 3 'Structure model' 'Database references' 
3 4 'Structure model' 'Data collection'     
# 
loop_
_pdbx_audit_revision_category.ordinal 
_pdbx_audit_revision_category.revision_ordinal 
_pdbx_audit_revision_category.data_content_type 
_pdbx_audit_revision_category.category 
1 2 'Structure model' citation        
2 2 'Structure model' citation_author 
3 3 'Structure model' citation        
4 3 'Structure model' citation_author 
5 4 'Structure model' chem_comp_atom  
6 4 'Structure model' chem_comp_bond  
# 
loop_
_pdbx_audit_revision_item.ordinal 
_pdbx_audit_revision_item.revision_ordinal 
_pdbx_audit_revision_item.data_content_type 
_pdbx_audit_revision_item.item 
1 2 'Structure model' '_citation.page_first'              
2 2 'Structure model' '_citation.page_last'               
3 2 'Structure model' '_citation.pdbx_database_id_PubMed' 
4 2 'Structure model' '_citation.title'                   
5 2 'Structure model' '_citation_author.identifier_ORCID' 
6 3 'Structure model' '_citation.journal_volume'          
7 3 'Structure model' '_citation.page_first'              
8 3 'Structure model' '_citation.page_last'               
9 3 'Structure model' '_citation_author.identifier_ORCID' 
# 
_pdbx_database_status.status_code                     REL 
_pdbx_database_status.status_code_sf                  REL 
_pdbx_database_status.status_code_mr                  ? 
_pdbx_database_status.entry_id                        7V9H 
_pdbx_database_status.recvd_initial_deposition_date   2021-08-25 
_pdbx_database_status.SG_entry                        N 
_pdbx_database_status.deposit_site                    PDBJ 
_pdbx_database_status.process_site                    PDBJ 
_pdbx_database_status.status_code_cs                  ? 
_pdbx_database_status.status_code_nmr_data            ? 
_pdbx_database_status.methods_development_category    ? 
_pdbx_database_status.pdb_format_compatible           Y 
# 
loop_
_audit_author.name 
_audit_author.pdbx_ordinal 
_audit_author.identifier_ORCID 
'Zhang, J.' 1  ? 
'Zhang, Y.' 2  ? 
'You, Q.'   3  ? 
'Huang, C.' 4  ? 
'Zhang, T.' 5  ? 
'Wang, M.'  6  ? 
'Zhang, T.' 7  ? 
'Yang, X.'  8  ? 
'Xiong, J.' 9  ? 
'Li, Y.'    10 ? 
'Liu, C.P.' 11 ? 
'Zhang, Z.' 12 ? 
'Xu, R.M.'  13 ? 
'Zhu, B.'   14 ? 
# 
_citation.abstract                  ? 
_citation.abstract_id_CAS           ? 
_citation.book_id_ISBN              ? 
_citation.book_publisher            ? 
_citation.book_publisher_city       ? 
_citation.book_title                ? 
_citation.coordinate_linkage        ? 
_citation.country                   US 
_citation.database_id_Medline       ? 
_citation.details                   ? 
_citation.id                        primary 
_citation.journal_abbrev            Science 
_citation.journal_id_ASTM           SCIEAS 
_citation.journal_id_CSD            0038 
_citation.journal_id_ISSN           1095-9203 
_citation.journal_full              ? 
_citation.journal_issue             ? 
_citation.journal_volume            375 
_citation.language                  ? 
_citation.page_first                1053 
_citation.page_last                 1058 
_citation.title                     
'Highly enriched BEND3 prevents the premature activation of bivalent genes during differentiation.' 
_citation.year                      2022 
_citation.database_id_CSD           ? 
_citation.pdbx_database_id_DOI      10.1126/science.abm0730 
_citation.pdbx_database_id_PubMed   35143257 
_citation.pdbx_database_id_patent   ? 
_citation.unpublished_flag          ? 
# 
loop_
_citation_author.citation_id 
_citation_author.name 
_citation_author.ordinal 
_citation_author.identifier_ORCID 
primary 'Zhang, J.' 1  ? 
primary 'Zhang, Y.' 2  ? 
primary 'You, Q.'   3  ? 
primary 'Huang, C.' 4  ? 
primary 'Zhang, T.' 5  ? 
primary 'Wang, M.'  6  ? 
primary 'Zhang, T.' 7  ? 
primary 'Yang, X.'  8  ? 
primary 'Xiong, J.' 9  ? 
primary 'Li, Y.'    10 ? 
primary 'Liu, C.P.' 11 ? 
primary 'Zhang, Z.' 12 ? 
primary 'Xu, R.M.'  13 ? 
primary 'Zhu, B.'   14 ? 
# 
loop_
_entity.id 
_entity.type 
_entity.src_method 
_entity.pdbx_description 
_entity.formula_weight 
_entity.pdbx_number_of_molecules 
_entity.pdbx_ec 
_entity.pdbx_mutation 
_entity.pdbx_fragment 
_entity.details 
1 polymer man 'BEN domain-containing protein 3' 12642.411 1  ? ? ? ? 
2 water   nat water                             18.015    36 ? ? ? ? 
# 
_entity_poly.entity_id                      1 
_entity_poly.type                           'polypeptide(L)' 
_entity_poly.nstd_linkage                   no 
_entity_poly.nstd_monomer                   no 
_entity_poly.pdbx_seq_one_letter_code       
;QDPRNSGSDCLLSKEQLRSIYESSLSIGNFASRLLVHLFPELFTHENLRKQYNCSGSLGKKQLDPARIRLIRHYVQLLYP
RAKNDRVWTLEFVGKLDERCRRRDTEQ
;
_entity_poly.pdbx_seq_one_letter_code_can   
;QDPRNSGSDCLLSKEQLRSIYESSLSIGNFASRLLVHLFPELFTHENLRKQYNCSGSLGKKQLDPARIRLIRHYVQLLYP
RAKNDRVWTLEFVGKLDERCRRRDTEQ
;
_entity_poly.pdbx_strand_id                 A 
_entity_poly.pdbx_target_identifier         ? 
# 
_pdbx_entity_nonpoly.entity_id   2 
_pdbx_entity_nonpoly.name        water 
_pdbx_entity_nonpoly.comp_id     HOH 
# 
loop_
_entity_poly_seq.entity_id 
_entity_poly_seq.num 
_entity_poly_seq.mon_id 
_entity_poly_seq.hetero 
1 1   GLN n 
1 2   ASP n 
1 3   PRO n 
1 4   ARG n 
1 5   ASN n 
1 6   SER n 
1 7   GLY n 
1 8   SER n 
1 9   ASP n 
1 10  CYS n 
1 11  LEU n 
1 12  LEU n 
1 13  SER n 
1 14  LYS n 
1 15  GLU n 
1 16  GLN n 
1 17  LEU n 
1 18  ARG n 
1 19  SER n 
1 20  ILE n 
1 21  TYR n 
1 22  GLU n 
1 23  SER n 
1 24  SER n 
1 25  LEU n 
1 26  SER n 
1 27  ILE n 
1 28  GLY n 
1 29  ASN n 
1 30  PHE n 
1 31  ALA n 
1 32  SER n 
1 33  ARG n 
1 34  LEU n 
1 35  LEU n 
1 36  VAL n 
1 37  HIS n 
1 38  LEU n 
1 39  PHE n 
1 40  PRO n 
1 41  GLU n 
1 42  LEU n 
1 43  PHE n 
1 44  THR n 
1 45  HIS n 
1 46  GLU n 
1 47  ASN n 
1 48  LEU n 
1 49  ARG n 
1 50  LYS n 
1 51  GLN n 
1 52  TYR n 
1 53  ASN n 
1 54  CYS n 
1 55  SER n 
1 56  GLY n 
1 57  SER n 
1 58  LEU n 
1 59  GLY n 
1 60  LYS n 
1 61  LYS n 
1 62  GLN n 
1 63  LEU n 
1 64  ASP n 
1 65  PRO n 
1 66  ALA n 
1 67  ARG n 
1 68  ILE n 
1 69  ARG n 
1 70  LEU n 
1 71  ILE n 
1 72  ARG n 
1 73  HIS n 
1 74  TYR n 
1 75  VAL n 
1 76  GLN n 
1 77  LEU n 
1 78  LEU n 
1 79  TYR n 
1 80  PRO n 
1 81  ARG n 
1 82  ALA n 
1 83  LYS n 
1 84  ASN n 
1 85  ASP n 
1 86  ARG n 
1 87  VAL n 
1 88  TRP n 
1 89  THR n 
1 90  LEU n 
1 91  GLU n 
1 92  PHE n 
1 93  VAL n 
1 94  GLY n 
1 95  LYS n 
1 96  LEU n 
1 97  ASP n 
1 98  GLU n 
1 99  ARG n 
1 100 CYS n 
1 101 ARG n 
1 102 ARG n 
1 103 ARG n 
1 104 ASP n 
1 105 THR n 
1 106 GLU n 
1 107 GLN n 
# 
_entity_src_gen.entity_id                          1 
_entity_src_gen.pdbx_src_id                        1 
_entity_src_gen.pdbx_alt_source_flag               sample 
_entity_src_gen.pdbx_seq_type                      'Biological sequence' 
_entity_src_gen.pdbx_beg_seq_num                   1 
_entity_src_gen.pdbx_end_seq_num                   107 
_entity_src_gen.gene_src_common_name               Mouse 
_entity_src_gen.gene_src_genus                     ? 
_entity_src_gen.pdbx_gene_src_gene                 Bend3 
_entity_src_gen.gene_src_species                   ? 
_entity_src_gen.gene_src_strain                    ? 
_entity_src_gen.gene_src_tissue                    ? 
_entity_src_gen.gene_src_tissue_fraction           ? 
_entity_src_gen.gene_src_details                   ? 
_entity_src_gen.pdbx_gene_src_fragment             ? 
_entity_src_gen.pdbx_gene_src_scientific_name      'Mus musculus' 
_entity_src_gen.pdbx_gene_src_ncbi_taxonomy_id     10090 
_entity_src_gen.pdbx_gene_src_variant              ? 
_entity_src_gen.pdbx_gene_src_cell_line            ? 
_entity_src_gen.pdbx_gene_src_atcc                 ? 
_entity_src_gen.pdbx_gene_src_organ                ? 
_entity_src_gen.pdbx_gene_src_organelle            ? 
_entity_src_gen.pdbx_gene_src_cell                 ? 
_entity_src_gen.pdbx_gene_src_cellular_location    ? 
_entity_src_gen.host_org_common_name               ? 
_entity_src_gen.pdbx_host_org_scientific_name      'Escherichia coli BL21' 
_entity_src_gen.pdbx_host_org_ncbi_taxonomy_id     511693 
_entity_src_gen.host_org_genus                     ? 
_entity_src_gen.pdbx_host_org_gene                 ? 
_entity_src_gen.pdbx_host_org_organ                ? 
_entity_src_gen.host_org_species                   ? 
_entity_src_gen.pdbx_host_org_tissue               ? 
_entity_src_gen.pdbx_host_org_tissue_fraction      ? 
_entity_src_gen.pdbx_host_org_strain               BL21 
_entity_src_gen.pdbx_host_org_variant              ? 
_entity_src_gen.pdbx_host_org_cell_line            ? 
_entity_src_gen.pdbx_host_org_atcc                 ? 
_entity_src_gen.pdbx_host_org_culture_collection   ? 
_entity_src_gen.pdbx_host_org_cell                 ? 
_entity_src_gen.pdbx_host_org_organelle            ? 
_entity_src_gen.pdbx_host_org_cellular_location    ? 
_entity_src_gen.pdbx_host_org_vector_type          ? 
_entity_src_gen.pdbx_host_org_vector               ? 
_entity_src_gen.host_org_details                   ? 
_entity_src_gen.expression_system_id               ? 
_entity_src_gen.plasmid_name                       ? 
_entity_src_gen.plasmid_details                    ? 
_entity_src_gen.pdbx_description                   ? 
# 
loop_
_chem_comp.id 
_chem_comp.type 
_chem_comp.mon_nstd_flag 
_chem_comp.name 
_chem_comp.pdbx_synonyms 
_chem_comp.formula 
_chem_comp.formula_weight 
ALA 'L-peptide linking' y ALANINE         ? 'C3 H7 N O2'     89.093  
ARG 'L-peptide linking' y ARGININE        ? 'C6 H15 N4 O2 1' 175.209 
ASN 'L-peptide linking' y ASPARAGINE      ? 'C4 H8 N2 O3'    132.118 
ASP 'L-peptide linking' y 'ASPARTIC ACID' ? 'C4 H7 N O4'     133.103 
CYS 'L-peptide linking' y CYSTEINE        ? 'C3 H7 N O2 S'   121.158 
GLN 'L-peptide linking' y GLUTAMINE       ? 'C5 H10 N2 O3'   146.144 
GLU 'L-peptide linking' y 'GLUTAMIC ACID' ? 'C5 H9 N O4'     147.129 
GLY 'peptide linking'   y GLYCINE         ? 'C2 H5 N O2'     75.067  
HIS 'L-peptide linking' y HISTIDINE       ? 'C6 H10 N3 O2 1' 156.162 
HOH non-polymer         . WATER           ? 'H2 O'           18.015  
ILE 'L-peptide linking' y ISOLEUCINE      ? 'C6 H13 N O2'    131.173 
LEU 'L-peptide linking' y LEUCINE         ? 'C6 H13 N O2'    131.173 
LYS 'L-peptide linking' y LYSINE          ? 'C6 H15 N2 O2 1' 147.195 
PHE 'L-peptide linking' y PHENYLALANINE   ? 'C9 H11 N O2'    165.189 
PRO 'L-peptide linking' y PROLINE         ? 'C5 H9 N O2'     115.130 
SER 'L-peptide linking' y SERINE          ? 'C3 H7 N O3'     105.093 
THR 'L-peptide linking' y THREONINE       ? 'C4 H9 N O3'     119.119 
TRP 'L-peptide linking' y TRYPTOPHAN      ? 'C11 H12 N2 O2'  204.225 
TYR 'L-peptide linking' y TYROSINE        ? 'C9 H11 N O3'    181.189 
VAL 'L-peptide linking' y VALINE          ? 'C5 H11 N O2'    117.146 
# 
loop_
_pdbx_poly_seq_scheme.asym_id 
_pdbx_poly_seq_scheme.entity_id 
_pdbx_poly_seq_scheme.seq_id 
_pdbx_poly_seq_scheme.mon_id 
_pdbx_poly_seq_scheme.ndb_seq_num 
_pdbx_poly_seq_scheme.pdb_seq_num 
_pdbx_poly_seq_scheme.auth_seq_num 
_pdbx_poly_seq_scheme.pdb_mon_id 
_pdbx_poly_seq_scheme.auth_mon_id 
_pdbx_poly_seq_scheme.pdb_strand_id 
_pdbx_poly_seq_scheme.pdb_ins_code 
_pdbx_poly_seq_scheme.hetero 
A 1 1   GLN 1   541 ?   ?   ?   A . n 
A 1 2   ASP 2   542 542 ASP ASP A . n 
A 1 3   PRO 3   543 543 PRO PRO A . n 
A 1 4   ARG 4   544 544 ARG ARG A . n 
A 1 5   ASN 5   545 545 ASN ASN A . n 
A 1 6   SER 6   546 546 SER SER A . n 
A 1 7   GLY 7   547 547 GLY GLY A . n 
A 1 8   SER 8   548 548 SER SER A . n 
A 1 9   ASP 9   549 549 ASP ASP A . n 
A 1 10  CYS 10  550 550 CYS CYS A . n 
A 1 11  LEU 11  551 551 LEU LEU A . n 
A 1 12  LEU 12  552 552 LEU LEU A . n 
A 1 13  SER 13  553 553 SER SER A . n 
A 1 14  LYS 14  554 554 LYS LYS A . n 
A 1 15  GLU 15  555 555 GLU GLU A . n 
A 1 16  GLN 16  556 556 GLN GLN A . n 
A 1 17  LEU 17  557 557 LEU LEU A . n 
A 1 18  ARG 18  558 558 ARG ARG A . n 
A 1 19  SER 19  559 559 SER SER A . n 
A 1 20  ILE 20  560 560 ILE ILE A . n 
A 1 21  TYR 21  561 561 TYR TYR A . n 
A 1 22  GLU 22  562 562 GLU GLU A . n 
A 1 23  SER 23  563 563 SER SER A . n 
A 1 24  SER 24  564 564 SER SER A . n 
A 1 25  LEU 25  565 565 LEU LEU A . n 
A 1 26  SER 26  566 566 SER SER A . n 
A 1 27  ILE 27  567 567 ILE ILE A . n 
A 1 28  GLY 28  568 568 GLY GLY A . n 
A 1 29  ASN 29  569 569 ASN ASN A . n 
A 1 30  PHE 30  570 570 PHE PHE A . n 
A 1 31  ALA 31  571 571 ALA ALA A . n 
A 1 32  SER 32  572 572 SER SER A . n 
A 1 33  ARG 33  573 573 ARG ARG A . n 
A 1 34  LEU 34  574 574 LEU LEU A . n 
A 1 35  LEU 35  575 575 LEU LEU A . n 
A 1 36  VAL 36  576 576 VAL VAL A . n 
A 1 37  HIS 37  577 577 HIS HIS A . n 
A 1 38  LEU 38  578 578 LEU LEU A . n 
A 1 39  PHE 39  579 579 PHE PHE A . n 
A 1 40  PRO 40  580 580 PRO PRO A . n 
A 1 41  GLU 41  581 581 GLU GLU A . n 
A 1 42  LEU 42  582 582 LEU LEU A . n 
A 1 43  PHE 43  583 583 PHE PHE A . n 
A 1 44  THR 44  584 584 THR THR A . n 
A 1 45  HIS 45  585 585 HIS HIS A . n 
A 1 46  GLU 46  586 586 GLU GLU A . n 
A 1 47  ASN 47  587 587 ASN ASN A . n 
A 1 48  LEU 48  588 588 LEU LEU A . n 
A 1 49  ARG 49  589 589 ARG ARG A . n 
A 1 50  LYS 50  590 590 LYS LYS A . n 
A 1 51  GLN 51  591 591 GLN GLN A . n 
A 1 52  TYR 52  592 592 TYR TYR A . n 
A 1 53  ASN 53  593 593 ASN ASN A . n 
A 1 54  CYS 54  594 594 CYS CYS A . n 
A 1 55  SER 55  595 595 SER SER A . n 
A 1 56  GLY 56  596 596 GLY GLY A . n 
A 1 57  SER 57  597 597 SER SER A . n 
A 1 58  LEU 58  598 598 LEU LEU A . n 
A 1 59  GLY 59  599 599 GLY GLY A . n 
A 1 60  LYS 60  600 600 LYS LYS A . n 
A 1 61  LYS 61  601 601 LYS LYS A . n 
A 1 62  GLN 62  602 602 GLN GLN A . n 
A 1 63  LEU 63  603 603 LEU LEU A . n 
A 1 64  ASP 64  604 604 ASP ASP A . n 
A 1 65  PRO 65  605 605 PRO PRO A . n 
A 1 66  ALA 66  606 606 ALA ALA A . n 
A 1 67  ARG 67  607 607 ARG ARG A . n 
A 1 68  ILE 68  608 608 ILE ILE A . n 
A 1 69  ARG 69  609 609 ARG ARG A . n 
A 1 70  LEU 70  610 610 LEU LEU A . n 
A 1 71  ILE 71  611 611 ILE ILE A . n 
A 1 72  ARG 72  612 612 ARG ARG A . n 
A 1 73  HIS 73  613 613 HIS HIS A . n 
A 1 74  TYR 74  614 614 TYR TYR A . n 
A 1 75  VAL 75  615 615 VAL VAL A . n 
A 1 76  GLN 76  616 616 GLN GLN A . n 
A 1 77  LEU 77  617 617 LEU LEU A . n 
A 1 78  LEU 78  618 618 LEU LEU A . n 
A 1 79  TYR 79  619 619 TYR TYR A . n 
A 1 80  PRO 80  620 620 PRO PRO A . n 
A 1 81  ARG 81  621 621 ARG ARG A . n 
A 1 82  ALA 82  622 622 ALA ALA A . n 
A 1 83  LYS 83  623 623 LYS LYS A . n 
A 1 84  ASN 84  624 624 ASN ASN A . n 
A 1 85  ASP 85  625 625 ASP ASP A . n 
A 1 86  ARG 86  626 626 ARG ARG A . n 
A 1 87  VAL 87  627 627 VAL VAL A . n 
A 1 88  TRP 88  628 628 TRP TRP A . n 
A 1 89  THR 89  629 629 THR THR A . n 
A 1 90  LEU 90  630 630 LEU LEU A . n 
A 1 91  GLU 91  631 631 GLU GLU A . n 
A 1 92  PHE 92  632 632 PHE PHE A . n 
A 1 93  VAL 93  633 633 VAL VAL A . n 
A 1 94  GLY 94  634 634 GLY GLY A . n 
A 1 95  LYS 95  635 635 LYS LYS A . n 
A 1 96  LEU 96  636 636 LEU LEU A . n 
A 1 97  ASP 97  637 637 ASP ASP A . n 
A 1 98  GLU 98  638 638 GLU GLU A . n 
A 1 99  ARG 99  639 639 ARG ARG A . n 
A 1 100 CYS 100 640 640 CYS CYS A . n 
A 1 101 ARG 101 641 641 ARG ARG A . n 
A 1 102 ARG 102 642 642 ARG ARG A . n 
A 1 103 ARG 103 643 643 ARG ARG A . n 
A 1 104 ASP 104 644 ?   ?   ?   A . n 
A 1 105 THR 105 645 ?   ?   ?   A . n 
A 1 106 GLU 106 646 ?   ?   ?   A . n 
A 1 107 GLN 107 647 ?   ?   ?   A . n 
# 
loop_
_pdbx_nonpoly_scheme.asym_id 
_pdbx_nonpoly_scheme.entity_id 
_pdbx_nonpoly_scheme.mon_id 
_pdbx_nonpoly_scheme.ndb_seq_num 
_pdbx_nonpoly_scheme.pdb_seq_num 
_pdbx_nonpoly_scheme.auth_seq_num 
_pdbx_nonpoly_scheme.pdb_mon_id 
_pdbx_nonpoly_scheme.auth_mon_id 
_pdbx_nonpoly_scheme.pdb_strand_id 
_pdbx_nonpoly_scheme.pdb_ins_code 
B 2 HOH 1  701 9  HOH HOH A . 
B 2 HOH 2  702 1  HOH HOH A . 
B 2 HOH 3  703 7  HOH HOH A . 
B 2 HOH 4  704 16 HOH HOH A . 
B 2 HOH 5  705 19 HOH HOH A . 
B 2 HOH 6  706 27 HOH HOH A . 
B 2 HOH 7  707 11 HOH HOH A . 
B 2 HOH 8  708 2  HOH HOH A . 
B 2 HOH 9  709 17 HOH HOH A . 
B 2 HOH 10 710 24 HOH HOH A . 
B 2 HOH 11 711 8  HOH HOH A . 
B 2 HOH 12 712 3  HOH HOH A . 
B 2 HOH 13 713 33 HOH HOH A . 
B 2 HOH 14 714 20 HOH HOH A . 
B 2 HOH 15 715 6  HOH HOH A . 
B 2 HOH 16 716 36 HOH HOH A . 
B 2 HOH 17 717 25 HOH HOH A . 
B 2 HOH 18 718 5  HOH HOH A . 
B 2 HOH 19 719 28 HOH HOH A . 
B 2 HOH 20 720 34 HOH HOH A . 
B 2 HOH 21 721 4  HOH HOH A . 
B 2 HOH 22 722 10 HOH HOH A . 
B 2 HOH 23 723 14 HOH HOH A . 
B 2 HOH 24 724 15 HOH HOH A . 
B 2 HOH 25 725 35 HOH HOH A . 
B 2 HOH 26 726 29 HOH HOH A . 
B 2 HOH 27 727 13 HOH HOH A . 
B 2 HOH 28 728 31 HOH HOH A . 
B 2 HOH 29 729 23 HOH HOH A . 
B 2 HOH 30 730 30 HOH HOH A . 
B 2 HOH 31 731 32 HOH HOH A . 
B 2 HOH 32 732 22 HOH HOH A . 
B 2 HOH 33 733 21 HOH HOH A . 
B 2 HOH 34 734 12 HOH HOH A . 
B 2 HOH 35 735 18 HOH HOH A . 
B 2 HOH 36 736 26 HOH HOH A . 
# 
loop_
_pdbx_unobs_or_zero_occ_atoms.id 
_pdbx_unobs_or_zero_occ_atoms.PDB_model_num 
_pdbx_unobs_or_zero_occ_atoms.polymer_flag 
_pdbx_unobs_or_zero_occ_atoms.occupancy_flag 
_pdbx_unobs_or_zero_occ_atoms.auth_asym_id 
_pdbx_unobs_or_zero_occ_atoms.auth_comp_id 
_pdbx_unobs_or_zero_occ_atoms.auth_seq_id 
_pdbx_unobs_or_zero_occ_atoms.PDB_ins_code 
_pdbx_unobs_or_zero_occ_atoms.auth_atom_id 
_pdbx_unobs_or_zero_occ_atoms.label_alt_id 
_pdbx_unobs_or_zero_occ_atoms.label_asym_id 
_pdbx_unobs_or_zero_occ_atoms.label_comp_id 
_pdbx_unobs_or_zero_occ_atoms.label_seq_id 
_pdbx_unobs_or_zero_occ_atoms.label_atom_id 
1  1 Y 1 A LYS 554 ? CG  ? A LYS 14 CG  
2  1 Y 1 A LYS 554 ? CD  ? A LYS 14 CD  
3  1 Y 1 A LYS 554 ? CE  ? A LYS 14 CE  
4  1 Y 1 A LYS 554 ? NZ  ? A LYS 14 NZ  
5  1 Y 1 A GLU 555 ? CG  ? A GLU 15 CG  
6  1 Y 1 A GLU 555 ? CD  ? A GLU 15 CD  
7  1 Y 1 A GLU 555 ? OE1 ? A GLU 15 OE1 
8  1 Y 1 A GLU 555 ? OE2 ? A GLU 15 OE2 
9  1 Y 1 A ARG 558 ? CG  ? A ARG 18 CG  
10 1 Y 1 A ARG 558 ? CD  ? A ARG 18 CD  
11 1 Y 1 A ARG 558 ? NE  ? A ARG 18 NE  
12 1 Y 1 A ARG 558 ? CZ  ? A ARG 18 CZ  
13 1 Y 1 A ARG 558 ? NH1 ? A ARG 18 NH1 
14 1 Y 1 A ARG 558 ? NH2 ? A ARG 18 NH2 
15 1 Y 1 A GLU 562 ? CG  ? A GLU 22 CG  
16 1 Y 1 A GLU 562 ? CD  ? A GLU 22 CD  
17 1 Y 1 A GLU 562 ? OE1 ? A GLU 22 OE1 
18 1 Y 1 A GLU 562 ? OE2 ? A GLU 22 OE2 
19 1 Y 1 A GLU 586 ? CG  ? A GLU 46 CG  
20 1 Y 1 A GLU 586 ? CD  ? A GLU 46 CD  
21 1 Y 1 A GLU 586 ? OE1 ? A GLU 46 OE1 
22 1 Y 1 A GLU 586 ? OE2 ? A GLU 46 OE2 
# 
loop_
_software.citation_id 
_software.classification 
_software.compiler_name 
_software.compiler_version 
_software.contact_author 
_software.contact_author_email 
_software.date 
_software.description 
_software.dependencies 
_software.hardware 
_software.language 
_software.location 
_software.mods 
_software.name 
_software.os 
_software.os_version 
_software.type 
_software.version 
_software.pdbx_ordinal 
? refinement        ? ? ? ? ? ? ? ? ? ? ? PHENIX      ? ? ? 1.10.1_2155 1 
? 'data extraction' ? ? ? ? ? ? ? ? ? ? ? PDB_EXTRACT ? ? ? 3.27        2 
? 'data reduction'  ? ? ? ? ? ? ? ? ? ? ? HKL-2000    ? ? ? .           3 
? 'data scaling'    ? ? ? ? ? ? ? ? ? ? ? HKL-2000    ? ? ? .           4 
? phasing           ? ? ? ? ? ? ? ? ? ? ? PHASER      ? ? ? .           5 
# 
_cell.angle_alpha                  90.000 
_cell.angle_alpha_esd              ? 
_cell.angle_beta                   90.000 
_cell.angle_beta_esd               ? 
_cell.angle_gamma                  120.000 
_cell.angle_gamma_esd              ? 
_cell.entry_id                     7V9H 
_cell.details                      ? 
_cell.formula_units_Z              ? 
_cell.length_a                     54.011 
_cell.length_a_esd                 ? 
_cell.length_b                     54.011 
_cell.length_b_esd                 ? 
_cell.length_c                     70.772 
_cell.length_c_esd                 ? 
_cell.volume                       ? 
_cell.volume_esd                   ? 
_cell.Z_PDB                        6 
_cell.reciprocal_angle_alpha       ? 
_cell.reciprocal_angle_beta        ? 
_cell.reciprocal_angle_gamma       ? 
_cell.reciprocal_angle_alpha_esd   ? 
_cell.reciprocal_angle_beta_esd    ? 
_cell.reciprocal_angle_gamma_esd   ? 
_cell.reciprocal_length_a          ? 
_cell.reciprocal_length_b          ? 
_cell.reciprocal_length_c          ? 
_cell.reciprocal_length_a_esd      ? 
_cell.reciprocal_length_b_esd      ? 
_cell.reciprocal_length_c_esd      ? 
_cell.pdbx_unique_axis             ? 
# 
_symmetry.entry_id                         7V9H 
_symmetry.cell_setting                     ? 
_symmetry.Int_Tables_number                152 
_symmetry.space_group_name_Hall            ? 
_symmetry.space_group_name_H-M             'P 31 2 1' 
_symmetry.pdbx_full_space_group_name_H-M   ? 
# 
_exptl.absorpt_coefficient_mu     ? 
_exptl.absorpt_correction_T_max   ? 
_exptl.absorpt_correction_T_min   ? 
_exptl.absorpt_correction_type    ? 
_exptl.absorpt_process_details    ? 
_exptl.entry_id                   7V9H 
_exptl.crystals_number            1 
_exptl.details                    ? 
_exptl.method                     'X-RAY DIFFRACTION' 
_exptl.method_details             ? 
# 
_exptl_crystal.colour                      ? 
_exptl_crystal.density_diffrn              ? 
_exptl_crystal.density_Matthews            2.45 
_exptl_crystal.density_method              ? 
_exptl_crystal.density_percent_sol         49.77 
_exptl_crystal.description                 ? 
_exptl_crystal.F_000                       ? 
_exptl_crystal.id                          1 
_exptl_crystal.preparation                 ? 
_exptl_crystal.size_max                    ? 
_exptl_crystal.size_mid                    ? 
_exptl_crystal.size_min                    ? 
_exptl_crystal.size_rad                    ? 
_exptl_crystal.colour_lustre               ? 
_exptl_crystal.colour_modifier             ? 
_exptl_crystal.colour_primary              ? 
_exptl_crystal.density_meas                ? 
_exptl_crystal.density_meas_esd            ? 
_exptl_crystal.density_meas_gt             ? 
_exptl_crystal.density_meas_lt             ? 
_exptl_crystal.density_meas_temp           ? 
_exptl_crystal.density_meas_temp_esd       ? 
_exptl_crystal.density_meas_temp_gt        ? 
_exptl_crystal.density_meas_temp_lt        ? 
_exptl_crystal.pdbx_crystal_image_url      ? 
_exptl_crystal.pdbx_crystal_image_format   ? 
_exptl_crystal.pdbx_mosaicity              ? 
_exptl_crystal.pdbx_mosaicity_esd          ? 
# 
_exptl_crystal_grow.apparatus       ? 
_exptl_crystal_grow.atmosphere      ? 
_exptl_crystal_grow.crystal_id      1 
_exptl_crystal_grow.details         ? 
_exptl_crystal_grow.method          'VAPOR DIFFUSION, HANGING DROP' 
_exptl_crystal_grow.method_ref      ? 
_exptl_crystal_grow.pH              ? 
_exptl_crystal_grow.pressure        ? 
_exptl_crystal_grow.pressure_esd    ? 
_exptl_crystal_grow.seeding         ? 
_exptl_crystal_grow.seeding_ref     ? 
_exptl_crystal_grow.temp            289 
_exptl_crystal_grow.temp_details    ? 
_exptl_crystal_grow.temp_esd        ? 
_exptl_crystal_grow.time            ? 
_exptl_crystal_grow.pdbx_details    
;1.0 M DL-Malic acid, pH 7.0 
and 0.1 M BIS-TRIS propane, pH 7.0
;
_exptl_crystal_grow.pdbx_pH_range   ? 
# 
_diffrn.ambient_environment              ? 
_diffrn.ambient_temp                     100 
_diffrn.ambient_temp_details             ? 
_diffrn.ambient_temp_esd                 ? 
_diffrn.crystal_id                       1 
_diffrn.crystal_support                  ? 
_diffrn.crystal_treatment                ? 
_diffrn.details                          ? 
_diffrn.id                               1 
_diffrn.ambient_pressure                 ? 
_diffrn.ambient_pressure_esd             ? 
_diffrn.ambient_pressure_gt              ? 
_diffrn.ambient_pressure_lt              ? 
_diffrn.ambient_temp_gt                  ? 
_diffrn.ambient_temp_lt                  ? 
_diffrn.pdbx_serial_crystal_experiment   N 
# 
_diffrn_detector.details                      ? 
_diffrn_detector.detector                     CCD 
_diffrn_detector.diffrn_id                    1 
_diffrn_detector.type                         'ADSC QUANTUM 315r' 
_diffrn_detector.area_resol_mean              ? 
_diffrn_detector.dtime                        ? 
_diffrn_detector.pdbx_frames_total            ? 
_diffrn_detector.pdbx_collection_time_total   ? 
_diffrn_detector.pdbx_collection_date         2014-04-16 
_diffrn_detector.pdbx_frequency               ? 
# 
_diffrn_radiation.collimation                      ? 
_diffrn_radiation.diffrn_id                        1 
_diffrn_radiation.filter_edge                      ? 
_diffrn_radiation.inhomogeneity                    ? 
_diffrn_radiation.monochromator                    ? 
_diffrn_radiation.polarisn_norm                    ? 
_diffrn_radiation.polarisn_ratio                   ? 
_diffrn_radiation.probe                            ? 
_diffrn_radiation.type                             ? 
_diffrn_radiation.xray_symbol                      ? 
_diffrn_radiation.wavelength_id                    1 
_diffrn_radiation.pdbx_monochromatic_or_laue_m_l   M 
_diffrn_radiation.pdbx_wavelength_list             ? 
_diffrn_radiation.pdbx_wavelength                  ? 
_diffrn_radiation.pdbx_diffrn_protocol             'SINGLE WAVELENGTH' 
_diffrn_radiation.pdbx_analyzer                    ? 
_diffrn_radiation.pdbx_scattering_type             x-ray 
# 
_diffrn_radiation_wavelength.id           1 
_diffrn_radiation_wavelength.wavelength   0.97885 
_diffrn_radiation_wavelength.wt           1.0 
# 
_diffrn_source.current                     ? 
_diffrn_source.details                     ? 
_diffrn_source.diffrn_id                   1 
_diffrn_source.power                       ? 
_diffrn_source.size                        ? 
_diffrn_source.source                      SYNCHROTRON 
_diffrn_source.target                      ? 
_diffrn_source.type                        'SSRF BEAMLINE BL17U' 
_diffrn_source.voltage                     ? 
_diffrn_source.take-off_angle              ? 
_diffrn_source.pdbx_wavelength_list        0.97885 
_diffrn_source.pdbx_wavelength             ? 
_diffrn_source.pdbx_synchrotron_beamline   BL17U 
_diffrn_source.pdbx_synchrotron_site       SSRF 
# 
_reflns.B_iso_Wilson_estimate                          ? 
_reflns.entry_id                                       7V9H 
_reflns.data_reduction_details                         ? 
_reflns.data_reduction_method                          ? 
_reflns.d_resolution_high                              2.69 
_reflns.d_resolution_low                               50 
_reflns.details                                        ? 
_reflns.limit_h_max                                    ? 
_reflns.limit_h_min                                    ? 
_reflns.limit_k_max                                    ? 
_reflns.limit_k_min                                    ? 
_reflns.limit_l_max                                    ? 
_reflns.limit_l_min                                    ? 
_reflns.number_all                                     ? 
_reflns.number_obs                                     3542 
_reflns.observed_criterion                             ? 
_reflns.observed_criterion_F_max                       ? 
_reflns.observed_criterion_F_min                       ? 
_reflns.observed_criterion_I_max                       ? 
_reflns.observed_criterion_I_min                       ? 
_reflns.observed_criterion_sigma_F                     ? 
_reflns.observed_criterion_sigma_I                     ? 
_reflns.percent_possible_obs                           99.4 
_reflns.R_free_details                                 ? 
_reflns.Rmerge_F_all                                   ? 
_reflns.Rmerge_F_obs                                   ? 
_reflns.Friedel_coverage                               ? 
_reflns.number_gt                                      ? 
_reflns.threshold_expression                           ? 
_reflns.pdbx_redundancy                                4 
_reflns.pdbx_Rmerge_I_obs                              0.159 
_reflns.pdbx_Rmerge_I_all                              ? 
_reflns.pdbx_Rsym_value                                ? 
_reflns.pdbx_netI_over_av_sigmaI                       ? 
_reflns.pdbx_netI_over_sigmaI                          87.9 
_reflns.pdbx_res_netI_over_av_sigmaI_2                 ? 
_reflns.pdbx_res_netI_over_sigmaI_2                    ? 
_reflns.pdbx_chi_squared                               ? 
_reflns.pdbx_scaling_rejects                           ? 
_reflns.pdbx_d_res_high_opt                            ? 
_reflns.pdbx_d_res_low_opt                             ? 
_reflns.pdbx_d_res_opt_method                          ? 
_reflns.phase_calculation_details                      ? 
_reflns.pdbx_Rrim_I_all                                ? 
_reflns.pdbx_Rpim_I_all                                ? 
_reflns.pdbx_d_opt                                     ? 
_reflns.pdbx_number_measured_all                       ? 
_reflns.pdbx_diffrn_id                                 1 
_reflns.pdbx_ordinal                                   1 
_reflns.pdbx_CC_half                                   ? 
_reflns.pdbx_CC_star                                   ? 
_reflns.pdbx_R_split                                   ? 
_reflns.pdbx_aniso_diffraction_limit_axis_1_ortho[1]   ? 
_reflns.pdbx_aniso_diffraction_limit_axis_1_ortho[2]   ? 
_reflns.pdbx_aniso_diffraction_limit_axis_1_ortho[3]   ? 
_reflns.pdbx_aniso_diffraction_limit_axis_2_ortho[1]   ? 
_reflns.pdbx_aniso_diffraction_limit_axis_2_ortho[2]   ? 
_reflns.pdbx_aniso_diffraction_limit_axis_2_ortho[3]   ? 
_reflns.pdbx_aniso_diffraction_limit_axis_3_ortho[1]   ? 
_reflns.pdbx_aniso_diffraction_limit_axis_3_ortho[2]   ? 
_reflns.pdbx_aniso_diffraction_limit_axis_3_ortho[3]   ? 
_reflns.pdbx_aniso_diffraction_limit_1                 ? 
_reflns.pdbx_aniso_diffraction_limit_2                 ? 
_reflns.pdbx_aniso_diffraction_limit_3                 ? 
_reflns.pdbx_aniso_B_tensor_eigenvector_1_ortho[1]     ? 
_reflns.pdbx_aniso_B_tensor_eigenvector_1_ortho[2]     ? 
_reflns.pdbx_aniso_B_tensor_eigenvector_1_ortho[3]     ? 
_reflns.pdbx_aniso_B_tensor_eigenvector_2_ortho[1]     ? 
_reflns.pdbx_aniso_B_tensor_eigenvector_2_ortho[2]     ? 
_reflns.pdbx_aniso_B_tensor_eigenvector_2_ortho[3]     ? 
_reflns.pdbx_aniso_B_tensor_eigenvector_3_ortho[1]     ? 
_reflns.pdbx_aniso_B_tensor_eigenvector_3_ortho[2]     ? 
_reflns.pdbx_aniso_B_tensor_eigenvector_3_ortho[3]     ? 
_reflns.pdbx_aniso_B_tensor_eigenvalue_1               ? 
_reflns.pdbx_aniso_B_tensor_eigenvalue_2               ? 
_reflns.pdbx_aniso_B_tensor_eigenvalue_3               ? 
_reflns.pdbx_orthogonalization_convention              ? 
_reflns.pdbx_percent_possible_ellipsoidal              ? 
_reflns.pdbx_percent_possible_spherical                ? 
_reflns.pdbx_percent_possible_ellipsoidal_anomalous    ? 
_reflns.pdbx_percent_possible_spherical_anomalous      ? 
_reflns.pdbx_redundancy_anomalous                      ? 
_reflns.pdbx_CC_half_anomalous                         ? 
_reflns.pdbx_absDiff_over_sigma_anomalous              ? 
_reflns.pdbx_percent_possible_anomalous                ? 
_reflns.pdbx_observed_signal_threshold                 ? 
_reflns.pdbx_signal_type                               ? 
_reflns.pdbx_signal_details                            ? 
_reflns.pdbx_signal_software_id                        ? 
# 
_reflns_shell.d_res_high                                    2.69 
_reflns_shell.d_res_low                                     2.8 
_reflns_shell.meanI_over_sigI_all                           ? 
_reflns_shell.meanI_over_sigI_obs                           ? 
_reflns_shell.number_measured_all                           ? 
_reflns_shell.number_measured_obs                           ? 
_reflns_shell.number_possible                               ? 
_reflns_shell.number_unique_all                             ? 
_reflns_shell.number_unique_obs                             335 
_reflns_shell.percent_possible_all                          ? 
_reflns_shell.percent_possible_obs                          ? 
_reflns_shell.Rmerge_F_all                                  ? 
_reflns_shell.Rmerge_F_obs                                  ? 
_reflns_shell.Rmerge_I_all                                  ? 
_reflns_shell.Rmerge_I_obs                                  0.159 
_reflns_shell.meanI_over_sigI_gt                            ? 
_reflns_shell.meanI_over_uI_all                             ? 
_reflns_shell.meanI_over_uI_gt                              ? 
_reflns_shell.number_measured_gt                            ? 
_reflns_shell.number_unique_gt                              ? 
_reflns_shell.percent_possible_gt                           ? 
_reflns_shell.Rmerge_F_gt                                   ? 
_reflns_shell.Rmerge_I_gt                                   ? 
_reflns_shell.pdbx_redundancy                               ? 
_reflns_shell.pdbx_Rsym_value                               ? 
_reflns_shell.pdbx_chi_squared                              ? 
_reflns_shell.pdbx_netI_over_sigmaI_all                     ? 
_reflns_shell.pdbx_netI_over_sigmaI_obs                     ? 
_reflns_shell.pdbx_Rrim_I_all                               ? 
_reflns_shell.pdbx_Rpim_I_all                               ? 
_reflns_shell.pdbx_rejects                                  ? 
_reflns_shell.pdbx_ordinal                                  1 
_reflns_shell.pdbx_diffrn_id                                1 
_reflns_shell.pdbx_CC_half                                  ? 
_reflns_shell.pdbx_CC_star                                  ? 
_reflns_shell.pdbx_R_split                                  ? 
_reflns_shell.pdbx_percent_possible_ellipsoidal             ? 
_reflns_shell.pdbx_percent_possible_spherical               ? 
_reflns_shell.pdbx_percent_possible_ellipsoidal_anomalous   ? 
_reflns_shell.pdbx_percent_possible_spherical_anomalous     ? 
_reflns_shell.pdbx_redundancy_anomalous                     ? 
_reflns_shell.pdbx_CC_half_anomalous                        ? 
_reflns_shell.pdbx_absDiff_over_sigma_anomalous             ? 
_reflns_shell.pdbx_percent_possible_anomalous               ? 
# 
_refine.aniso_B[1][1]                            ? 
_refine.aniso_B[1][2]                            ? 
_refine.aniso_B[1][3]                            ? 
_refine.aniso_B[2][2]                            ? 
_refine.aniso_B[2][3]                            ? 
_refine.aniso_B[3][3]                            ? 
_refine.B_iso_max                                105.590 
_refine.B_iso_mean                               20.5938 
_refine.B_iso_min                                6.940 
_refine.correlation_coeff_Fo_to_Fc               ? 
_refine.correlation_coeff_Fo_to_Fc_free          ? 
_refine.details                                  ? 
_refine.diff_density_max                         ? 
_refine.diff_density_max_esd                     ? 
_refine.diff_density_min                         ? 
_refine.diff_density_min_esd                     ? 
_refine.diff_density_rms                         ? 
_refine.diff_density_rms_esd                     ? 
_refine.entry_id                                 7V9H 
_refine.pdbx_refine_id                           'X-RAY DIFFRACTION' 
_refine.ls_abs_structure_details                 ? 
_refine.ls_abs_structure_Flack                   ? 
_refine.ls_abs_structure_Flack_esd               ? 
_refine.ls_abs_structure_Rogers                  ? 
_refine.ls_abs_structure_Rogers_esd              ? 
_refine.ls_d_res_high                            2.6920 
_refine.ls_d_res_low                             46.7750 
_refine.ls_extinction_coef                       ? 
_refine.ls_extinction_coef_esd                   ? 
_refine.ls_extinction_expression                 ? 
_refine.ls_extinction_method                     ? 
_refine.ls_goodness_of_fit_all                   ? 
_refine.ls_goodness_of_fit_all_esd               ? 
_refine.ls_goodness_of_fit_obs                   ? 
_refine.ls_goodness_of_fit_obs_esd               ? 
_refine.ls_hydrogen_treatment                    ? 
_refine.ls_matrix_type                           ? 
_refine.ls_number_constraints                    ? 
_refine.ls_number_parameters                     ? 
_refine.ls_number_reflns_all                     ? 
_refine.ls_number_reflns_obs                     3532 
_refine.ls_number_reflns_R_free                  181 
_refine.ls_number_reflns_R_work                  3351 
_refine.ls_number_restraints                     ? 
_refine.ls_percent_reflns_obs                    99.4400 
_refine.ls_percent_reflns_R_free                 5.1200 
_refine.ls_R_factor_all                          ? 
_refine.ls_R_factor_obs                          0.1815 
_refine.ls_R_factor_R_free                       0.2189 
_refine.ls_R_factor_R_free_error                 ? 
_refine.ls_R_factor_R_free_error_details         ? 
_refine.ls_R_factor_R_work                       0.1796 
_refine.ls_R_Fsqd_factor_obs                     ? 
_refine.ls_R_I_factor_obs                        ? 
_refine.ls_redundancy_reflns_all                 ? 
_refine.ls_redundancy_reflns_obs                 ? 
_refine.ls_restrained_S_all                      ? 
_refine.ls_restrained_S_obs                      ? 
_refine.ls_shift_over_esd_max                    ? 
_refine.ls_shift_over_esd_mean                   ? 
_refine.ls_structure_factor_coef                 ? 
_refine.ls_weighting_details                     ? 
_refine.ls_weighting_scheme                      ? 
_refine.ls_wR_factor_all                         ? 
_refine.ls_wR_factor_obs                         ? 
_refine.ls_wR_factor_R_free                      ? 
_refine.ls_wR_factor_R_work                      ? 
_refine.occupancy_max                            ? 
_refine.occupancy_min                            ? 
_refine.solvent_model_details                    'FLAT BULK SOLVENT MODEL' 
_refine.solvent_model_param_bsol                 ? 
_refine.solvent_model_param_ksol                 ? 
_refine.pdbx_R_complete                          ? 
_refine.ls_R_factor_gt                           ? 
_refine.ls_goodness_of_fit_gt                    ? 
_refine.ls_goodness_of_fit_ref                   ? 
_refine.ls_shift_over_su_max                     ? 
_refine.ls_shift_over_su_max_lt                  ? 
_refine.ls_shift_over_su_mean                    ? 
_refine.ls_shift_over_su_mean_lt                 ? 
_refine.pdbx_ls_sigma_I                          ? 
_refine.pdbx_ls_sigma_F                          1.380 
_refine.pdbx_ls_sigma_Fsqd                       ? 
_refine.pdbx_data_cutoff_high_absF               ? 
_refine.pdbx_data_cutoff_high_rms_absF           ? 
_refine.pdbx_data_cutoff_low_absF                ? 
_refine.pdbx_isotropic_thermal_model             ? 
_refine.pdbx_ls_cross_valid_method               THROUGHOUT 
_refine.pdbx_method_to_determine_struct          SAD 
_refine.pdbx_starting_model                      ? 
_refine.pdbx_stereochemistry_target_values       ML 
_refine.pdbx_R_Free_selection_details            ? 
_refine.pdbx_stereochem_target_val_spec_case     ? 
_refine.pdbx_overall_ESU_R                       ? 
_refine.pdbx_overall_ESU_R_Free                  ? 
_refine.pdbx_solvent_vdw_probe_radii             1.1100 
_refine.pdbx_solvent_ion_probe_radii             ? 
_refine.pdbx_solvent_shrinkage_radii             0.9000 
_refine.pdbx_real_space_R                        ? 
_refine.pdbx_density_correlation                 ? 
_refine.pdbx_pd_number_of_powder_patterns        ? 
_refine.pdbx_pd_number_of_points                 ? 
_refine.pdbx_pd_meas_number_of_points            ? 
_refine.pdbx_pd_proc_ls_prof_R_factor            ? 
_refine.pdbx_pd_proc_ls_prof_wR_factor           ? 
_refine.pdbx_pd_Marquardt_correlation_coeff      ? 
_refine.pdbx_pd_Fsqrd_R_factor                   ? 
_refine.pdbx_pd_ls_matrix_band_width             ? 
_refine.pdbx_overall_phase_error                 13.5800 
_refine.pdbx_overall_SU_R_free_Cruickshank_DPI   ? 
_refine.pdbx_overall_SU_R_free_Blow_DPI          ? 
_refine.pdbx_overall_SU_R_Blow_DPI               ? 
_refine.pdbx_TLS_residual_ADP_flag               ? 
_refine.pdbx_diffrn_id                           1 
_refine.overall_SU_B                             ? 
_refine.overall_SU_ML                            0.2300 
_refine.overall_SU_R_Cruickshank_DPI             ? 
_refine.overall_SU_R_free                        ? 
_refine.overall_FOM_free_R_set                   ? 
_refine.overall_FOM_work_R_set                   ? 
_refine.pdbx_average_fsc_overall                 ? 
_refine.pdbx_average_fsc_work                    ? 
_refine.pdbx_average_fsc_free                    ? 
# 
_refine_hist.pdbx_refine_id                   'X-RAY DIFFRACTION' 
_refine_hist.cycle_id                         final 
_refine_hist.details                          ? 
_refine_hist.d_res_high                       2.6920 
_refine_hist.d_res_low                        46.7750 
_refine_hist.number_atoms_solvent             36 
_refine_hist.number_atoms_total               860 
_refine_hist.number_reflns_all                ? 
_refine_hist.number_reflns_obs                ? 
_refine_hist.number_reflns_R_free             ? 
_refine_hist.number_reflns_R_work             ? 
_refine_hist.R_factor_all                     ? 
_refine_hist.R_factor_obs                     ? 
_refine_hist.R_factor_R_free                  ? 
_refine_hist.R_factor_R_work                  ? 
_refine_hist.pdbx_number_residues_total       102 
_refine_hist.pdbx_B_iso_mean_ligand           ? 
_refine_hist.pdbx_B_iso_mean_solvent          24.96 
_refine_hist.pdbx_number_atoms_protein        824 
_refine_hist.pdbx_number_atoms_nucleic_acid   0 
_refine_hist.pdbx_number_atoms_ligand         0 
_refine_hist.pdbx_number_atoms_lipid          ? 
_refine_hist.pdbx_number_atoms_carb           ? 
_refine_hist.pdbx_pseudo_atom_details         ? 
# 
loop_
_refine_ls_restr.pdbx_refine_id 
_refine_ls_restr.criterion 
_refine_ls_restr.dev_ideal 
_refine_ls_restr.dev_ideal_target 
_refine_ls_restr.number 
_refine_ls_restr.rejects 
_refine_ls_restr.type 
_refine_ls_restr.weight 
_refine_ls_restr.pdbx_restraint_function 
'X-RAY DIFFRACTION' ? 0.004  ? 849  ? f_bond_d           ? ? 
'X-RAY DIFFRACTION' ? 0.649  ? 1143 ? f_angle_d          ? ? 
'X-RAY DIFFRACTION' ? 0.039  ? 124  ? f_chiral_restr     ? ? 
'X-RAY DIFFRACTION' ? 0.004  ? 148  ? f_plane_restr      ? ? 
'X-RAY DIFFRACTION' ? 15.812 ? 521  ? f_dihedral_angle_d ? ? 
# 
_refine_ls_shell.pdbx_refine_id                   'X-RAY DIFFRACTION' 
_refine_ls_shell.d_res_high                       2.7 
_refine_ls_shell.d_res_low                        2.8 
_refine_ls_shell.number_reflns_all                ? 
_refine_ls_shell.number_reflns_obs                ? 
_refine_ls_shell.number_reflns_R_free             181 
_refine_ls_shell.number_reflns_R_work             3351 
_refine_ls_shell.percent_reflns_obs               99.0000 
_refine_ls_shell.percent_reflns_R_free            ? 
_refine_ls_shell.R_factor_all                     ? 
_refine_ls_shell.R_factor_obs                     ? 
_refine_ls_shell.R_factor_R_free                  0.2189 
_refine_ls_shell.R_factor_R_free_error            0.0000 
_refine_ls_shell.R_factor_R_work                  0.1796 
_refine_ls_shell.redundancy_reflns_all            ? 
_refine_ls_shell.redundancy_reflns_obs            ? 
_refine_ls_shell.wR_factor_all                    ? 
_refine_ls_shell.wR_factor_obs                    ? 
_refine_ls_shell.wR_factor_R_free                 ? 
_refine_ls_shell.wR_factor_R_work                 ? 
_refine_ls_shell.pdbx_R_complete                  ? 
_refine_ls_shell.pdbx_total_number_of_bins_used   ? 
_refine_ls_shell.pdbx_phase_error                 ? 
_refine_ls_shell.pdbx_fsc_work                    ? 
_refine_ls_shell.pdbx_fsc_free                    ? 
# 
_struct.entry_id                     7V9H 
_struct.title                        'The BEN3 domain of protein Bend3' 
_struct.pdbx_model_details           ? 
_struct.pdbx_formula_weight          ? 
_struct.pdbx_formula_weight_method   ? 
_struct.pdbx_model_type_details      ? 
_struct.pdbx_CASP_flag               N 
# 
_struct_keywords.entry_id        7V9H 
_struct_keywords.text            'DNA BINDING PROTEIN' 
_struct_keywords.pdbx_keywords   'DNA BINDING PROTEIN' 
# 
loop_
_struct_asym.id 
_struct_asym.pdbx_blank_PDB_chainid_flag 
_struct_asym.pdbx_modified 
_struct_asym.entity_id 
_struct_asym.details 
A N N 1 ? 
B N N 2 ? 
# 
_struct_ref.id                         1 
_struct_ref.db_name                    UNP 
_struct_ref.db_code                    BEND3_MOUSE 
_struct_ref.pdbx_db_accession          Q6PAL0 
_struct_ref.pdbx_db_isoform            ? 
_struct_ref.entity_id                  1 
_struct_ref.pdbx_seq_one_letter_code   
;GSDCLLSKEQLRSIYESSLSIGNFASRLLVHLFPELFTHENLRKQYNCSGSLGKKQLDPARIRLIRHYVQLLYPRAKNDR
VWTLEFVGKLDERCRRRDTEQ
;
_struct_ref.pdbx_align_begin           547 
# 
_struct_ref_seq.align_id                      1 
_struct_ref_seq.ref_id                        1 
_struct_ref_seq.pdbx_PDB_id_code              7V9H 
_struct_ref_seq.pdbx_strand_id                A 
_struct_ref_seq.seq_align_beg                 7 
_struct_ref_seq.pdbx_seq_align_beg_ins_code   ? 
_struct_ref_seq.seq_align_end                 107 
_struct_ref_seq.pdbx_seq_align_end_ins_code   ? 
_struct_ref_seq.pdbx_db_accession             Q6PAL0 
_struct_ref_seq.db_align_beg                  547 
_struct_ref_seq.pdbx_db_align_beg_ins_code    ? 
_struct_ref_seq.db_align_end                  647 
_struct_ref_seq.pdbx_db_align_end_ins_code    ? 
_struct_ref_seq.pdbx_auth_seq_align_beg       547 
_struct_ref_seq.pdbx_auth_seq_align_end       647 
# 
loop_
_struct_ref_seq_dif.align_id 
_struct_ref_seq_dif.pdbx_pdb_id_code 
_struct_ref_seq_dif.mon_id 
_struct_ref_seq_dif.pdbx_pdb_strand_id 
_struct_ref_seq_dif.seq_num 
_struct_ref_seq_dif.pdbx_pdb_ins_code 
_struct_ref_seq_dif.pdbx_seq_db_name 
_struct_ref_seq_dif.pdbx_seq_db_accession_code 
_struct_ref_seq_dif.db_mon_id 
_struct_ref_seq_dif.pdbx_seq_db_seq_num 
_struct_ref_seq_dif.details 
_struct_ref_seq_dif.pdbx_auth_seq_num 
_struct_ref_seq_dif.pdbx_ordinal 
1 7V9H GLN A 1 ? UNP Q6PAL0 ? ? 'expression tag' 541 1 
1 7V9H ASP A 2 ? UNP Q6PAL0 ? ? 'expression tag' 542 2 
1 7V9H PRO A 3 ? UNP Q6PAL0 ? ? 'expression tag' 543 3 
1 7V9H ARG A 4 ? UNP Q6PAL0 ? ? 'expression tag' 544 4 
1 7V9H ASN A 5 ? UNP Q6PAL0 ? ? 'expression tag' 545 5 
1 7V9H SER A 6 ? UNP Q6PAL0 ? ? 'expression tag' 546 6 
# 
_pdbx_struct_assembly.id                   1 
_pdbx_struct_assembly.details              author_defined_assembly 
_pdbx_struct_assembly.method_details       ? 
_pdbx_struct_assembly.oligomeric_details   monomeric 
_pdbx_struct_assembly.oligomeric_count     1 
# 
loop_
_pdbx_struct_assembly_prop.biol_id 
_pdbx_struct_assembly_prop.type 
_pdbx_struct_assembly_prop.value 
_pdbx_struct_assembly_prop.details 
1 'ABSA (A^2)' 0    ? 
1 MORE         0    ? 
1 'SSA (A^2)'  6590 ? 
# 
_pdbx_struct_assembly_gen.assembly_id       1 
_pdbx_struct_assembly_gen.oper_expression   1 
_pdbx_struct_assembly_gen.asym_id_list      A,B 
# 
_pdbx_struct_assembly_auth_evidence.id                     1 
_pdbx_struct_assembly_auth_evidence.assembly_id            1 
_pdbx_struct_assembly_auth_evidence.experimental_support   'gel filtration' 
_pdbx_struct_assembly_auth_evidence.details                ? 
# 
_pdbx_struct_oper_list.id                   1 
_pdbx_struct_oper_list.type                 'identity operation' 
_pdbx_struct_oper_list.name                 1_555 
_pdbx_struct_oper_list.symmetry_operation   x,y,z 
_pdbx_struct_oper_list.matrix[1][1]         1.0000000000 
_pdbx_struct_oper_list.matrix[1][2]         0.0000000000 
_pdbx_struct_oper_list.matrix[1][3]         0.0000000000 
_pdbx_struct_oper_list.vector[1]            0.0000000000 
_pdbx_struct_oper_list.matrix[2][1]         0.0000000000 
_pdbx_struct_oper_list.matrix[2][2]         1.0000000000 
_pdbx_struct_oper_list.matrix[2][3]         0.0000000000 
_pdbx_struct_oper_list.vector[2]            0.0000000000 
_pdbx_struct_oper_list.matrix[3][1]         0.0000000000 
_pdbx_struct_oper_list.matrix[3][2]         0.0000000000 
_pdbx_struct_oper_list.matrix[3][3]         1.0000000000 
_pdbx_struct_oper_list.vector[3]            0.0000000000 
# 
loop_
_struct_conf.conf_type_id 
_struct_conf.id 
_struct_conf.pdbx_PDB_helix_id 
_struct_conf.beg_label_comp_id 
_struct_conf.beg_label_asym_id 
_struct_conf.beg_label_seq_id 
_struct_conf.pdbx_beg_PDB_ins_code 
_struct_conf.end_label_comp_id 
_struct_conf.end_label_asym_id 
_struct_conf.end_label_seq_id 
_struct_conf.pdbx_end_PDB_ins_code 
_struct_conf.beg_auth_comp_id 
_struct_conf.beg_auth_asym_id 
_struct_conf.beg_auth_seq_id 
_struct_conf.end_auth_comp_id 
_struct_conf.end_auth_asym_id 
_struct_conf.end_auth_seq_id 
_struct_conf.pdbx_PDB_helix_class 
_struct_conf.details 
_struct_conf.pdbx_PDB_helix_length 
HELX_P HELX_P1 AA1 ASP A 2  ? SER A 6   ? ASP A 542 SER A 546 5 ? 5  
HELX_P HELX_P2 AA2 SER A 13 ? SER A 23  ? SER A 553 SER A 563 1 ? 11 
HELX_P HELX_P3 AA3 SER A 26 ? PHE A 39  ? SER A 566 PHE A 579 1 ? 14 
HELX_P HELX_P4 AA4 PRO A 40 ? PHE A 43  ? PRO A 580 PHE A 583 5 ? 4  
HELX_P HELX_P5 AA5 ASN A 47 ? LYS A 50  ? ASN A 587 LYS A 590 5 ? 4  
HELX_P HELX_P6 AA6 ASP A 64 ? TYR A 79  ? ASP A 604 TYR A 619 1 ? 16 
HELX_P HELX_P7 AA7 PRO A 80 ? LYS A 83  ? PRO A 620 LYS A 623 5 ? 4  
HELX_P HELX_P8 AA8 ASN A 84 ? PHE A 92  ? ASN A 624 PHE A 632 1 ? 9  
HELX_P HELX_P9 AA9 PHE A 92 ? ARG A 102 ? PHE A 632 ARG A 642 1 ? 11 
# 
_struct_conf_type.id          HELX_P 
_struct_conf_type.criteria    ? 
_struct_conf_type.reference   ? 
# 
_struct_sheet.id               AA1 
_struct_sheet.type             ? 
_struct_sheet.number_strands   2 
_struct_sheet.details          ? 
# 
_struct_sheet_order.sheet_id     AA1 
_struct_sheet_order.range_id_1   1 
_struct_sheet_order.range_id_2   2 
_struct_sheet_order.offset       ? 
_struct_sheet_order.sense        parallel 
# 
loop_
_struct_sheet_range.sheet_id 
_struct_sheet_range.id 
_struct_sheet_range.beg_label_comp_id 
_struct_sheet_range.beg_label_asym_id 
_struct_sheet_range.beg_label_seq_id 
_struct_sheet_range.pdbx_beg_PDB_ins_code 
_struct_sheet_range.end_label_comp_id 
_struct_sheet_range.end_label_asym_id 
_struct_sheet_range.end_label_seq_id 
_struct_sheet_range.pdbx_end_PDB_ins_code 
_struct_sheet_range.beg_auth_comp_id 
_struct_sheet_range.beg_auth_asym_id 
_struct_sheet_range.beg_auth_seq_id 
_struct_sheet_range.end_auth_comp_id 
_struct_sheet_range.end_auth_asym_id 
_struct_sheet_range.end_auth_seq_id 
AA1 1 TYR A 52 ? ASN A 53 ? TYR A 592 ASN A 593 
AA1 2 LYS A 61 ? GLN A 62 ? LYS A 601 GLN A 602 
# 
_pdbx_struct_sheet_hbond.sheet_id                AA1 
_pdbx_struct_sheet_hbond.range_id_1              1 
_pdbx_struct_sheet_hbond.range_id_2              2 
_pdbx_struct_sheet_hbond.range_1_label_atom_id   N 
_pdbx_struct_sheet_hbond.range_1_label_comp_id   ASN 
_pdbx_struct_sheet_hbond.range_1_label_asym_id   A 
_pdbx_struct_sheet_hbond.range_1_label_seq_id    53 
_pdbx_struct_sheet_hbond.range_1_PDB_ins_code    ? 
_pdbx_struct_sheet_hbond.range_1_auth_atom_id    N 
_pdbx_struct_sheet_hbond.range_1_auth_comp_id    ASN 
_pdbx_struct_sheet_hbond.range_1_auth_asym_id    A 
_pdbx_struct_sheet_hbond.range_1_auth_seq_id     593 
_pdbx_struct_sheet_hbond.range_2_label_atom_id   O 
_pdbx_struct_sheet_hbond.range_2_label_comp_id   LYS 
_pdbx_struct_sheet_hbond.range_2_label_asym_id   A 
_pdbx_struct_sheet_hbond.range_2_label_seq_id    61 
_pdbx_struct_sheet_hbond.range_2_PDB_ins_code    ? 
_pdbx_struct_sheet_hbond.range_2_auth_atom_id    O 
_pdbx_struct_sheet_hbond.range_2_auth_comp_id    LYS 
_pdbx_struct_sheet_hbond.range_2_auth_asym_id    A 
_pdbx_struct_sheet_hbond.range_2_auth_seq_id     601 
# 
loop_
_pdbx_validate_torsion.id 
_pdbx_validate_torsion.PDB_model_num 
_pdbx_validate_torsion.auth_comp_id 
_pdbx_validate_torsion.auth_asym_id 
_pdbx_validate_torsion.auth_seq_id 
_pdbx_validate_torsion.PDB_ins_code 
_pdbx_validate_torsion.label_alt_id 
_pdbx_validate_torsion.phi 
_pdbx_validate_torsion.psi 
1 1 SER A 566 ? ? 178.36  164.98 
2 1 PHE A 579 ? ? -118.85 58.40  
3 1 PHE A 632 ? ? -135.94 -42.79 
# 
loop_
_pdbx_unobs_or_zero_occ_residues.id 
_pdbx_unobs_or_zero_occ_residues.PDB_model_num 
_pdbx_unobs_or_zero_occ_residues.polymer_flag 
_pdbx_unobs_or_zero_occ_residues.occupancy_flag 
_pdbx_unobs_or_zero_occ_residues.auth_asym_id 
_pdbx_unobs_or_zero_occ_residues.auth_comp_id 
_pdbx_unobs_or_zero_occ_residues.auth_seq_id 
_pdbx_unobs_or_zero_occ_residues.PDB_ins_code 
_pdbx_unobs_or_zero_occ_residues.label_asym_id 
_pdbx_unobs_or_zero_occ_residues.label_comp_id 
_pdbx_unobs_or_zero_occ_residues.label_seq_id 
1 1 Y 1 A GLN 541 ? A GLN 1   
2 1 Y 1 A ASP 644 ? A ASP 104 
3 1 Y 1 A THR 645 ? A THR 105 
4 1 Y 1 A GLU 646 ? A GLU 106 
5 1 Y 1 A GLN 647 ? A GLN 107 
# 
loop_
_chem_comp_atom.comp_id 
_chem_comp_atom.atom_id 
_chem_comp_atom.type_symbol 
_chem_comp_atom.pdbx_aromatic_flag 
_chem_comp_atom.pdbx_stereo_config 
_chem_comp_atom.pdbx_ordinal 
ALA N    N N N 1   
ALA CA   C N S 2   
ALA C    C N N 3   
ALA O    O N N 4   
ALA CB   C N N 5   
ALA OXT  O N N 6   
ALA H    H N N 7   
ALA H2   H N N 8   
ALA HA   H N N 9   
ALA HB1  H N N 10  
ALA HB2  H N N 11  
ALA HB3  H N N 12  
ALA HXT  H N N 13  
ARG N    N N N 14  
ARG CA   C N S 15  
ARG C    C N N 16  
ARG O    O N N 17  
ARG CB   C N N 18  
ARG CG   C N N 19  
ARG CD   C N N 20  
ARG NE   N N N 21  
ARG CZ   C N N 22  
ARG NH1  N N N 23  
ARG NH2  N N N 24  
ARG OXT  O N N 25  
ARG H    H N N 26  
ARG H2   H N N 27  
ARG HA   H N N 28  
ARG HB2  H N N 29  
ARG HB3  H N N 30  
ARG HG2  H N N 31  
ARG HG3  H N N 32  
ARG HD2  H N N 33  
ARG HD3  H N N 34  
ARG HE   H N N 35  
ARG HH11 H N N 36  
ARG HH12 H N N 37  
ARG HH21 H N N 38  
ARG HH22 H N N 39  
ARG HXT  H N N 40  
ASN N    N N N 41  
ASN CA   C N S 42  
ASN C    C N N 43  
ASN O    O N N 44  
ASN CB   C N N 45  
ASN CG   C N N 46  
ASN OD1  O N N 47  
ASN ND2  N N N 48  
ASN OXT  O N N 49  
ASN H    H N N 50  
ASN H2   H N N 51  
ASN HA   H N N 52  
ASN HB2  H N N 53  
ASN HB3  H N N 54  
ASN HD21 H N N 55  
ASN HD22 H N N 56  
ASN HXT  H N N 57  
ASP N    N N N 58  
ASP CA   C N S 59  
ASP C    C N N 60  
ASP O    O N N 61  
ASP CB   C N N 62  
ASP CG   C N N 63  
ASP OD1  O N N 64  
ASP OD2  O N N 65  
ASP OXT  O N N 66  
ASP H    H N N 67  
ASP H2   H N N 68  
ASP HA   H N N 69  
ASP HB2  H N N 70  
ASP HB3  H N N 71  
ASP HD2  H N N 72  
ASP HXT  H N N 73  
CYS N    N N N 74  
CYS CA   C N R 75  
CYS C    C N N 76  
CYS O    O N N 77  
CYS CB   C N N 78  
CYS SG   S N N 79  
CYS OXT  O N N 80  
CYS H    H N N 81  
CYS H2   H N N 82  
CYS HA   H N N 83  
CYS HB2  H N N 84  
CYS HB3  H N N 85  
CYS HG   H N N 86  
CYS HXT  H N N 87  
GLN N    N N N 88  
GLN CA   C N S 89  
GLN C    C N N 90  
GLN O    O N N 91  
GLN CB   C N N 92  
GLN CG   C N N 93  
GLN CD   C N N 94  
GLN OE1  O N N 95  
GLN NE2  N N N 96  
GLN OXT  O N N 97  
GLN H    H N N 98  
GLN H2   H N N 99  
GLN HA   H N N 100 
GLN HB2  H N N 101 
GLN HB3  H N N 102 
GLN HG2  H N N 103 
GLN HG3  H N N 104 
GLN HE21 H N N 105 
GLN HE22 H N N 106 
GLN HXT  H N N 107 
GLU N    N N N 108 
GLU CA   C N S 109 
GLU C    C N N 110 
GLU O    O N N 111 
GLU CB   C N N 112 
GLU CG   C N N 113 
GLU CD   C N N 114 
GLU OE1  O N N 115 
GLU OE2  O N N 116 
GLU OXT  O N N 117 
GLU H    H N N 118 
GLU H2   H N N 119 
GLU HA   H N N 120 
GLU HB2  H N N 121 
GLU HB3  H N N 122 
GLU HG2  H N N 123 
GLU HG3  H N N 124 
GLU HE2  H N N 125 
GLU HXT  H N N 126 
GLY N    N N N 127 
GLY CA   C N N 128 
GLY C    C N N 129 
GLY O    O N N 130 
GLY OXT  O N N 131 
GLY H    H N N 132 
GLY H2   H N N 133 
GLY HA2  H N N 134 
GLY HA3  H N N 135 
GLY HXT  H N N 136 
HIS N    N N N 137 
HIS CA   C N S 138 
HIS C    C N N 139 
HIS O    O N N 140 
HIS CB   C N N 141 
HIS CG   C Y N 142 
HIS ND1  N Y N 143 
HIS CD2  C Y N 144 
HIS CE1  C Y N 145 
HIS NE2  N Y N 146 
HIS OXT  O N N 147 
HIS H    H N N 148 
HIS H2   H N N 149 
HIS HA   H N N 150 
HIS HB2  H N N 151 
HIS HB3  H N N 152 
HIS HD1  H N N 153 
HIS HD2  H N N 154 
HIS HE1  H N N 155 
HIS HE2  H N N 156 
HIS HXT  H N N 157 
HOH O    O N N 158 
HOH H1   H N N 159 
HOH H2   H N N 160 
ILE N    N N N 161 
ILE CA   C N S 162 
ILE C    C N N 163 
ILE O    O N N 164 
ILE CB   C N S 165 
ILE CG1  C N N 166 
ILE CG2  C N N 167 
ILE CD1  C N N 168 
ILE OXT  O N N 169 
ILE H    H N N 170 
ILE H2   H N N 171 
ILE HA   H N N 172 
ILE HB   H N N 173 
ILE HG12 H N N 174 
ILE HG13 H N N 175 
ILE HG21 H N N 176 
ILE HG22 H N N 177 
ILE HG23 H N N 178 
ILE HD11 H N N 179 
ILE HD12 H N N 180 
ILE HD13 H N N 181 
ILE HXT  H N N 182 
LEU N    N N N 183 
LEU CA   C N S 184 
LEU C    C N N 185 
LEU O    O N N 186 
LEU CB   C N N 187 
LEU CG   C N N 188 
LEU CD1  C N N 189 
LEU CD2  C N N 190 
LEU OXT  O N N 191 
LEU H    H N N 192 
LEU H2   H N N 193 
LEU HA   H N N 194 
LEU HB2  H N N 195 
LEU HB3  H N N 196 
LEU HG   H N N 197 
LEU HD11 H N N 198 
LEU HD12 H N N 199 
LEU HD13 H N N 200 
LEU HD21 H N N 201 
LEU HD22 H N N 202 
LEU HD23 H N N 203 
LEU HXT  H N N 204 
LYS N    N N N 205 
LYS CA   C N S 206 
LYS C    C N N 207 
LYS O    O N N 208 
LYS CB   C N N 209 
LYS CG   C N N 210 
LYS CD   C N N 211 
LYS CE   C N N 212 
LYS NZ   N N N 213 
LYS OXT  O N N 214 
LYS H    H N N 215 
LYS H2   H N N 216 
LYS HA   H N N 217 
LYS HB2  H N N 218 
LYS HB3  H N N 219 
LYS HG2  H N N 220 
LYS HG3  H N N 221 
LYS HD2  H N N 222 
LYS HD3  H N N 223 
LYS HE2  H N N 224 
LYS HE3  H N N 225 
LYS HZ1  H N N 226 
LYS HZ2  H N N 227 
LYS HZ3  H N N 228 
LYS HXT  H N N 229 
PHE N    N N N 230 
PHE CA   C N S 231 
PHE C    C N N 232 
PHE O    O N N 233 
PHE CB   C N N 234 
PHE CG   C Y N 235 
PHE CD1  C Y N 236 
PHE CD2  C Y N 237 
PHE CE1  C Y N 238 
PHE CE2  C Y N 239 
PHE CZ   C Y N 240 
PHE OXT  O N N 241 
PHE H    H N N 242 
PHE H2   H N N 243 
PHE HA   H N N 244 
PHE HB2  H N N 245 
PHE HB3  H N N 246 
PHE HD1  H N N 247 
PHE HD2  H N N 248 
PHE HE1  H N N 249 
PHE HE2  H N N 250 
PHE HZ   H N N 251 
PHE HXT  H N N 252 
PRO N    N N N 253 
PRO CA   C N S 254 
PRO C    C N N 255 
PRO O    O N N 256 
PRO CB   C N N 257 
PRO CG   C N N 258 
PRO CD   C N N 259 
PRO OXT  O N N 260 
PRO H    H N N 261 
PRO HA   H N N 262 
PRO HB2  H N N 263 
PRO HB3  H N N 264 
PRO HG2  H N N 265 
PRO HG3  H N N 266 
PRO HD2  H N N 267 
PRO HD3  H N N 268 
PRO HXT  H N N 269 
SER N    N N N 270 
SER CA   C N S 271 
SER C    C N N 272 
SER O    O N N 273 
SER CB   C N N 274 
SER OG   O N N 275 
SER OXT  O N N 276 
SER H    H N N 277 
SER H2   H N N 278 
SER HA   H N N 279 
SER HB2  H N N 280 
SER HB3  H N N 281 
SER HG   H N N 282 
SER HXT  H N N 283 
THR N    N N N 284 
THR CA   C N S 285 
THR C    C N N 286 
THR O    O N N 287 
THR CB   C N R 288 
THR OG1  O N N 289 
THR CG2  C N N 290 
THR OXT  O N N 291 
THR H    H N N 292 
THR H2   H N N 293 
THR HA   H N N 294 
THR HB   H N N 295 
THR HG1  H N N 296 
THR HG21 H N N 297 
THR HG22 H N N 298 
THR HG23 H N N 299 
THR HXT  H N N 300 
TRP N    N N N 301 
TRP CA   C N S 302 
TRP C    C N N 303 
TRP O    O N N 304 
TRP CB   C N N 305 
TRP CG   C Y N 306 
TRP CD1  C Y N 307 
TRP CD2  C Y N 308 
TRP NE1  N Y N 309 
TRP CE2  C Y N 310 
TRP CE3  C Y N 311 
TRP CZ2  C Y N 312 
TRP CZ3  C Y N 313 
TRP CH2  C Y N 314 
TRP OXT  O N N 315 
TRP H    H N N 316 
TRP H2   H N N 317 
TRP HA   H N N 318 
TRP HB2  H N N 319 
TRP HB3  H N N 320 
TRP HD1  H N N 321 
TRP HE1  H N N 322 
TRP HE3  H N N 323 
TRP HZ2  H N N 324 
TRP HZ3  H N N 325 
TRP HH2  H N N 326 
TRP HXT  H N N 327 
TYR N    N N N 328 
TYR CA   C N S 329 
TYR C    C N N 330 
TYR O    O N N 331 
TYR CB   C N N 332 
TYR CG   C Y N 333 
TYR CD1  C Y N 334 
TYR CD2  C Y N 335 
TYR CE1  C Y N 336 
TYR CE2  C Y N 337 
TYR CZ   C Y N 338 
TYR OH   O N N 339 
TYR OXT  O N N 340 
TYR H    H N N 341 
TYR H2   H N N 342 
TYR HA   H N N 343 
TYR HB2  H N N 344 
TYR HB3  H N N 345 
TYR HD1  H N N 346 
TYR HD2  H N N 347 
TYR HE1  H N N 348 
TYR HE2  H N N 349 
TYR HH   H N N 350 
TYR HXT  H N N 351 
VAL N    N N N 352 
VAL CA   C N S 353 
VAL C    C N N 354 
VAL O    O N N 355 
VAL CB   C N N 356 
VAL CG1  C N N 357 
VAL CG2  C N N 358 
VAL OXT  O N N 359 
VAL H    H N N 360 
VAL H2   H N N 361 
VAL HA   H N N 362 
VAL HB   H N N 363 
VAL HG11 H N N 364 
VAL HG12 H N N 365 
VAL HG13 H N N 366 
VAL HG21 H N N 367 
VAL HG22 H N N 368 
VAL HG23 H N N 369 
VAL HXT  H N N 370 
# 
loop_
_chem_comp_bond.comp_id 
_chem_comp_bond.atom_id_1 
_chem_comp_bond.atom_id_2 
_chem_comp_bond.value_order 
_chem_comp_bond.pdbx_aromatic_flag 
_chem_comp_bond.pdbx_stereo_config 
_chem_comp_bond.pdbx_ordinal 
ALA N   CA   sing N N 1   
ALA N   H    sing N N 2   
ALA N   H2   sing N N 3   
ALA CA  C    sing N N 4   
ALA CA  CB   sing N N 5   
ALA CA  HA   sing N N 6   
ALA C   O    doub N N 7   
ALA C   OXT  sing N N 8   
ALA CB  HB1  sing N N 9   
ALA CB  HB2  sing N N 10  
ALA CB  HB3  sing N N 11  
ALA OXT HXT  sing N N 12  
ARG N   CA   sing N N 13  
ARG N   H    sing N N 14  
ARG N   H2   sing N N 15  
ARG CA  C    sing N N 16  
ARG CA  CB   sing N N 17  
ARG CA  HA   sing N N 18  
ARG C   O    doub N N 19  
ARG C   OXT  sing N N 20  
ARG CB  CG   sing N N 21  
ARG CB  HB2  sing N N 22  
ARG CB  HB3  sing N N 23  
ARG CG  CD   sing N N 24  
ARG CG  HG2  sing N N 25  
ARG CG  HG3  sing N N 26  
ARG CD  NE   sing N N 27  
ARG CD  HD2  sing N N 28  
ARG CD  HD3  sing N N 29  
ARG NE  CZ   sing N N 30  
ARG NE  HE   sing N N 31  
ARG CZ  NH1  sing N N 32  
ARG CZ  NH2  doub N N 33  
ARG NH1 HH11 sing N N 34  
ARG NH1 HH12 sing N N 35  
ARG NH2 HH21 sing N N 36  
ARG NH2 HH22 sing N N 37  
ARG OXT HXT  sing N N 38  
ASN N   CA   sing N N 39  
ASN N   H    sing N N 40  
ASN N   H2   sing N N 41  
ASN CA  C    sing N N 42  
ASN CA  CB   sing N N 43  
ASN CA  HA   sing N N 44  
ASN C   O    doub N N 45  
ASN C   OXT  sing N N 46  
ASN CB  CG   sing N N 47  
ASN CB  HB2  sing N N 48  
ASN CB  HB3  sing N N 49  
ASN CG  OD1  doub N N 50  
ASN CG  ND2  sing N N 51  
ASN ND2 HD21 sing N N 52  
ASN ND2 HD22 sing N N 53  
ASN OXT HXT  sing N N 54  
ASP N   CA   sing N N 55  
ASP N   H    sing N N 56  
ASP N   H2   sing N N 57  
ASP CA  C    sing N N 58  
ASP CA  CB   sing N N 59  
ASP CA  HA   sing N N 60  
ASP C   O    doub N N 61  
ASP C   OXT  sing N N 62  
ASP CB  CG   sing N N 63  
ASP CB  HB2  sing N N 64  
ASP CB  HB3  sing N N 65  
ASP CG  OD1  doub N N 66  
ASP CG  OD2  sing N N 67  
ASP OD2 HD2  sing N N 68  
ASP OXT HXT  sing N N 69  
CYS N   CA   sing N N 70  
CYS N   H    sing N N 71  
CYS N   H2   sing N N 72  
CYS CA  C    sing N N 73  
CYS CA  CB   sing N N 74  
CYS CA  HA   sing N N 75  
CYS C   O    doub N N 76  
CYS C   OXT  sing N N 77  
CYS CB  SG   sing N N 78  
CYS CB  HB2  sing N N 79  
CYS CB  HB3  sing N N 80  
CYS SG  HG   sing N N 81  
CYS OXT HXT  sing N N 82  
GLN N   CA   sing N N 83  
GLN N   H    sing N N 84  
GLN N   H2   sing N N 85  
GLN CA  C    sing N N 86  
GLN CA  CB   sing N N 87  
GLN CA  HA   sing N N 88  
GLN C   O    doub N N 89  
GLN C   OXT  sing N N 90  
GLN CB  CG   sing N N 91  
GLN CB  HB2  sing N N 92  
GLN CB  HB3  sing N N 93  
GLN CG  CD   sing N N 94  
GLN CG  HG2  sing N N 95  
GLN CG  HG3  sing N N 96  
GLN CD  OE1  doub N N 97  
GLN CD  NE2  sing N N 98  
GLN NE2 HE21 sing N N 99  
GLN NE2 HE22 sing N N 100 
GLN OXT HXT  sing N N 101 
GLU N   CA   sing N N 102 
GLU N   H    sing N N 103 
GLU N   H2   sing N N 104 
GLU CA  C    sing N N 105 
GLU CA  CB   sing N N 106 
GLU CA  HA   sing N N 107 
GLU C   O    doub N N 108 
GLU C   OXT  sing N N 109 
GLU CB  CG   sing N N 110 
GLU CB  HB2  sing N N 111 
GLU CB  HB3  sing N N 112 
GLU CG  CD   sing N N 113 
GLU CG  HG2  sing N N 114 
GLU CG  HG3  sing N N 115 
GLU CD  OE1  doub N N 116 
GLU CD  OE2  sing N N 117 
GLU OE2 HE2  sing N N 118 
GLU OXT HXT  sing N N 119 
GLY N   CA   sing N N 120 
GLY N   H    sing N N 121 
GLY N   H2   sing N N 122 
GLY CA  C    sing N N 123 
GLY CA  HA2  sing N N 124 
GLY CA  HA3  sing N N 125 
GLY C   O    doub N N 126 
GLY C   OXT  sing N N 127 
GLY OXT HXT  sing N N 128 
HIS N   CA   sing N N 129 
HIS N   H    sing N N 130 
HIS N   H2   sing N N 131 
HIS CA  C    sing N N 132 
HIS CA  CB   sing N N 133 
HIS CA  HA   sing N N 134 
HIS C   O    doub N N 135 
HIS C   OXT  sing N N 136 
HIS CB  CG   sing N N 137 
HIS CB  HB2  sing N N 138 
HIS CB  HB3  sing N N 139 
HIS CG  ND1  sing Y N 140 
HIS CG  CD2  doub Y N 141 
HIS ND1 CE1  doub Y N 142 
HIS ND1 HD1  sing N N 143 
HIS CD2 NE2  sing Y N 144 
HIS CD2 HD2  sing N N 145 
HIS CE1 NE2  sing Y N 146 
HIS CE1 HE1  sing N N 147 
HIS NE2 HE2  sing N N 148 
HIS OXT HXT  sing N N 149 
HOH O   H1   sing N N 150 
HOH O   H2   sing N N 151 
ILE N   CA   sing N N 152 
ILE N   H    sing N N 153 
ILE N   H2   sing N N 154 
ILE CA  C    sing N N 155 
ILE CA  CB   sing N N 156 
ILE CA  HA   sing N N 157 
ILE C   O    doub N N 158 
ILE C   OXT  sing N N 159 
ILE CB  CG1  sing N N 160 
ILE CB  CG2  sing N N 161 
ILE CB  HB   sing N N 162 
ILE CG1 CD1  sing N N 163 
ILE CG1 HG12 sing N N 164 
ILE CG1 HG13 sing N N 165 
ILE CG2 HG21 sing N N 166 
ILE CG2 HG22 sing N N 167 
ILE CG2 HG23 sing N N 168 
ILE CD1 HD11 sing N N 169 
ILE CD1 HD12 sing N N 170 
ILE CD1 HD13 sing N N 171 
ILE OXT HXT  sing N N 172 
LEU N   CA   sing N N 173 
LEU N   H    sing N N 174 
LEU N   H2   sing N N 175 
LEU CA  C    sing N N 176 
LEU CA  CB   sing N N 177 
LEU CA  HA   sing N N 178 
LEU C   O    doub N N 179 
LEU C   OXT  sing N N 180 
LEU CB  CG   sing N N 181 
LEU CB  HB2  sing N N 182 
LEU CB  HB3  sing N N 183 
LEU CG  CD1  sing N N 184 
LEU CG  CD2  sing N N 185 
LEU CG  HG   sing N N 186 
LEU CD1 HD11 sing N N 187 
LEU CD1 HD12 sing N N 188 
LEU CD1 HD13 sing N N 189 
LEU CD2 HD21 sing N N 190 
LEU CD2 HD22 sing N N 191 
LEU CD2 HD23 sing N N 192 
LEU OXT HXT  sing N N 193 
LYS N   CA   sing N N 194 
LYS N   H    sing N N 195 
LYS N   H2   sing N N 196 
LYS CA  C    sing N N 197 
LYS CA  CB   sing N N 198 
LYS CA  HA   sing N N 199 
LYS C   O    doub N N 200 
LYS C   OXT  sing N N 201 
LYS CB  CG   sing N N 202 
LYS CB  HB2  sing N N 203 
LYS CB  HB3  sing N N 204 
LYS CG  CD   sing N N 205 
LYS CG  HG2  sing N N 206 
LYS CG  HG3  sing N N 207 
LYS CD  CE   sing N N 208 
LYS CD  HD2  sing N N 209 
LYS CD  HD3  sing N N 210 
LYS CE  NZ   sing N N 211 
LYS CE  HE2  sing N N 212 
LYS CE  HE3  sing N N 213 
LYS NZ  HZ1  sing N N 214 
LYS NZ  HZ2  sing N N 215 
LYS NZ  HZ3  sing N N 216 
LYS OXT HXT  sing N N 217 
PHE N   CA   sing N N 218 
PHE N   H    sing N N 219 
PHE N   H2   sing N N 220 
PHE CA  C    sing N N 221 
PHE CA  CB   sing N N 222 
PHE CA  HA   sing N N 223 
PHE C   O    doub N N 224 
PHE C   OXT  sing N N 225 
PHE CB  CG   sing N N 226 
PHE CB  HB2  sing N N 227 
PHE CB  HB3  sing N N 228 
PHE CG  CD1  doub Y N 229 
PHE CG  CD2  sing Y N 230 
PHE CD1 CE1  sing Y N 231 
PHE CD1 HD1  sing N N 232 
PHE CD2 CE2  doub Y N 233 
PHE CD2 HD2  sing N N 234 
PHE CE1 CZ   doub Y N 235 
PHE CE1 HE1  sing N N 236 
PHE CE2 CZ   sing Y N 237 
PHE CE2 HE2  sing N N 238 
PHE CZ  HZ   sing N N 239 
PHE OXT HXT  sing N N 240 
PRO N   CA   sing N N 241 
PRO N   CD   sing N N 242 
PRO N   H    sing N N 243 
PRO CA  C    sing N N 244 
PRO CA  CB   sing N N 245 
PRO CA  HA   sing N N 246 
PRO C   O    doub N N 247 
PRO C   OXT  sing N N 248 
PRO CB  CG   sing N N 249 
PRO CB  HB2  sing N N 250 
PRO CB  HB3  sing N N 251 
PRO CG  CD   sing N N 252 
PRO CG  HG2  sing N N 253 
PRO CG  HG3  sing N N 254 
PRO CD  HD2  sing N N 255 
PRO CD  HD3  sing N N 256 
PRO OXT HXT  sing N N 257 
SER N   CA   sing N N 258 
SER N   H    sing N N 259 
SER N   H2   sing N N 260 
SER CA  C    sing N N 261 
SER CA  CB   sing N N 262 
SER CA  HA   sing N N 263 
SER C   O    doub N N 264 
SER C   OXT  sing N N 265 
SER CB  OG   sing N N 266 
SER CB  HB2  sing N N 267 
SER CB  HB3  sing N N 268 
SER OG  HG   sing N N 269 
SER OXT HXT  sing N N 270 
THR N   CA   sing N N 271 
THR N   H    sing N N 272 
THR N   H2   sing N N 273 
THR CA  C    sing N N 274 
THR CA  CB   sing N N 275 
THR CA  HA   sing N N 276 
THR C   O    doub N N 277 
THR C   OXT  sing N N 278 
THR CB  OG1  sing N N 279 
THR CB  CG2  sing N N 280 
THR CB  HB   sing N N 281 
THR OG1 HG1  sing N N 282 
THR CG2 HG21 sing N N 283 
THR CG2 HG22 sing N N 284 
THR CG2 HG23 sing N N 285 
THR OXT HXT  sing N N 286 
TRP N   CA   sing N N 287 
TRP N   H    sing N N 288 
TRP N   H2   sing N N 289 
TRP CA  C    sing N N 290 
TRP CA  CB   sing N N 291 
TRP CA  HA   sing N N 292 
TRP C   O    doub N N 293 
TRP C   OXT  sing N N 294 
TRP CB  CG   sing N N 295 
TRP CB  HB2  sing N N 296 
TRP CB  HB3  sing N N 297 
TRP CG  CD1  doub Y N 298 
TRP CG  CD2  sing Y N 299 
TRP CD1 NE1  sing Y N 300 
TRP CD1 HD1  sing N N 301 
TRP CD2 CE2  doub Y N 302 
TRP CD2 CE3  sing Y N 303 
TRP NE1 CE2  sing Y N 304 
TRP NE1 HE1  sing N N 305 
TRP CE2 CZ2  sing Y N 306 
TRP CE3 CZ3  doub Y N 307 
TRP CE3 HE3  sing N N 308 
TRP CZ2 CH2  doub Y N 309 
TRP CZ2 HZ2  sing N N 310 
TRP CZ3 CH2  sing Y N 311 
TRP CZ3 HZ3  sing N N 312 
TRP CH2 HH2  sing N N 313 
TRP OXT HXT  sing N N 314 
TYR N   CA   sing N N 315 
TYR N   H    sing N N 316 
TYR N   H2   sing N N 317 
TYR CA  C    sing N N 318 
TYR CA  CB   sing N N 319 
TYR CA  HA   sing N N 320 
TYR C   O    doub N N 321 
TYR C   OXT  sing N N 322 
TYR CB  CG   sing N N 323 
TYR CB  HB2  sing N N 324 
TYR CB  HB3  sing N N 325 
TYR CG  CD1  doub Y N 326 
TYR CG  CD2  sing Y N 327 
TYR CD1 CE1  sing Y N 328 
TYR CD1 HD1  sing N N 329 
TYR CD2 CE2  doub Y N 330 
TYR CD2 HD2  sing N N 331 
TYR CE1 CZ   doub Y N 332 
TYR CE1 HE1  sing N N 333 
TYR CE2 CZ   sing Y N 334 
TYR CE2 HE2  sing N N 335 
TYR CZ  OH   sing N N 336 
TYR OH  HH   sing N N 337 
TYR OXT HXT  sing N N 338 
VAL N   CA   sing N N 339 
VAL N   H    sing N N 340 
VAL N   H2   sing N N 341 
VAL CA  C    sing N N 342 
VAL CA  CB   sing N N 343 
VAL CA  HA   sing N N 344 
VAL C   O    doub N N 345 
VAL C   OXT  sing N N 346 
VAL CB  CG1  sing N N 347 
VAL CB  CG2  sing N N 348 
VAL CB  HB   sing N N 349 
VAL CG1 HG11 sing N N 350 
VAL CG1 HG12 sing N N 351 
VAL CG1 HG13 sing N N 352 
VAL CG2 HG21 sing N N 353 
VAL CG2 HG22 sing N N 354 
VAL CG2 HG23 sing N N 355 
VAL OXT HXT  sing N N 356 
# 
loop_
_pdbx_audit_support.funding_organization 
_pdbx_audit_support.country 
_pdbx_audit_support.grant_number 
_pdbx_audit_support.ordinal 
'Ministry of Science and Technology (MoST, China)' China '2019YFA0508900, 2017YFA0504202' 1 
'National Science Foundation (NSF, China)'         China '31991162, 31521002'             2 
'Chinese Academy of Sciences'                      China 'XDB 37010100'                   3 
# 
_atom_sites.entry_id                    7V9H 
_atom_sites.Cartn_transf_matrix[1][1]   ? 
_atom_sites.Cartn_transf_matrix[1][2]   ? 
_atom_sites.Cartn_transf_matrix[1][3]   ? 
_atom_sites.Cartn_transf_matrix[2][1]   ? 
_atom_sites.Cartn_transf_matrix[2][2]   ? 
_atom_sites.Cartn_transf_matrix[2][3]   ? 
_atom_sites.Cartn_transf_matrix[3][1]   ? 
_atom_sites.Cartn_transf_matrix[3][2]   ? 
_atom_sites.Cartn_transf_matrix[3][3]   ? 
_atom_sites.Cartn_transf_vector[1]      ? 
_atom_sites.Cartn_transf_vector[2]      ? 
_atom_sites.Cartn_transf_vector[3]      ? 
_atom_sites.fract_transf_matrix[1][1]   -0.00046867 
_atom_sites.fract_transf_matrix[1][2]   0.02056046 
_atom_sites.fract_transf_matrix[1][3]   -0.00584018 
_atom_sites.fract_transf_matrix[2][1]   -0.00328766 
_atom_sites.fract_transf_matrix[2][2]   0.00522564 
_atom_sites.fract_transf_matrix[2][3]   -0.02046816 
_atom_sites.fract_transf_matrix[3][1]   -0.01393310 
_atom_sites.fract_transf_matrix[3][2]   0.00034297 
_atom_sites.fract_transf_matrix[3][3]   0.00232554 
_atom_sites.fract_transf_vector[1]      -0.315609 
_atom_sites.fract_transf_vector[2]      0.250391 
_atom_sites.fract_transf_vector[3]      -0.053605 
_atom_sites.solution_primary            ? 
_atom_sites.solution_secondary          ? 
_atom_sites.solution_hydrogens          ? 
_atom_sites.special_details             ? 
# 
loop_
_atom_type.symbol 
C 
N 
O 
S 
# 
loop_
_atom_site.group_PDB 
_atom_site.id 
_atom_site.type_symbol 
_atom_site.label_atom_id 
_atom_site.label_alt_id 
_atom_site.label_comp_id 
_atom_site.label_asym_id 
_atom_site.label_entity_id 
_atom_site.label_seq_id 
_atom_site.pdbx_PDB_ins_code 
_atom_site.Cartn_x 
_atom_site.Cartn_y 
_atom_site.Cartn_z 
_atom_site.occupancy 
_atom_site.B_iso_or_equiv 
_atom_site.pdbx_formal_charge 
_atom_site.auth_seq_id 
_atom_site.auth_comp_id 
_atom_site.auth_asym_id 
_atom_site.auth_atom_id 
_atom_site.pdbx_PDB_model_num 
ATOM   1   N N   . ASP A 1 2   ? -2.310  15.975  1.780   1.00 34.55  ? 542 ASP A N   1 
ATOM   2   C CA  . ASP A 1 2   ? -1.631  16.335  0.514   1.00 37.99  ? 542 ASP A CA  1 
ATOM   3   C C   . ASP A 1 2   ? -2.476  17.084  -0.507  1.00 28.58  ? 542 ASP A C   1 
ATOM   4   O O   . ASP A 1 2   ? -3.451  16.572  -0.933  1.00 27.15  ? 542 ASP A O   1 
ATOM   5   C CB  . ASP A 1 2   ? -1.077  15.089  -0.149  1.00 28.21  ? 542 ASP A CB  1 
ATOM   6   C CG  . ASP A 1 2   ? 0.037   15.379  -1.028  1.00 31.61  ? 542 ASP A CG  1 
ATOM   7   O OD1 . ASP A 1 2   ? 0.206   16.514  -1.364  1.00 35.25  ? 542 ASP A OD1 1 
ATOM   8   O OD2 . ASP A 1 2   ? 0.764   14.497  -1.377  1.00 38.48  ? 542 ASP A OD2 1 
ATOM   9   N N   . PRO A 1 3   ? -2.072  18.293  -0.918  1.00 34.88  ? 543 PRO A N   1 
ATOM   10  C CA  . PRO A 1 3   ? -2.868  19.097  -1.836  1.00 29.90  ? 543 PRO A CA  1 
ATOM   11  C C   . PRO A 1 3   ? -2.895  18.466  -3.180  1.00 22.16  ? 543 PRO A C   1 
ATOM   12  O O   . PRO A 1 3   ? -3.796  18.719  -3.885  1.00 22.45  ? 543 PRO A O   1 
ATOM   13  C CB  . PRO A 1 3   ? -2.196  20.452  -1.793  1.00 34.37  ? 543 PRO A CB  1 
ATOM   14  C CG  . PRO A 1 3   ? -1.319  20.409  -0.633  1.00 30.57  ? 543 PRO A CG  1 
ATOM   15  C CD  . PRO A 1 3   ? -0.858  18.999  -0.548  1.00 32.37  ? 543 PRO A CD  1 
ATOM   16  N N   . ARG A 1 4   ? -1.891  17.684  -3.513  1.00 22.90  ? 544 ARG A N   1 
ATOM   17  C CA  . ARG A 1 4   ? -1.896  16.955  -4.777  1.00 22.16  ? 544 ARG A CA  1 
ATOM   18  C C   . ARG A 1 4   ? -3.134  16.077  -4.900  1.00 21.79  ? 544 ARG A C   1 
ATOM   19  O O   . ARG A 1 4   ? -3.694  15.930  -5.992  1.00 20.22  ? 544 ARG A O   1 
ATOM   20  C CB  . ARG A 1 4   ? -0.633  16.100  -4.893  1.00 28.37  ? 544 ARG A CB  1 
ATOM   21  C CG  . ARG A 1 4   ? 0.650   16.890  -4.994  1.00 45.62  ? 544 ARG A CG  1 
ATOM   22  C CD  . ARG A 1 4   ? 1.869   16.001  -5.181  1.00 38.90  ? 544 ARG A CD  1 
ATOM   23  N NE  . ARG A 1 4   ? 3.090   16.799  -5.251  1.00 50.99  ? 544 ARG A NE  1 
ATOM   24  C CZ  . ARG A 1 4   ? 3.532   17.395  -6.354  1.00 54.44  ? 544 ARG A CZ  1 
ATOM   25  N NH1 . ARG A 1 4   ? 2.855   17.278  -7.492  1.00 51.30  ? 544 ARG A NH1 1 
ATOM   26  N NH2 . ARG A 1 4   ? 4.654   18.106  -6.319  1.00 45.64  ? 544 ARG A NH2 1 
ATOM   27  N N   . ASN A 1 5   ? -3.568  15.481  -3.795  1.00 18.47  ? 545 ASN A N   1 
ATOM   28  C CA  . ASN A 1 5   ? -4.702  14.574  -3.789  1.00 20.22  ? 545 ASN A CA  1 
ATOM   29  C C   . ASN A 1 5   ? -6.041  15.292  -3.694  1.00 19.99  ? 545 ASN A C   1 
ATOM   30  O O   . ASN A 1 5   ? -7.079  14.624  -3.643  1.00 17.78  ? 545 ASN A O   1 
ATOM   31  C CB  . ASN A 1 5   ? -4.553  13.570  -2.639  1.00 19.68  ? 545 ASN A CB  1 
ATOM   32  C CG  . ASN A 1 5   ? -3.370  12.634  -2.845  1.00 21.43  ? 545 ASN A CG  1 
ATOM   33  O OD1 . ASN A 1 5   ? -2.934  12.409  -3.978  1.00 16.71  ? 545 ASN A OD1 1 
ATOM   34  N ND2 . ASN A 1 5   ? -2.843  12.086  -1.753  1.00 19.78  ? 545 ASN A ND2 1 
ATOM   35  N N   . SER A 1 6   ? -6.047  16.623  -3.690  1.00 14.84  ? 546 SER A N   1 
ATOM   36  C CA  . SER A 1 6   ? -7.296  17.364  -3.624  1.00 13.75  ? 546 SER A CA  1 
ATOM   37  C C   . SER A 1 6   ? -8.219  16.963  -4.768  1.00 17.61  ? 546 SER A C   1 
ATOM   38  O O   . SER A 1 6   ? -7.796  16.844  -5.920  1.00 19.08  ? 546 SER A O   1 
ATOM   39  C CB  . SER A 1 6   ? -7.028  18.865  -3.671  1.00 18.72  ? 546 SER A CB  1 
ATOM   40  O OG  . SER A 1 6   ? -8.149  19.589  -3.197  1.00 23.18  ? 546 SER A OG  1 
ATOM   41  N N   . GLY A 1 7   ? -9.490  16.751  -4.440  1.00 22.08  ? 547 GLY A N   1 
ATOM   42  C CA  . GLY A 1 7   ? -10.460 16.302  -5.409  1.00 16.40  ? 547 GLY A CA  1 
ATOM   43  C C   . GLY A 1 7   ? -10.553 14.804  -5.557  1.00 14.18  ? 547 GLY A C   1 
ATOM   44  O O   . GLY A 1 7   ? -11.485 14.321  -6.209  1.00 17.15  ? 547 GLY A O   1 
ATOM   45  N N   . SER A 1 8   ? -9.616  14.052  -4.990  1.00 15.76  ? 548 SER A N   1 
ATOM   46  C CA  . SER A 1 8   ? -9.740  12.601  -4.989  1.00 18.67  ? 548 SER A CA  1 
ATOM   47  C C   . SER A 1 8   ? -10.924 12.178  -4.130  1.00 18.25  ? 548 SER A C   1 
ATOM   48  O O   . SER A 1 8   ? -11.316 12.871  -3.189  1.00 14.94  ? 548 SER A O   1 
ATOM   49  C CB  . SER A 1 8   ? -8.462  11.944  -4.469  1.00 14.10  ? 548 SER A CB  1 
ATOM   50  O OG  . SER A 1 8   ? -7.326  12.432  -5.155  1.00 14.63  ? 548 SER A OG  1 
ATOM   51  N N   . ASP A 1 9   ? -11.494 11.023  -4.468  1.00 22.10  ? 549 ASP A N   1 
ATOM   52  C CA  . ASP A 1 9   ? -12.689 10.514  -3.810  1.00 20.74  ? 549 ASP A CA  1 
ATOM   53  C C   . ASP A 1 9   ? -12.419 9.270   -2.977  1.00 16.24  ? 549 ASP A C   1 
ATOM   54  O O   . ASP A 1 9   ? -13.370 8.622   -2.531  1.00 22.20  ? 549 ASP A O   1 
ATOM   55  C CB  . ASP A 1 9   ? -13.777 10.222  -4.849  1.00 27.33  ? 549 ASP A CB  1 
ATOM   56  C CG  . ASP A 1 9   ? -14.199 11.462  -5.616  1.00 29.98  ? 549 ASP A CG  1 
ATOM   57  O OD1 . ASP A 1 9   ? -14.934 12.291  -5.037  1.00 31.90  ? 549 ASP A OD1 1 
ATOM   58  O OD2 . ASP A 1 9   ? -13.796 11.607  -6.795  1.00 26.16  ? 549 ASP A OD2 1 
ATOM   59  N N   . CYS A 1 10  ? -11.151 8.928   -2.742  1.00 17.66  ? 550 CYS A N   1 
ATOM   60  C CA  . CYS A 1 10  ? -10.785 7.694   -2.054  1.00 14.47  ? 550 CYS A CA  1 
ATOM   61  C C   . CYS A 1 10  ? -9.913  7.932   -0.827  1.00 15.43  ? 550 CYS A C   1 
ATOM   62  O O   . CYS A 1 10  ? -9.270  6.994   -0.346  1.00 18.91  ? 550 CYS A O   1 
ATOM   63  C CB  . CYS A 1 10  ? -10.058 6.755   -3.014  1.00 15.78  ? 550 CYS A CB  1 
ATOM   64  S SG  . CYS A 1 10  ? -8.461  7.414   -3.546  1.00 17.80  ? 550 CYS A SG  1 
ATOM   65  N N   . LEU A 1 11  ? -9.865  9.157   -0.309  1.00 19.08  ? 551 LEU A N   1 
ATOM   66  C CA  . LEU A 1 11  ? -8.945  9.442   0.781   1.00 17.18  ? 551 LEU A CA  1 
ATOM   67  C C   . LEU A 1 11  ? -9.533  9.001   2.117   1.00 17.97  ? 551 LEU A C   1 
ATOM   68  O O   . LEU A 1 11  ? -10.746 8.842   2.277   1.00 19.98  ? 551 LEU A O   1 
ATOM   69  C CB  . LEU A 1 11  ? -8.593  10.931  0.816   1.00 16.41  ? 551 LEU A CB  1 
ATOM   70  C CG  . LEU A 1 11  ? -8.087  11.514  -0.512  1.00 16.48  ? 551 LEU A CG  1 
ATOM   71  C CD1 . LEU A 1 11  ? -7.948  13.024  -0.414  1.00 8.47   ? 551 LEU A CD1 1 
ATOM   72  C CD2 . LEU A 1 11  ? -6.778  10.867  -0.966  1.00 7.70   ? 551 LEU A CD2 1 
ATOM   73  N N   . LEU A 1 12  ? -8.641  8.787   3.081   1.00 20.17  ? 552 LEU A N   1 
ATOM   74  C CA  . LEU A 1 12  ? -8.998  8.384   4.432   1.00 18.91  ? 552 LEU A CA  1 
ATOM   75  C C   . LEU A 1 12  ? -8.811  9.551   5.391   1.00 19.30  ? 552 LEU A C   1 
ATOM   76  O O   . LEU A 1 12  ? -7.852  10.319  5.270   1.00 24.46  ? 552 LEU A O   1 
ATOM   77  C CB  . LEU A 1 12  ? -8.151  7.196   4.889   1.00 18.03  ? 552 LEU A CB  1 
ATOM   78  C CG  . LEU A 1 12  ? -8.415  5.902   4.120   1.00 20.61  ? 552 LEU A CG  1 
ATOM   79  C CD1 . LEU A 1 12  ? -7.403  4.834   4.483   1.00 19.82  ? 552 LEU A CD1 1 
ATOM   80  C CD2 . LEU A 1 12  ? -9.823  5.416   4.393   1.00 21.98  ? 552 LEU A CD2 1 
ATOM   81  N N   . SER A 1 13  ? -9.735  9.681   6.339   1.00 20.29  ? 553 SER A N   1 
ATOM   82  C CA  . SER A 1 13  ? -9.655  10.716  7.355   1.00 19.14  ? 553 SER A CA  1 
ATOM   83  C C   . SER A 1 13  ? -8.617  10.345  8.413   1.00 28.17  ? 553 SER A C   1 
ATOM   84  O O   . SER A 1 13  ? -8.136  9.209   8.481   1.00 29.11  ? 553 SER A O   1 
ATOM   85  C CB  . SER A 1 13  ? -11.022 10.928  8.004   1.00 22.95  ? 553 SER A CB  1 
ATOM   86  O OG  . SER A 1 13  ? -11.557 9.699   8.470   1.00 26.67  ? 553 SER A OG  1 
ATOM   87  N N   . LYS A 1 14  ? -8.279  11.325  9.258   1.00 28.87  ? 554 LYS A N   1 
ATOM   88  C CA  . LYS A 1 14  ? -7.291  11.086  10.308  1.00 31.39  ? 554 LYS A CA  1 
ATOM   89  C C   . LYS A 1 14  ? -7.792  10.054  11.313  1.00 29.57  ? 554 LYS A C   1 
ATOM   90  O O   . LYS A 1 14  ? -7.045  9.151   11.714  1.00 34.51  ? 554 LYS A O   1 
ATOM   91  C CB  . LYS A 1 14  ? -6.941  12.396  11.015  1.00 29.60  ? 554 LYS A CB  1 
ATOM   92  N N   . GLU A 1 15  ? -9.057  10.168  11.728  1.00 26.55  ? 555 GLU A N   1 
ATOM   93  C CA  . GLU A 1 15  ? -9.620  9.196   12.660  1.00 27.08  ? 555 GLU A CA  1 
ATOM   94  C C   . GLU A 1 15  ? -9.613  7.794   12.060  1.00 26.54  ? 555 GLU A C   1 
ATOM   95  O O   . GLU A 1 15  ? -9.363  6.806   12.764  1.00 26.83  ? 555 GLU A O   1 
ATOM   96  C CB  . GLU A 1 15  ? -11.039 9.614   13.050  1.00 13.08  ? 555 GLU A CB  1 
ATOM   97  N N   . GLN A 1 16  ? -9.872  7.695   10.754  1.00 27.10  ? 556 GLN A N   1 
ATOM   98  C CA  . GLN A 1 16  ? -9.831  6.412   10.065  1.00 21.59  ? 556 GLN A CA  1 
ATOM   99  C C   . GLN A 1 16  ? -8.421  5.832   10.061  1.00 20.68  ? 556 GLN A C   1 
ATOM   100 O O   . GLN A 1 16  ? -8.222  4.651   10.368  1.00 15.15  ? 556 GLN A O   1 
ATOM   101 C CB  . GLN A 1 16  ? -10.343 6.589   8.639   1.00 22.51  ? 556 GLN A CB  1 
ATOM   102 C CG  . GLN A 1 16  ? -11.243 5.483   8.145   1.00 25.71  ? 556 GLN A CG  1 
ATOM   103 C CD  . GLN A 1 16  ? -12.034 5.908   6.924   1.00 34.57  ? 556 GLN A CD  1 
ATOM   104 O OE1 . GLN A 1 16  ? -12.055 7.090   6.562   1.00 28.19  ? 556 GLN A OE1 1 
ATOM   105 N NE2 . GLN A 1 16  ? -12.689 4.948   6.276   1.00 27.22  ? 556 GLN A NE2 1 
ATOM   106 N N   . LEU A 1 17  ? -7.426  6.653   9.711   1.00 21.25  ? 557 LEU A N   1 
ATOM   107 C CA  . LEU A 1 17  ? -6.046  6.186   9.685   1.00 20.15  ? 557 LEU A CA  1 
ATOM   108 C C   . LEU A 1 17  ? -5.597  5.716   11.061  1.00 20.53  ? 557 LEU A C   1 
ATOM   109 O O   . LEU A 1 17  ? -4.931  4.680   11.184  1.00 17.02  ? 557 LEU A O   1 
ATOM   110 C CB  . LEU A 1 17  ? -5.126  7.293   9.169   1.00 18.13  ? 557 LEU A CB  1 
ATOM   111 C CG  . LEU A 1 17  ? -5.270  7.582   7.674   1.00 26.75  ? 557 LEU A CG  1 
ATOM   112 C CD1 . LEU A 1 17  ? -4.580  8.886   7.285   1.00 18.63  ? 557 LEU A CD1 1 
ATOM   113 C CD2 . LEU A 1 17  ? -4.735  6.410   6.851   1.00 16.75  ? 557 LEU A CD2 1 
ATOM   114 N N   . ARG A 1 18  ? -5.959  6.459   12.111  1.00 18.70  ? 558 ARG A N   1 
ATOM   115 C CA  . ARG A 1 18  ? -5.599  6.039   13.460  1.00 16.85  ? 558 ARG A CA  1 
ATOM   116 C C   . ARG A 1 18  ? -6.282  4.731   13.819  1.00 21.02  ? 558 ARG A C   1 
ATOM   117 O O   . ARG A 1 18  ? -5.673  3.861   14.454  1.00 24.63  ? 558 ARG A O   1 
ATOM   118 C CB  . ARG A 1 18  ? -5.952  7.128   14.476  1.00 21.07  ? 558 ARG A CB  1 
ATOM   119 N N   . SER A 1 19  ? -7.548  4.569   13.416  1.00 14.20  ? 559 SER A N   1 
ATOM   120 C CA  . SER A 1 19  ? -8.239  3.302   13.640  1.00 18.62  ? 559 SER A CA  1 
ATOM   121 C C   . SER A 1 19  ? -7.497  2.142   12.987  1.00 18.64  ? 559 SER A C   1 
ATOM   122 O O   . SER A 1 19  ? -7.155  1.156   13.650  1.00 18.24  ? 559 SER A O   1 
ATOM   123 C CB  . SER A 1 19  ? -9.668  3.379   13.104  1.00 15.13  ? 559 SER A CB  1 
ATOM   124 O OG  . SER A 1 19  ? -10.420 4.327   13.833  1.00 39.14  ? 559 SER A OG  1 
ATOM   125 N N   . ILE A 1 20  ? -7.245  2.253   11.678  1.00 13.22  ? 560 ILE A N   1 
ATOM   126 C CA  . ILE A 1 20  ? -6.612  1.181   10.916  1.00 12.07  ? 560 ILE A CA  1 
ATOM   127 C C   . ILE A 1 20  ? -5.227  0.867   11.468  1.00 16.95  ? 560 ILE A C   1 
ATOM   128 O O   . ILE A 1 20  ? -4.820  -0.301  11.536  1.00 14.89  ? 560 ILE A O   1 
ATOM   129 C CB  . ILE A 1 20  ? -6.548  1.570   9.426   1.00 10.98  ? 560 ILE A CB  1 
ATOM   130 C CG1 . ILE A 1 20  ? -7.959  1.819   8.888   1.00 12.42  ? 560 ILE A CG1 1 
ATOM   131 C CG2 . ILE A 1 20  ? -5.831  0.499   8.626   1.00 6.94   ? 560 ILE A CG2 1 
ATOM   132 C CD1 . ILE A 1 20  ? -8.000  2.573   7.578   1.00 16.87  ? 560 ILE A CD1 1 
ATOM   133 N N   . TYR A 1 21  ? -4.473  1.899   11.860  1.00 12.75  ? 561 TYR A N   1 
ATOM   134 C CA  . TYR A 1 21  ? -3.153  1.653   12.423  1.00 12.81  ? 561 TYR A CA  1 
ATOM   135 C C   . TYR A 1 21  ? -3.252  0.963   13.778  1.00 14.24  ? 561 TYR A C   1 
ATOM   136 O O   . TYR A 1 21  ? -2.483  0.039   14.066  1.00 11.20  ? 561 TYR A O   1 
ATOM   137 C CB  . TYR A 1 21  ? -2.374  2.958   12.544  1.00 11.26  ? 561 TYR A CB  1 
ATOM   138 C CG  . TYR A 1 21  ? -1.061  2.804   13.276  1.00 18.54  ? 561 TYR A CG  1 
ATOM   139 C CD1 . TYR A 1 21  ? -0.013  2.089   12.713  1.00 18.72  ? 561 TYR A CD1 1 
ATOM   140 C CD2 . TYR A 1 21  ? -0.876  3.349   14.542  1.00 17.32  ? 561 TYR A CD2 1 
ATOM   141 C CE1 . TYR A 1 21  ? 1.189   1.937   13.380  1.00 14.03  ? 561 TYR A CE1 1 
ATOM   142 C CE2 . TYR A 1 21  ? 0.318   3.199   15.216  1.00 18.06  ? 561 TYR A CE2 1 
ATOM   143 C CZ  . TYR A 1 21  ? 1.348   2.493   14.628  1.00 19.99  ? 561 TYR A CZ  1 
ATOM   144 O OH  . TYR A 1 21  ? 2.543   2.340   15.294  1.00 25.17  ? 561 TYR A OH  1 
ATOM   145 N N   . GLU A 1 22  ? -4.200  1.395   14.618  1.00 19.43  ? 562 GLU A N   1 
ATOM   146 C CA  . GLU A 1 22  ? -4.337  0.836   15.958  1.00 14.78  ? 562 GLU A CA  1 
ATOM   147 C C   . GLU A 1 22  ? -4.797  -0.616  15.941  1.00 11.13  ? 562 GLU A C   1 
ATOM   148 O O   . GLU A 1 22  ? -4.559  -1.336  16.914  1.00 16.51  ? 562 GLU A O   1 
ATOM   149 C CB  . GLU A 1 22  ? -5.305  1.684   16.782  1.00 13.56  ? 562 GLU A CB  1 
ATOM   150 N N   . SER A 1 23  ? -5.444  -1.064  14.866  1.00 14.65  ? 563 SER A N   1 
ATOM   151 C CA  . SER A 1 23  ? -5.832  -2.463  14.719  1.00 16.42  ? 563 SER A CA  1 
ATOM   152 C C   . SER A 1 23  ? -4.873  -3.247  13.828  1.00 15.05  ? 563 SER A C   1 
ATOM   153 O O   . SER A 1 23  ? -5.179  -4.377  13.438  1.00 16.97  ? 563 SER A O   1 
ATOM   154 C CB  . SER A 1 23  ? -7.260  -2.568  14.179  1.00 11.93  ? 563 SER A CB  1 
ATOM   155 O OG  . SER A 1 23  ? -7.528  -1.544  13.241  1.00 12.65  ? 563 SER A OG  1 
ATOM   156 N N   . SER A 1 24  ? -3.724  -2.675  13.500  1.00 15.73  ? 564 SER A N   1 
ATOM   157 C CA  . SER A 1 24  ? -2.685  -3.389  12.779  1.00 12.75  ? 564 SER A CA  1 
ATOM   158 C C   . SER A 1 24  ? -1.595  -3.822  13.746  1.00 13.25  ? 564 SER A C   1 
ATOM   159 O O   . SER A 1 24  ? -1.441  -3.267  14.834  1.00 18.94  ? 564 SER A O   1 
ATOM   160 C CB  . SER A 1 24  ? -2.094  -2.517  11.672  1.00 11.27  ? 564 SER A CB  1 
ATOM   161 O OG  . SER A 1 24  ? -3.103  -2.125  10.759  1.00 13.27  ? 564 SER A OG  1 
ATOM   162 N N   . LEU A 1 25  ? -0.827  -4.820  13.332  1.00 15.11  ? 565 LEU A N   1 
ATOM   163 C CA  . LEU A 1 25  ? 0.222   -5.365  14.175  1.00 15.32  ? 565 LEU A CA  1 
ATOM   164 C C   . LEU A 1 25  ? 1.593   -4.750  13.914  1.00 14.98  ? 565 LEU A C   1 
ATOM   165 O O   . LEU A 1 25  ? 2.551   -5.107  14.606  1.00 17.00  ? 565 LEU A O   1 
ATOM   166 C CB  . LEU A 1 25  ? 0.283   -6.880  13.997  1.00 16.04  ? 565 LEU A CB  1 
ATOM   167 C CG  . LEU A 1 25  ? -1.004  -7.552  14.460  1.00 10.45  ? 565 LEU A CG  1 
ATOM   168 C CD1 . LEU A 1 25  ? -1.075  -8.984  13.975  1.00 12.48  ? 565 LEU A CD1 1 
ATOM   169 C CD2 . LEU A 1 25  ? -1.090  -7.481  15.972  1.00 10.71  ? 565 LEU A CD2 1 
ATOM   170 N N   . SER A 1 26  ? 1.710   -3.843  12.943  1.00 15.82  ? 566 SER A N   1 
ATOM   171 C CA  . SER A 1 26  ? 2.961   -3.163  12.610  1.00 15.36  ? 566 SER A CA  1 
ATOM   172 C C   . SER A 1 26  ? 2.707   -2.238  11.429  1.00 18.33  ? 566 SER A C   1 
ATOM   173 O O   . SER A 1 26  ? 1.695   -2.357  10.729  1.00 16.85  ? 566 SER A O   1 
ATOM   174 C CB  . SER A 1 26  ? 4.092   -4.140  12.259  1.00 15.91  ? 566 SER A CB  1 
ATOM   175 O OG  . SER A 1 26  ? 3.884   -4.742  10.997  1.00 15.52  ? 566 SER A OG  1 
ATOM   176 N N   . ILE A 1 27  ? 3.657   -1.325  11.207  1.00 15.45  ? 567 ILE A N   1 
ATOM   177 C CA  . ILE A 1 27  ? 3.540   -0.369  10.111  1.00 9.78   ? 567 ILE A CA  1 
ATOM   178 C C   . ILE A 1 27  ? 3.470   -1.094  8.772   1.00 12.05  ? 567 ILE A C   1 
ATOM   179 O O   . ILE A 1 27  ? 2.736   -0.681  7.863   1.00 12.26  ? 567 ILE A O   1 
ATOM   180 C CB  . ILE A 1 27  ? 4.707   0.639   10.170  1.00 18.13  ? 567 ILE A CB  1 
ATOM   181 C CG1 . ILE A 1 27  ? 4.558   1.722   9.094   1.00 11.32  ? 567 ILE A CG1 1 
ATOM   182 C CG2 . ILE A 1 27  ? 6.064   -0.072  10.110  1.00 10.25  ? 567 ILE A CG2 1 
ATOM   183 C CD1 . ILE A 1 27  ? 3.410   2.664   9.364   1.00 10.09  ? 567 ILE A CD1 1 
ATOM   184 N N   . GLY A 1 28  ? 4.209   -2.201  8.635   1.00 12.93  ? 568 GLY A N   1 
ATOM   185 C CA  . GLY A 1 28  ? 4.114   -2.999  7.421   1.00 11.20  ? 568 GLY A CA  1 
ATOM   186 C C   . GLY A 1 28  ? 2.753   -3.649  7.255   1.00 14.13  ? 568 GLY A C   1 
ATOM   187 O O   . GLY A 1 28  ? 2.195   -3.679  6.149   1.00 12.55  ? 568 GLY A O   1 
ATOM   188 N N   . ASN A 1 29  ? 2.196   -4.177  8.349   1.00 10.99  ? 569 ASN A N   1 
ATOM   189 C CA  . ASN A 1 29  ? 0.843   -4.716  8.304   1.00 12.57  ? 569 ASN A CA  1 
ATOM   190 C C   . ASN A 1 29  ? -0.168  -3.640  7.923   1.00 14.95  ? 569 ASN A C   1 
ATOM   191 O O   . ASN A 1 29  ? -1.069  -3.875  7.105   1.00 13.09  ? 569 ASN A O   1 
ATOM   192 C CB  . ASN A 1 29  ? 0.485   -5.325  9.654   1.00 14.43  ? 569 ASN A CB  1 
ATOM   193 C CG  . ASN A 1 29  ? -0.870  -5.974  9.640   1.00 13.18  ? 569 ASN A CG  1 
ATOM   194 O OD1 . ASN A 1 29  ? -1.213  -6.674  8.692   1.00 13.43  ? 569 ASN A OD1 1 
ATOM   195 N ND2 . ASN A 1 29  ? -1.664  -5.724  10.673  1.00 10.68  ? 569 ASN A ND2 1 
ATOM   196 N N   . PHE A 1 30  ? -0.043  -2.459  8.530   1.00 9.97   ? 570 PHE A N   1 
ATOM   197 C CA  . PHE A 1 30  ? -0.822  -1.293  8.129   1.00 11.37  ? 570 PHE A CA  1 
ATOM   198 C C   . PHE A 1 30  ? -0.767  -1.087  6.618   1.00 13.85  ? 570 PHE A C   1 
ATOM   199 O O   . PHE A 1 30  ? -1.806  -0.947  5.952   1.00 18.96  ? 570 PHE A O   1 
ATOM   200 C CB  . PHE A 1 30  ? -0.277  -0.077  8.884   1.00 12.07  ? 570 PHE A CB  1 
ATOM   201 C CG  . PHE A 1 30  ? -0.907  1.226   8.518   1.00 10.74  ? 570 PHE A CG  1 
ATOM   202 C CD1 . PHE A 1 30  ? -2.180  1.545   8.955   1.00 10.84  ? 570 PHE A CD1 1 
ATOM   203 C CD2 . PHE A 1 30  ? -0.199  2.162   7.784   1.00 12.73  ? 570 PHE A CD2 1 
ATOM   204 C CE1 . PHE A 1 30  ? -2.753  2.766   8.636   1.00 10.95  ? 570 PHE A CE1 1 
ATOM   205 C CE2 . PHE A 1 30  ? -0.764  3.384   7.466   1.00 14.14  ? 570 PHE A CE2 1 
ATOM   206 C CZ  . PHE A 1 30  ? -2.044  3.686   7.896   1.00 11.29  ? 570 PHE A CZ  1 
ATOM   207 N N   . ALA A 1 31  ? 0.444   -1.094  6.053   1.00 8.53   ? 571 ALA A N   1 
ATOM   208 C CA  . ALA A 1 31  ? 0.580   -0.891  4.615   1.00 10.80  ? 571 ALA A CA  1 
ATOM   209 C C   . ALA A 1 31  ? -0.121  -1.998  3.825   1.00 13.60  ? 571 ALA A C   1 
ATOM   210 O O   . ALA A 1 31  ? -0.722  -1.734  2.777   1.00 11.15  ? 571 ALA A O   1 
ATOM   211 C CB  . ALA A 1 31  ? 2.061   -0.798  4.232   1.00 9.64   ? 571 ALA A CB  1 
ATOM   212 N N   . SER A 1 32  ? -0.066  -3.244  4.316   1.00 14.70  ? 572 SER A N   1 
ATOM   213 C CA  . SER A 1 32  ? -0.730  -4.336  3.607   1.00 14.87  ? 572 SER A CA  1 
ATOM   214 C C   . SER A 1 32  ? -2.240  -4.163  3.612   1.00 16.79  ? 572 SER A C   1 
ATOM   215 O O   . SER A 1 32  ? -2.904  -4.402  2.594   1.00 15.16  ? 572 SER A O   1 
ATOM   216 C CB  . SER A 1 32  ? -0.361  -5.685  4.219   1.00 12.30  ? 572 SER A CB  1 
ATOM   217 O OG  . SER A 1 32  ? 0.933   -6.074  3.815   1.00 28.94  ? 572 SER A OG  1 
ATOM   218 N N   . ARG A 1 33  ? -2.804  -3.764  4.753   1.00 15.04  ? 573 ARG A N   1 
ATOM   219 C CA  . ARG A 1 33  ? -4.248  -3.588  4.820   1.00 12.85  ? 573 ARG A CA  1 
ATOM   220 C C   . ARG A 1 33  ? -4.696  -2.444  3.923   1.00 11.95  ? 573 ARG A C   1 
ATOM   221 O O   . ARG A 1 33  ? -5.747  -2.531  3.277   1.00 11.59  ? 573 ARG A O   1 
ATOM   222 C CB  . ARG A 1 33  ? -4.677  -3.361  6.267   1.00 10.39  ? 573 ARG A CB  1 
ATOM   223 C CG  . ARG A 1 33  ? -4.226  -4.467  7.184   1.00 10.39  ? 573 ARG A CG  1 
ATOM   224 C CD  . ARG A 1 33  ? -5.317  -4.832  8.141   1.00 13.21  ? 573 ARG A CD  1 
ATOM   225 N NE  . ARG A 1 33  ? -5.342  -3.940  9.291   1.00 19.78  ? 573 ARG A NE  1 
ATOM   226 C CZ  . ARG A 1 33  ? -6.453  -3.555  9.911   1.00 15.63  ? 573 ARG A CZ  1 
ATOM   227 N NH1 . ARG A 1 33  ? -7.637  -3.972  9.471   1.00 10.89  ? 573 ARG A NH1 1 
ATOM   228 N NH2 . ARG A 1 33  ? -6.376  -2.744  10.960  1.00 13.68  ? 573 ARG A NH2 1 
ATOM   229 N N   . LEU A 1 34  ? -3.907  -1.368  3.862   1.00 10.58  ? 574 LEU A N   1 
ATOM   230 C CA  . LEU A 1 34  ? -4.201  -0.315  2.893   1.00 15.02  ? 574 LEU A CA  1 
ATOM   231 C C   . LEU A 1 34  ? -4.131  -0.847  1.466   1.00 15.96  ? 574 LEU A C   1 
ATOM   232 O O   . LEU A 1 34  ? -4.940  -0.460  0.612   1.00 16.43  ? 574 LEU A O   1 
ATOM   233 C CB  . LEU A 1 34  ? -3.238  0.857   3.074   1.00 11.17  ? 574 LEU A CB  1 
ATOM   234 C CG  . LEU A 1 34  ? -3.479  1.655   4.351   1.00 16.13  ? 574 LEU A CG  1 
ATOM   235 C CD1 . LEU A 1 34  ? -2.447  2.751   4.472   1.00 14.40  ? 574 LEU A CD1 1 
ATOM   236 C CD2 . LEU A 1 34  ? -4.887  2.232   4.333   1.00 15.81  ? 574 LEU A CD2 1 
ATOM   237 N N   . LEU A 1 35  ? -3.169  -1.733  1.187   1.00 11.62  ? 575 LEU A N   1 
ATOM   238 C CA  . LEU A 1 35  ? -3.081  -2.348  -0.136  1.00 14.16  ? 575 LEU A CA  1 
ATOM   239 C C   . LEU A 1 35  ? -4.377  -3.064  -0.497  1.00 14.34  ? 575 LEU A C   1 
ATOM   240 O O   . LEU A 1 35  ? -4.969  -2.815  -1.555  1.00 13.89  ? 575 LEU A O   1 
ATOM   241 C CB  . LEU A 1 35  ? -1.906  -3.329  -0.195  1.00 8.70   ? 575 LEU A CB  1 
ATOM   242 C CG  . LEU A 1 35  ? -1.774  -4.088  -1.521  1.00 9.12   ? 575 LEU A CG  1 
ATOM   243 C CD1 . LEU A 1 35  ? -1.402  -3.133  -2.628  1.00 9.73   ? 575 LEU A CD1 1 
ATOM   244 C CD2 . LEU A 1 35  ? -0.761  -5.216  -1.436  1.00 14.79  ? 575 LEU A CD2 1 
ATOM   245 N N   . VAL A 1 36  ? -4.832  -3.960  0.380   1.00 12.89  ? 576 VAL A N   1 
ATOM   246 C CA  . VAL A 1 36  ? -6.045  -4.722  0.112   1.00 13.60  ? 576 VAL A CA  1 
ATOM   247 C C   . VAL A 1 36  ? -7.252  -3.795  0.008   1.00 17.53  ? 576 VAL A C   1 
ATOM   248 O O   . VAL A 1 36  ? -8.184  -4.057  -0.764  1.00 16.56  ? 576 VAL A O   1 
ATOM   249 C CB  . VAL A 1 36  ? -6.222  -5.799  1.200   1.00 14.54  ? 576 VAL A CB  1 
ATOM   250 C CG1 . VAL A 1 36  ? -7.556  -6.515  1.066   1.00 9.37   ? 576 VAL A CG1 1 
ATOM   251 C CG2 . VAL A 1 36  ? -5.073  -6.800  1.126   1.00 13.88  ? 576 VAL A CG2 1 
ATOM   252 N N   . HIS A 1 37  ? -7.240  -2.682  0.741   1.00 17.25  ? 577 HIS A N   1 
ATOM   253 C CA  . HIS A 1 37  ? -8.383  -1.777  0.706   1.00 13.83  ? 577 HIS A CA  1 
ATOM   254 C C   . HIS A 1 37  ? -8.430  -0.977  -0.592  1.00 18.50  ? 577 HIS A C   1 
ATOM   255 O O   . HIS A 1 37  ? -9.516  -0.732  -1.133  1.00 16.71  ? 577 HIS A O   1 
ATOM   256 C CB  . HIS A 1 37  ? -8.344  -0.843  1.915   1.00 14.84  ? 577 HIS A CB  1 
ATOM   257 C CG  . HIS A 1 37  ? -9.294  0.310   1.821   1.00 19.17  ? 577 HIS A CG  1 
ATOM   258 N ND1 . HIS A 1 37  ? -10.664 0.150   1.772   1.00 17.48  ? 577 HIS A ND1 1 
ATOM   259 C CD2 . HIS A 1 37  ? -9.070  1.645   1.766   1.00 14.29  ? 577 HIS A CD2 1 
ATOM   260 C CE1 . HIS A 1 37  ? -11.240 1.334   1.693   1.00 15.05  ? 577 HIS A CE1 1 
ATOM   261 N NE2 . HIS A 1 37  ? -10.295 2.259   1.690   1.00 16.17  ? 577 HIS A NE2 1 
ATOM   262 N N   . LEU A 1 38  ? -7.266  -0.557  -1.111  1.00 16.99  ? 578 LEU A N   1 
ATOM   263 C CA  . LEU A 1 38  ? -7.227  0.330   -2.272  1.00 14.94  ? 578 LEU A CA  1 
ATOM   264 C C   . LEU A 1 38  ? -7.206  -0.403  -3.608  1.00 13.76  ? 578 LEU A C   1 
ATOM   265 O O   . LEU A 1 38  ? -7.456  0.225   -4.642  1.00 15.42  ? 578 LEU A O   1 
ATOM   266 C CB  . LEU A 1 38  ? -6.015  1.261   -2.196  1.00 11.71  ? 578 LEU A CB  1 
ATOM   267 C CG  . LEU A 1 38  ? -6.183  2.464   -1.269  1.00 14.18  ? 578 LEU A CG  1 
ATOM   268 C CD1 . LEU A 1 38  ? -4.933  3.318   -1.240  1.00 15.50  ? 578 LEU A CD1 1 
ATOM   269 C CD2 . LEU A 1 38  ? -7.368  3.280   -1.711  1.00 18.01  ? 578 LEU A CD2 1 
ATOM   270 N N   . PHE A 1 39  ? -6.927  -1.705  -3.621  1.00 14.12  ? 579 PHE A N   1 
ATOM   271 C CA  . PHE A 1 39  ? -6.995  -2.522  -4.832  1.00 11.22  ? 579 PHE A CA  1 
ATOM   272 C C   . PHE A 1 39  ? -8.028  -3.635  -4.667  1.00 13.27  ? 579 PHE A C   1 
ATOM   273 O O   . PHE A 1 39  ? -7.700  -4.821  -4.789  1.00 14.54  ? 579 PHE A O   1 
ATOM   274 C CB  . PHE A 1 39  ? -5.625  -3.116  -5.162  1.00 12.81  ? 579 PHE A CB  1 
ATOM   275 C CG  . PHE A 1 39  ? -4.585  -2.097  -5.565  1.00 15.34  ? 579 PHE A CG  1 
ATOM   276 C CD1 . PHE A 1 39  ? -3.830  -1.438  -4.606  1.00 14.19  ? 579 PHE A CD1 1 
ATOM   277 C CD2 . PHE A 1 39  ? -4.351  -1.815  -6.902  1.00 13.21  ? 579 PHE A CD2 1 
ATOM   278 C CE1 . PHE A 1 39  ? -2.868  -0.510  -4.974  1.00 13.13  ? 579 PHE A CE1 1 
ATOM   279 C CE2 . PHE A 1 39  ? -3.394  -0.884  -7.274  1.00 11.06  ? 579 PHE A CE2 1 
ATOM   280 C CZ  . PHE A 1 39  ? -2.647  -0.237  -6.307  1.00 15.27  ? 579 PHE A CZ  1 
ATOM   281 N N   . PRO A 1 40  ? -9.292  -3.295  -4.397  1.00 14.77  ? 580 PRO A N   1 
ATOM   282 C CA  . PRO A 1 40  ? -10.268 -4.361  -4.127  1.00 16.70  ? 580 PRO A CA  1 
ATOM   283 C C   . PRO A 1 40  ? -10.475 -5.289  -5.308  1.00 19.81  ? 580 PRO A C   1 
ATOM   284 O O   . PRO A 1 40  ? -10.735 -6.485  -5.113  1.00 17.01  ? 580 PRO A O   1 
ATOM   285 C CB  . PRO A 1 40  ? -11.545 -3.585  -3.776  1.00 15.02  ? 580 PRO A CB  1 
ATOM   286 C CG  . PRO A 1 40  ? -11.396 -2.294  -4.465  1.00 16.41  ? 580 PRO A CG  1 
ATOM   287 C CD  . PRO A 1 40  ? -9.932  -1.968  -4.416  1.00 15.08  ? 580 PRO A CD  1 
ATOM   288 N N   . GLU A 1 41  ? -10.336 -4.782  -6.534  1.00 16.11  ? 581 GLU A N   1 
ATOM   289 C CA  . GLU A 1 41  ? -10.534 -5.623  -7.706  1.00 13.35  ? 581 GLU A CA  1 
ATOM   290 C C   . GLU A 1 41  ? -9.457  -6.693  -7.856  1.00 13.70  ? 581 GLU A C   1 
ATOM   291 O O   . GLU A 1 41  ? -9.618  -7.595  -8.685  1.00 13.81  ? 581 GLU A O   1 
ATOM   292 C CB  . GLU A 1 41  ? -10.607 -4.755  -8.966  1.00 11.83  ? 581 GLU A CB  1 
ATOM   293 C CG  . GLU A 1 41  ? -9.313  -4.049  -9.340  1.00 17.69  ? 581 GLU A CG  1 
ATOM   294 C CD  . GLU A 1 41  ? -9.039  -2.813  -8.499  1.00 21.39  ? 581 GLU A CD  1 
ATOM   295 O OE1 . GLU A 1 41  ? -9.820  -2.528  -7.565  1.00 21.17  ? 581 GLU A OE1 1 
ATOM   296 O OE2 . GLU A 1 41  ? -8.036  -2.125  -8.772  1.00 20.13  ? 581 GLU A OE2 1 
ATOM   297 N N   . LEU A 1 42  ? -8.379  -6.632  -7.071  1.00 17.80  ? 582 LEU A N   1 
ATOM   298 C CA  . LEU A 1 42  ? -7.315  -7.626  -7.140  1.00 13.39  ? 582 LEU A CA  1 
ATOM   299 C C   . LEU A 1 42  ? -7.388  -8.675  -6.040  1.00 15.43  ? 582 LEU A C   1 
ATOM   300 O O   . LEU A 1 42  ? -6.655  -9.662  -6.109  1.00 12.82  ? 582 LEU A O   1 
ATOM   301 C CB  . LEU A 1 42  ? -5.947  -6.944  -7.082  1.00 14.27  ? 582 LEU A CB  1 
ATOM   302 C CG  . LEU A 1 42  ? -5.628  -5.923  -8.174  1.00 14.29  ? 582 LEU A CG  1 
ATOM   303 C CD1 . LEU A 1 42  ? -4.248  -5.339  -7.925  1.00 10.23  ? 582 LEU A CD1 1 
ATOM   304 C CD2 . LEU A 1 42  ? -5.722  -6.544  -9.561  1.00 9.16   ? 582 LEU A CD2 1 
ATOM   305 N N   . PHE A 1 43  ? -8.252  -8.496  -5.038  1.00 16.53  ? 583 PHE A N   1 
ATOM   306 C CA  . PHE A 1 43  ? -8.336  -9.396  -3.893  1.00 17.15  ? 583 PHE A CA  1 
ATOM   307 C C   . PHE A 1 43  ? -9.697  -10.089 -3.803  1.00 29.56  ? 583 PHE A C   1 
ATOM   308 O O   . PHE A 1 43  ? -10.165 -10.416 -2.706  1.00 20.44  ? 583 PHE A O   1 
ATOM   309 C CB  . PHE A 1 43  ? -8.028  -8.642  -2.598  1.00 12.78  ? 583 PHE A CB  1 
ATOM   310 C CG  . PHE A 1 43  ? -6.610  -8.182  -2.500  1.00 14.51  ? 583 PHE A CG  1 
ATOM   311 C CD1 . PHE A 1 43  ? -5.630  -9.023  -1.998  1.00 22.46  ? 583 PHE A CD1 1 
ATOM   312 C CD2 . PHE A 1 43  ? -6.247  -6.924  -2.930  1.00 15.02  ? 583 PHE A CD2 1 
ATOM   313 C CE1 . PHE A 1 43  ? -4.311  -8.612  -1.917  1.00 18.33  ? 583 PHE A CE1 1 
ATOM   314 C CE2 . PHE A 1 43  ? -4.934  -6.505  -2.850  1.00 15.73  ? 583 PHE A CE2 1 
ATOM   315 C CZ  . PHE A 1 43  ? -3.967  -7.349  -2.340  1.00 18.85  ? 583 PHE A CZ  1 
ATOM   316 N N   . THR A 1 44  ? -10.341 -10.317 -4.948  1.00 26.80  ? 584 THR A N   1 
ATOM   317 C CA  . THR A 1 44  ? -11.555 -11.120 -5.013  1.00 16.54  ? 584 THR A CA  1 
ATOM   318 C C   . THR A 1 44  ? -11.180 -12.602 -5.050  1.00 27.60  ? 584 THR A C   1 
ATOM   319 O O   . THR A 1 44  ? -10.020 -12.985 -4.880  1.00 25.68  ? 584 THR A O   1 
ATOM   320 C CB  . THR A 1 44  ? -12.380 -10.755 -6.242  1.00 23.87  ? 584 THR A CB  1 
ATOM   321 O OG1 . THR A 1 44  ? -11.691 -11.206 -7.419  1.00 22.99  ? 584 THR A OG1 1 
ATOM   322 C CG2 . THR A 1 44  ? -12.623 -9.247  -6.321  1.00 11.50  ? 584 THR A CG2 1 
ATOM   323 N N   . HIS A 1 45  ? -12.170 -13.456 -5.311  1.00 30.91  ? 585 HIS A N   1 
ATOM   324 C CA  . HIS A 1 45  ? -11.909 -14.881 -5.477  1.00 31.58  ? 585 HIS A CA  1 
ATOM   325 C C   . HIS A 1 45  ? -11.074 -15.188 -6.718  1.00 31.60  ? 585 HIS A C   1 
ATOM   326 O O   . HIS A 1 45  ? -10.596 -16.320 -6.857  1.00 32.21  ? 585 HIS A O   1 
ATOM   327 C CB  . HIS A 1 45  ? -13.232 -15.646 -5.542  1.00 27.36  ? 585 HIS A CB  1 
ATOM   328 C CG  . HIS A 1 45  ? -14.090 -15.255 -6.702  1.00 32.18  ? 585 HIS A CG  1 
ATOM   329 N ND1 . HIS A 1 45  ? -14.890 -14.132 -6.690  1.00 39.14  ? 585 HIS A ND1 1 
ATOM   330 C CD2 . HIS A 1 45  ? -14.257 -15.822 -7.920  1.00 31.07  ? 585 HIS A CD2 1 
ATOM   331 C CE1 . HIS A 1 45  ? -15.520 -14.029 -7.847  1.00 39.81  ? 585 HIS A CE1 1 
ATOM   332 N NE2 . HIS A 1 45  ? -15.152 -15.043 -8.613  1.00 39.49  ? 585 HIS A NE2 1 
ATOM   333 N N   . GLU A 1 46  ? -10.890 -14.219 -7.622  1.00 25.79  ? 586 GLU A N   1 
ATOM   334 C CA  . GLU A 1 46  ? -10.075 -14.456 -8.808  1.00 25.87  ? 586 GLU A CA  1 
ATOM   335 C C   . GLU A 1 46  ? -8.585  -14.240 -8.552  1.00 27.38  ? 586 GLU A C   1 
ATOM   336 O O   . GLU A 1 46  ? -7.762  -14.711 -9.344  1.00 26.36  ? 586 GLU A O   1 
ATOM   337 C CB  . GLU A 1 46  ? -10.540 -13.561 -9.959  1.00 17.13  ? 586 GLU A CB  1 
ATOM   338 N N   . ASN A 1 47  ? -8.229  -13.535 -7.474  1.00 21.07  ? 587 ASN A N   1 
ATOM   339 C CA  . ASN A 1 47  ? -6.838  -13.390 -7.038  1.00 20.04  ? 587 ASN A CA  1 
ATOM   340 C C   . ASN A 1 47  ? -5.954  -12.772 -8.121  1.00 19.22  ? 587 ASN A C   1 
ATOM   341 O O   . ASN A 1 47  ? -4.822  -13.208 -8.350  1.00 18.03  ? 587 ASN A O   1 
ATOM   342 C CB  . ASN A 1 47  ? -6.270  -14.734 -6.579  1.00 19.80  ? 587 ASN A CB  1 
ATOM   343 C CG  . ASN A 1 47  ? -6.990  -15.295 -5.364  1.00 23.16  ? 587 ASN A CG  1 
ATOM   344 O OD1 . ASN A 1 47  ? -7.400  -14.556 -4.467  1.00 23.92  ? 587 ASN A OD1 1 
ATOM   345 N ND2 . ASN A 1 47  ? -7.136  -16.614 -5.325  1.00 23.82  ? 587 ASN A ND2 1 
ATOM   346 N N   . LEU A 1 48  ? -6.465  -11.737 -8.792  1.00 13.93  ? 588 LEU A N   1 
ATOM   347 C CA  . LEU A 1 48  ? -5.678  -11.069 -9.825  1.00 18.30  ? 588 LEU A CA  1 
ATOM   348 C C   . LEU A 1 48  ? -4.405  -10.453 -9.255  1.00 22.26  ? 588 LEU A C   1 
ATOM   349 O O   . LEU A 1 48  ? -3.453  -10.205 -10.008 1.00 19.24  ? 588 LEU A O   1 
ATOM   350 C CB  . LEU A 1 48  ? -6.526  -9.998  -10.514 1.00 15.68  ? 588 LEU A CB  1 
ATOM   351 C CG  . LEU A 1 48  ? -7.883  -10.469 -11.046 1.00 26.84  ? 588 LEU A CG  1 
ATOM   352 C CD1 . LEU A 1 48  ? -8.588  -9.343  -11.792 1.00 26.80  ? 588 LEU A CD1 1 
ATOM   353 C CD2 . LEU A 1 48  ? -7.735  -11.703 -11.934 1.00 22.83  ? 588 LEU A CD2 1 
ATOM   354 N N   . ARG A 1 49  ? -4.335  -10.309 -7.952  1.00 18.93  ? 589 ARG A N   1 
ATOM   355 C CA  . ARG A 1 49  ? -3.200  -9.819  -7.238  1.00 16.31  ? 589 ARG A CA  1 
ATOM   356 C C   . ARG A 1 49  ? -1.976  -10.630 -7.567  1.00 23.12  ? 589 ARG A C   1 
ATOM   357 O O   . ARG A 1 49  ? -0.906  -10.111 -7.586  1.00 22.01  ? 589 ARG A O   1 
ATOM   358 C CB  . ARG A 1 49  ? -3.493  -9.967  -5.767  1.00 20.33  ? 589 ARG A CB  1 
ATOM   359 C CG  . ARG A 1 49  ? -3.764  -11.392 -5.385  1.00 17.78  ? 589 ARG A CG  1 
ATOM   360 C CD  . ARG A 1 49  ? -3.977  -11.682 -3.942  1.00 16.58  ? 589 ARG A CD  1 
ATOM   361 N NE  . ARG A 1 49  ? -4.177  -13.093 -3.751  1.00 23.14  ? 589 ARG A NE  1 
ATOM   362 C CZ  . ARG A 1 49  ? -4.447  -13.694 -2.618  1.00 18.31  ? 589 ARG A CZ  1 
ATOM   363 N NH1 . ARG A 1 49  ? -4.578  -13.053 -1.533  1.00 26.20  ? 589 ARG A NH1 1 
ATOM   364 N NH2 . ARG A 1 49  ? -4.604  -14.966 -2.585  1.00 30.24  ? 589 ARG A NH2 1 
ATOM   365 N N   . LYS A 1 50  ? -2.137  -11.911 -7.836  1.00 20.18  ? 590 LYS A N   1 
ATOM   366 C CA  . LYS A 1 50  ? -1.009  -12.788 -8.125  1.00 21.97  ? 590 LYS A CA  1 
ATOM   367 C C   . LYS A 1 50  ? -0.285  -12.423 -9.411  1.00 22.33  ? 590 LYS A C   1 
ATOM   368 O O   . LYS A 1 50  ? 0.810   -12.943 -9.647  1.00 23.10  ? 590 LYS A O   1 
ATOM   369 C CB  . LYS A 1 50  ? -1.478  -14.243 -8.196  1.00 28.24  ? 590 LYS A CB  1 
ATOM   370 C CG  . LYS A 1 50  ? -1.760  -14.872 -6.844  1.00 24.32  ? 590 LYS A CG  1 
ATOM   371 C CD  . LYS A 1 50  ? -2.387  -16.248 -6.998  1.00 22.95  ? 590 LYS A CD  1 
ATOM   372 C CE  . LYS A 1 50  ? -2.622  -16.898 -5.635  1.00 36.99  ? 590 LYS A CE  1 
ATOM   373 N NZ  . LYS A 1 50  ? -3.450  -18.135 -5.734  1.00 38.77  ? 590 LYS A NZ  1 
ATOM   374 N N   . GLN A 1 51  ? -0.850  -11.555 -10.243 1.00 20.20  ? 591 GLN A N   1 
ATOM   375 C CA  . GLN A 1 51  ? -0.150  -11.121 -11.444 1.00 18.59  ? 591 GLN A CA  1 
ATOM   376 C C   . GLN A 1 51  ? 0.642   -9.838  -11.235 1.00 20.43  ? 591 GLN A C   1 
ATOM   377 O O   . GLN A 1 51  ? 1.311   -9.383  -12.172 1.00 20.76  ? 591 GLN A O   1 
ATOM   378 C CB  . GLN A 1 51  ? -1.143  -10.935 -12.599 1.00 16.16  ? 591 GLN A CB  1 
ATOM   379 C CG  . GLN A 1 51  ? -1.857  -12.214 -13.020 1.00 21.14  ? 591 GLN A CG  1 
ATOM   380 C CD  . GLN A 1 51  ? -3.078  -11.945 -13.896 1.00 43.32  ? 591 GLN A CD  1 
ATOM   381 O OE1 . GLN A 1 51  ? -4.218  -12.225 -13.504 1.00 24.77  ? 591 GLN A OE1 1 
ATOM   382 N NE2 . GLN A 1 51  ? -2.843  -11.400 -15.093 1.00 36.97  ? 591 GLN A NE2 1 
ATOM   383 N N   . TYR A 1 52  ? 0.605   -9.261  -10.031 1.00 19.05  ? 592 TYR A N   1 
ATOM   384 C CA  . TYR A 1 52  ? 1.102   -7.915  -9.784  1.00 20.75  ? 592 TYR A CA  1 
ATOM   385 C C   . TYR A 1 52  ? 2.177   -7.896  -8.706  1.00 17.49  ? 592 TYR A C   1 
ATOM   386 O O   . TYR A 1 52  ? 2.234   -8.769  -7.837  1.00 18.49  ? 592 TYR A O   1 
ATOM   387 C CB  . TYR A 1 52  ? -0.036  -6.970  -9.353  1.00 17.09  ? 592 TYR A CB  1 
ATOM   388 C CG  . TYR A 1 52  ? -1.030  -6.683  -10.444 1.00 15.82  ? 592 TYR A CG  1 
ATOM   389 C CD1 . TYR A 1 52  ? -2.098  -7.541  -10.673 1.00 15.09  ? 592 TYR A CD1 1 
ATOM   390 C CD2 . TYR A 1 52  ? -0.902  -5.559  -11.250 1.00 17.40  ? 592 TYR A CD2 1 
ATOM   391 C CE1 . TYR A 1 52  ? -3.009  -7.294  -11.673 1.00 15.54  ? 592 TYR A CE1 1 
ATOM   392 C CE2 . TYR A 1 52  ? -1.813  -5.299  -12.261 1.00 19.85  ? 592 TYR A CE2 1 
ATOM   393 C CZ  . TYR A 1 52  ? -2.865  -6.174  -12.467 1.00 17.65  ? 592 TYR A CZ  1 
ATOM   394 O OH  . TYR A 1 52  ? -3.780  -5.935  -13.465 1.00 26.10  ? 592 TYR A OH  1 
ATOM   395 N N   . ASN A 1 53  ? 3.026   -6.875  -8.780  1.00 16.37  ? 593 ASN A N   1 
ATOM   396 C CA  . ASN A 1 53  ? 3.829   -6.436  -7.649  1.00 14.36  ? 593 ASN A CA  1 
ATOM   397 C C   . ASN A 1 53  ? 4.058   -4.935  -7.810  1.00 13.71  ? 593 ASN A C   1 
ATOM   398 O O   . ASN A 1 53  ? 3.633   -4.333  -8.799  1.00 12.81  ? 593 ASN A O   1 
ATOM   399 C CB  . ASN A 1 53  ? 5.121   -7.253  -7.523  1.00 12.84  ? 593 ASN A CB  1 
ATOM   400 C CG  . ASN A 1 53  ? 6.041   -7.133  -8.728  1.00 13.64  ? 593 ASN A CG  1 
ATOM   401 O OD1 . ASN A 1 53  ? 5.942   -6.210  -9.535  1.00 13.29  ? 593 ASN A OD1 1 
ATOM   402 N ND2 . ASN A 1 53  ? 6.969   -8.075  -8.836  1.00 14.00  ? 593 ASN A ND2 1 
ATOM   403 N N   . CYS A 1 54  ? 4.731   -4.329  -6.822  1.00 12.32  ? 594 CYS A N   1 
ATOM   404 C CA  . CYS A 1 54  ? 4.812   -2.869  -6.767  1.00 15.15  ? 594 CYS A CA  1 
ATOM   405 C C   . CYS A 1 54  ? 5.611   -2.297  -7.929  1.00 16.53  ? 594 CYS A C   1 
ATOM   406 O O   . CYS A 1 54  ? 5.298   -1.213  -8.427  1.00 18.59  ? 594 CYS A O   1 
ATOM   407 C CB  . CYS A 1 54  ? 5.438   -2.411  -5.452  1.00 21.70  ? 594 CYS A CB  1 
ATOM   408 S SG  . CYS A 1 54  ? 4.349   -2.475  -4.028  1.00 30.68  ? 594 CYS A SG  1 
ATOM   409 N N   . SER A 1 55  ? 6.652   -2.997  -8.365  1.00 16.08  ? 595 SER A N   1 
ATOM   410 C CA  . SER A 1 55  ? 7.589   -2.435  -9.327  1.00 17.96  ? 595 SER A CA  1 
ATOM   411 C C   . SER A 1 55  ? 7.338   -2.888  -10.754 1.00 16.80  ? 595 SER A C   1 
ATOM   412 O O   . SER A 1 55  ? 7.876   -2.272  -11.683 1.00 17.38  ? 595 SER A O   1 
ATOM   413 C CB  . SER A 1 55  ? 9.024   -2.797  -8.929  1.00 18.88  ? 595 SER A CB  1 
ATOM   414 O OG  . SER A 1 55  ? 9.253   -2.472  -7.565  1.00 27.31  ? 595 SER A OG  1 
ATOM   415 N N   . GLY A 1 56  ? 6.528   -3.922  -10.956 1.00 15.76  ? 596 GLY A N   1 
ATOM   416 C CA  . GLY A 1 56  ? 6.460   -4.547  -12.259 1.00 13.35  ? 596 GLY A CA  1 
ATOM   417 C C   . GLY A 1 56  ? 7.711   -5.327  -12.578 1.00 15.51  ? 596 GLY A C   1 
ATOM   418 O O   . GLY A 1 56  ? 8.086   -5.444  -13.749 1.00 22.88  ? 596 GLY A O   1 
ATOM   419 N N   . SER A 1 57  ? 8.378   -5.847  -11.555 1.00 14.47  ? 597 SER A N   1 
ATOM   420 C CA  . SER A 1 57  ? 9.607   -6.608  -11.691 1.00 15.49  ? 597 SER A CA  1 
ATOM   421 C C   . SER A 1 57  ? 9.308   -8.103  -11.751 1.00 17.28  ? 597 SER A C   1 
ATOM   422 O O   . SER A 1 57  ? 8.193   -8.553  -11.478 1.00 14.10  ? 597 SER A O   1 
ATOM   423 C CB  . SER A 1 57  ? 10.542  -6.309  -10.523 1.00 18.24  ? 597 SER A CB  1 
ATOM   424 O OG  . SER A 1 57  ? 9.944   -6.686  -9.292  1.00 14.64  ? 597 SER A OG  1 
ATOM   425 N N   . LEU A 1 58  ? 10.335  -8.875  -12.125 1.00 15.38  ? 598 LEU A N   1 
ATOM   426 C CA  . LEU A 1 58  ? 10.281  -10.337 -12.093 1.00 13.30  ? 598 LEU A CA  1 
ATOM   427 C C   . LEU A 1 58  ? 9.116   -10.879 -12.916 1.00 17.54  ? 598 LEU A C   1 
ATOM   428 O O   . LEU A 1 58  ? 8.522   -11.904 -12.574 1.00 23.75  ? 598 LEU A O   1 
ATOM   429 C CB  . LEU A 1 58  ? 10.202  -10.847 -10.649 1.00 14.33  ? 598 LEU A CB  1 
ATOM   430 C CG  . LEU A 1 58  ? 11.301  -10.360 -9.696  1.00 17.74  ? 598 LEU A CG  1 
ATOM   431 C CD1 . LEU A 1 58  ? 10.989  -10.727 -8.256  1.00 15.10  ? 598 LEU A CD1 1 
ATOM   432 C CD2 . LEU A 1 58  ? 12.662  -10.919 -10.115 1.00 12.84  ? 598 LEU A CD2 1 
ATOM   433 N N   . GLY A 1 59  ? 8.759   -10.180 -13.992 1.00 21.42  ? 599 GLY A N   1 
ATOM   434 C CA  . GLY A 1 59  ? 7.715   -10.635 -14.889 1.00 22.02  ? 599 GLY A CA  1 
ATOM   435 C C   . GLY A 1 59  ? 6.293   -10.368 -14.450 1.00 21.66  ? 599 GLY A C   1 
ATOM   436 O O   . GLY A 1 59  ? 5.365   -10.877 -15.086 1.00 24.64  ? 599 GLY A O   1 
ATOM   437 N N   . LYS A 1 60  ? 6.088   -9.595  -13.388 1.00 22.54  ? 600 LYS A N   1 
ATOM   438 C CA  . LYS A 1 60  ? 4.754   -9.229  -12.931 1.00 16.24  ? 600 LYS A CA  1 
ATOM   439 C C   . LYS A 1 60  ? 4.338   -7.882  -13.515 1.00 16.20  ? 600 LYS A C   1 
ATOM   440 O O   . LYS A 1 60  ? 5.165   -7.093  -13.973 1.00 18.68  ? 600 LYS A O   1 
ATOM   441 C CB  . LYS A 1 60  ? 4.707   -9.164  -11.403 1.00 18.75  ? 600 LYS A CB  1 
ATOM   442 C CG  . LYS A 1 60  ? 5.124   -10.451 -10.691 1.00 19.62  ? 600 LYS A CG  1 
ATOM   443 C CD  . LYS A 1 60  ? 4.031   -11.510 -10.769 1.00 24.74  ? 600 LYS A CD  1 
ATOM   444 C CE  . LYS A 1 60  ? 4.487   -12.836 -10.180 1.00 29.13  ? 600 LYS A CE  1 
ATOM   445 N NZ  . LYS A 1 60  ? 4.838   -12.740 -8.734  1.00 35.16  ? 600 LYS A NZ  1 
ATOM   446 N N   . LYS A 1 61  ? 3.033   -7.625  -13.494 1.00 21.95  ? 601 LYS A N   1 
ATOM   447 C CA  . LYS A 1 61  ? 2.527   -6.303  -13.825 1.00 17.70  ? 601 LYS A CA  1 
ATOM   448 C C   . LYS A 1 61  ? 2.759   -5.351  -12.657 1.00 17.74  ? 601 LYS A C   1 
ATOM   449 O O   . LYS A 1 61  ? 2.907   -5.766  -11.503 1.00 19.08  ? 601 LYS A O   1 
ATOM   450 C CB  . LYS A 1 61  ? 1.033   -6.350  -14.154 1.00 18.82  ? 601 LYS A CB  1 
ATOM   451 C CG  . LYS A 1 61  ? 0.615   -7.445  -15.113 1.00 14.61  ? 601 LYS A CG  1 
ATOM   452 C CD  . LYS A 1 61  ? -0.891  -7.465  -15.280 1.00 23.02  ? 601 LYS A CD  1 
ATOM   453 C CE  . LYS A 1 61  ? -1.335  -8.564  -16.228 1.00 30.99  ? 601 LYS A CE  1 
ATOM   454 N NZ  . LYS A 1 61  ? -2.803  -8.512  -16.465 1.00 33.68  ? 601 LYS A NZ  1 
ATOM   455 N N   . GLN A 1 62  ? 2.765   -4.058  -12.960 1.00 14.42  ? 602 GLN A N   1 
ATOM   456 C CA  . GLN A 1 62  ? 2.968   -3.042  -11.938 1.00 15.37  ? 602 GLN A CA  1 
ATOM   457 C C   . GLN A 1 62  ? 1.639   -2.628  -11.315 1.00 15.84  ? 602 GLN A C   1 
ATOM   458 O O   . GLN A 1 62  ? 0.663   -2.374  -12.030 1.00 16.31  ? 602 GLN A O   1 
ATOM   459 C CB  . GLN A 1 62  ? 3.672   -1.822  -12.526 1.00 13.62  ? 602 GLN A CB  1 
ATOM   460 C CG  . GLN A 1 62  ? 3.892   -0.740  -11.504 1.00 11.44  ? 602 GLN A CG  1 
ATOM   461 C CD  . GLN A 1 62  ? 4.891   0.290   -11.949 1.00 14.33  ? 602 GLN A CD  1 
ATOM   462 O OE1 . GLN A 1 62  ? 5.634   0.833   -11.135 1.00 21.01  ? 602 GLN A OE1 1 
ATOM   463 N NE2 . GLN A 1 62  ? 4.912   0.577   -13.242 1.00 11.64  ? 602 GLN A NE2 1 
ATOM   464 N N   . LEU A 1 63  ? 1.606   -2.564  -9.986  1.00 12.08  ? 603 LEU A N   1 
ATOM   465 C CA  . LEU A 1 63  ? 0.463   -1.986  -9.291  1.00 12.62  ? 603 LEU A CA  1 
ATOM   466 C C   . LEU A 1 63  ? 0.386   -0.492  -9.578  1.00 11.23  ? 603 LEU A C   1 
ATOM   467 O O   . LEU A 1 63  ? 1.411   0.190   -9.646  1.00 16.31  ? 603 LEU A O   1 
ATOM   468 C CB  . LEU A 1 63  ? 0.578   -2.213  -7.784  1.00 12.44  ? 603 LEU A CB  1 
ATOM   469 C CG  . LEU A 1 63  ? 0.479   -3.641  -7.255  1.00 17.22  ? 603 LEU A CG  1 
ATOM   470 C CD1 . LEU A 1 63  ? 1.075   -3.744  -5.854  1.00 7.82   ? 603 LEU A CD1 1 
ATOM   471 C CD2 . LEU A 1 63  ? -0.974  -4.086  -7.252  1.00 16.07  ? 603 LEU A CD2 1 
ATOM   472 N N   . ASP A 1 64  ? -0.835  0.015   -9.736  1.00 8.77   ? 604 ASP A N   1 
ATOM   473 C CA  . ASP A 1 64  ? -1.099  1.431   -9.991  1.00 14.67  ? 604 ASP A CA  1 
ATOM   474 C C   . ASP A 1 64  ? -0.213  2.320   -9.123  1.00 15.71  ? 604 ASP A C   1 
ATOM   475 O O   . ASP A 1 64  ? -0.302  2.283   -7.889  1.00 16.33  ? 604 ASP A O   1 
ATOM   476 C CB  . ASP A 1 64  ? -2.578  1.735   -9.749  1.00 14.48  ? 604 ASP A CB  1 
ATOM   477 C CG  . ASP A 1 64  ? -2.951  3.169   -10.062 1.00 18.94  ? 604 ASP A CG  1 
ATOM   478 O OD1 . ASP A 1 64  ? -2.106  3.918   -10.598 1.00 25.32  ? 604 ASP A OD1 1 
ATOM   479 O OD2 . ASP A 1 64  ? -4.105  3.544   -9.768  1.00 19.46  ? 604 ASP A OD2 1 
ATOM   480 N N   . PRO A 1 65  ? 0.676   3.108   -9.732  1.00 14.56  ? 605 PRO A N   1 
ATOM   481 C CA  . PRO A 1 65  ? 1.575   3.951   -8.931  1.00 12.11  ? 605 PRO A CA  1 
ATOM   482 C C   . PRO A 1 65  ? 0.873   5.069   -8.180  1.00 16.39  ? 605 PRO A C   1 
ATOM   483 O O   . PRO A 1 65  ? 1.425   5.545   -7.182  1.00 12.84  ? 605 PRO A O   1 
ATOM   484 C CB  . PRO A 1 65  ? 2.549   4.516   -9.973  1.00 11.17  ? 605 PRO A CB  1 
ATOM   485 C CG  . PRO A 1 65  ? 2.480   3.559   -11.110 1.00 12.67  ? 605 PRO A CG  1 
ATOM   486 C CD  . PRO A 1 65  ? 1.051   3.105   -11.154 1.00 12.86  ? 605 PRO A CD  1 
ATOM   487 N N   . ALA A 1 66  ? -0.306  5.517   -8.624  1.00 13.55  ? 606 ALA A N   1 
ATOM   488 C CA  . ALA A 1 66  ? -1.008  6.562   -7.884  1.00 18.51  ? 606 ALA A CA  1 
ATOM   489 C C   . ALA A 1 66  ? -1.490  6.040   -6.534  1.00 14.88  ? 606 ALA A C   1 
ATOM   490 O O   . ALA A 1 66  ? -1.326  6.702   -5.498  1.00 13.70  ? 606 ALA A O   1 
ATOM   491 C CB  . ALA A 1 66  ? -2.174  7.109   -8.715  1.00 8.31   ? 606 ALA A CB  1 
ATOM   492 N N   . ARG A 1 67  ? -2.047  4.830   -6.522  1.00 13.41  ? 607 ARG A N   1 
ATOM   493 C CA  . ARG A 1 67  ? -2.521  4.255   -5.272  1.00 13.82  ? 607 ARG A CA  1 
ATOM   494 C C   . ARG A 1 67  ? -1.360  3.846   -4.371  1.00 12.68  ? 607 ARG A C   1 
ATOM   495 O O   . ARG A 1 67  ? -1.431  4.009   -3.147  1.00 18.25  ? 607 ARG A O   1 
ATOM   496 C CB  . ARG A 1 67  ? -3.444  3.078   -5.573  1.00 15.37  ? 607 ARG A CB  1 
ATOM   497 C CG  . ARG A 1 67  ? -4.693  3.507   -6.344  1.00 13.51  ? 607 ARG A CG  1 
ATOM   498 C CD  . ARG A 1 67  ? -5.673  2.374   -6.517  1.00 10.19  ? 607 ARG A CD  1 
ATOM   499 N NE  . ARG A 1 67  ? -5.600  1.836   -7.865  1.00 13.79  ? 607 ARG A NE  1 
ATOM   500 C CZ  . ARG A 1 67  ? -6.323  0.814   -8.293  1.00 15.87  ? 607 ARG A CZ  1 
ATOM   501 N NH1 . ARG A 1 67  ? -7.176  0.215   -7.465  1.00 8.89   ? 607 ARG A NH1 1 
ATOM   502 N NH2 . ARG A 1 67  ? -6.190  0.395   -9.546  1.00 16.35  ? 607 ARG A NH2 1 
ATOM   503 N N   . ILE A 1 68  ? -0.272  3.336   -4.948  1.00 9.90   ? 608 ILE A N   1 
ATOM   504 C CA  . ILE A 1 68  ? 0.895   3.053   -4.123  1.00 13.40  ? 608 ILE A CA  1 
ATOM   505 C C   . ILE A 1 68  ? 1.450   4.344   -3.538  1.00 15.82  ? 608 ILE A C   1 
ATOM   506 O O   . ILE A 1 68  ? 1.834   4.397   -2.366  1.00 14.90  ? 608 ILE A O   1 
ATOM   507 C CB  . ILE A 1 68  ? 1.964   2.289   -4.924  1.00 10.81  ? 608 ILE A CB  1 
ATOM   508 C CG1 . ILE A 1 68  ? 1.428   0.928   -5.364  1.00 11.87  ? 608 ILE A CG1 1 
ATOM   509 C CG2 . ILE A 1 68  ? 3.218   2.102   -4.081  1.00 12.47  ? 608 ILE A CG2 1 
ATOM   510 C CD1 . ILE A 1 68  ? 1.135   -0.001  -4.219  1.00 13.21  ? 608 ILE A CD1 1 
ATOM   511 N N   . ARG A 1 69  ? 1.481   5.408   -4.335  1.00 16.45  ? 609 ARG A N   1 
ATOM   512 C CA  . ARG A 1 69  ? 1.935   6.698   -3.829  1.00 15.48  ? 609 ARG A CA  1 
ATOM   513 C C   . ARG A 1 69  ? 1.076   7.154   -2.659  1.00 13.89  ? 609 ARG A C   1 
ATOM   514 O O   . ARG A 1 69  ? 1.588   7.732   -1.690  1.00 12.08  ? 609 ARG A O   1 
ATOM   515 C CB  . ARG A 1 69  ? 1.911   7.732   -4.954  1.00 14.48  ? 609 ARG A CB  1 
ATOM   516 C CG  . ARG A 1 69  ? 2.550   9.053   -4.604  1.00 20.48  ? 609 ARG A CG  1 
ATOM   517 C CD  . ARG A 1 69  ? 2.401   10.046  -5.744  1.00 19.79  ? 609 ARG A CD  1 
ATOM   518 N NE  . ARG A 1 69  ? 3.078   11.308  -5.464  1.00 31.93  ? 609 ARG A NE  1 
ATOM   519 C CZ  . ARG A 1 69  ? 2.563   12.292  -4.730  1.00 51.39  ? 609 ARG A CZ  1 
ATOM   520 N NH1 . ARG A 1 69  ? 1.357   12.165  -4.182  1.00 37.68  ? 609 ARG A NH1 1 
ATOM   521 N NH2 . ARG A 1 69  ? 3.258   13.407  -4.540  1.00 56.83  ? 609 ARG A NH2 1 
ATOM   522 N N   . LEU A 1 70  ? -0.236  6.885   -2.721  1.00 13.83  ? 610 LEU A N   1 
ATOM   523 C CA  . LEU A 1 70  ? -1.104  7.229   -1.595  1.00 13.42  ? 610 LEU A CA  1 
ATOM   524 C C   . LEU A 1 70  ? -0.789  6.385   -0.364  1.00 12.07  ? 610 LEU A C   1 
ATOM   525 O O   . LEU A 1 70  ? -0.797  6.895   0.767   1.00 14.80  ? 610 LEU A O   1 
ATOM   526 C CB  . LEU A 1 70  ? -2.569  7.066   -1.992  1.00 16.09  ? 610 LEU A CB  1 
ATOM   527 C CG  . LEU A 1 70  ? -3.611  7.407   -0.930  1.00 14.80  ? 610 LEU A CG  1 
ATOM   528 C CD1 . LEU A 1 70  ? -3.518  8.873   -0.535  1.00 7.80   ? 610 LEU A CD1 1 
ATOM   529 C CD2 . LEU A 1 70  ? -5.005  7.064   -1.444  1.00 9.70   ? 610 LEU A CD2 1 
ATOM   530 N N   . ILE A 1 71  ? -0.507  5.092   -0.555  1.00 9.73   ? 611 ILE A N   1 
ATOM   531 C CA  . ILE A 1 71  ? -0.188  4.236   0.585   1.00 10.88  ? 611 ILE A CA  1 
ATOM   532 C C   . ILE A 1 71  ? 1.125   4.667   1.228   1.00 14.91  ? 611 ILE A C   1 
ATOM   533 O O   . ILE A 1 71  ? 1.251   4.702   2.461   1.00 14.65  ? 611 ILE A O   1 
ATOM   534 C CB  . ILE A 1 71  ? -0.146  2.759   0.154   1.00 13.49  ? 611 ILE A CB  1 
ATOM   535 C CG1 . ILE A 1 71  ? -1.485  2.330   -0.458  1.00 10.81  ? 611 ILE A CG1 1 
ATOM   536 C CG2 . ILE A 1 71  ? 0.212   1.871   1.341   1.00 9.30   ? 611 ILE A CG2 1 
ATOM   537 C CD1 . ILE A 1 71  ? -1.524  0.873   -0.873  1.00 7.84   ? 611 ILE A CD1 1 
ATOM   538 N N   . ARG A 1 72  ? 2.124   4.996   0.408   1.00 9.84   ? 612 ARG A N   1 
ATOM   539 C CA  . ARG A 1 72  ? 3.377   5.508   0.942   1.00 10.19  ? 612 ARG A CA  1 
ATOM   540 C C   . ARG A 1 72  ? 3.176   6.844   1.642   1.00 14.05  ? 612 ARG A C   1 
ATOM   541 O O   . ARG A 1 72  ? 3.867   7.137   2.620   1.00 11.97  ? 612 ARG A O   1 
ATOM   542 C CB  . ARG A 1 72  ? 4.412   5.641   -0.172  1.00 7.72   ? 612 ARG A CB  1 
ATOM   543 C CG  . ARG A 1 72  ? 5.763   6.112   0.315   1.00 9.03   ? 612 ARG A CG  1 
ATOM   544 C CD  . ARG A 1 72  ? 6.785   6.079   -0.798  1.00 11.26  ? 612 ARG A CD  1 
ATOM   545 N NE  . ARG A 1 72  ? 8.101   6.552   -0.375  1.00 9.59   ? 612 ARG A NE  1 
ATOM   546 C CZ  . ARG A 1 72  ? 9.142   6.657   -1.195  1.00 14.28  ? 612 ARG A CZ  1 
ATOM   547 N NH1 . ARG A 1 72  ? 10.315  7.095   -0.749  1.00 10.57  ? 612 ARG A NH1 1 
ATOM   548 N NH2 . ARG A 1 72  ? 9.002   6.323   -2.472  1.00 14.03  ? 612 ARG A NH2 1 
ATOM   549 N N   . HIS A 1 73  ? 2.241   7.669   1.166   1.00 14.33  ? 613 HIS A N   1 
ATOM   550 C CA  . HIS A 1 73  ? 1.975   8.931   1.851   1.00 14.36  ? 613 HIS A CA  1 
ATOM   551 C C   . HIS A 1 73  ? 1.400   8.682   3.243   1.00 15.86  ? 613 HIS A C   1 
ATOM   552 O O   . HIS A 1 73  ? 1.875   9.250   4.240   1.00 18.57  ? 613 HIS A O   1 
ATOM   553 C CB  . HIS A 1 73  ? 1.033   9.791   1.008   1.00 16.81  ? 613 HIS A CB  1 
ATOM   554 C CG  . HIS A 1 73  ? 0.582   11.043  1.695   1.00 27.74  ? 613 HIS A CG  1 
ATOM   555 N ND1 . HIS A 1 73  ? 1.388   12.159  1.818   1.00 29.32  ? 613 HIS A ND1 1 
ATOM   556 C CD2 . HIS A 1 73  ? -0.587  11.358  2.302   1.00 18.30  ? 613 HIS A CD2 1 
ATOM   557 C CE1 . HIS A 1 73  ? 0.735   13.102  2.469   1.00 20.55  ? 613 HIS A CE1 1 
ATOM   558 N NE2 . HIS A 1 73  ? -0.468  12.642  2.771   1.00 25.11  ? 613 HIS A NE2 1 
ATOM   559 N N   . TYR A 1 74  ? 0.395   7.803   3.330   1.00 13.29  ? 614 TYR A N   1 
ATOM   560 C CA  . TYR A 1 74  ? -0.171  7.458   4.632   1.00 13.93  ? 614 TYR A CA  1 
ATOM   561 C C   . TYR A 1 74  ? 0.876   6.839   5.548   1.00 15.43  ? 614 TYR A C   1 
ATOM   562 O O   . TYR A 1 74  ? 0.883   7.105   6.754   1.00 20.29  ? 614 TYR A O   1 
ATOM   563 C CB  . TYR A 1 74  ? -1.367  6.521   4.452   1.00 14.10  ? 614 TYR A CB  1 
ATOM   564 C CG  . TYR A 1 74  ? -2.574  7.239   3.891   1.00 18.75  ? 614 TYR A CG  1 
ATOM   565 C CD1 . TYR A 1 74  ? -2.774  8.587   4.155   1.00 16.72  ? 614 TYR A CD1 1 
ATOM   566 C CD2 . TYR A 1 74  ? -3.501  6.584   3.084   1.00 18.14  ? 614 TYR A CD2 1 
ATOM   567 C CE1 . TYR A 1 74  ? -3.858  9.263   3.646   1.00 19.93  ? 614 TYR A CE1 1 
ATOM   568 C CE2 . TYR A 1 74  ? -4.604  7.259   2.569   1.00 11.57  ? 614 TYR A CE2 1 
ATOM   569 C CZ  . TYR A 1 74  ? -4.771  8.603   2.855   1.00 18.27  ? 614 TYR A CZ  1 
ATOM   570 O OH  . TYR A 1 74  ? -5.854  9.308   2.362   1.00 20.00  ? 614 TYR A OH  1 
ATOM   571 N N   . VAL A 1 75  ? 1.776   6.019   4.999   1.00 15.90  ? 615 VAL A N   1 
ATOM   572 C CA  . VAL A 1 75  ? 2.822   5.412   5.819   1.00 14.12  ? 615 VAL A CA  1 
ATOM   573 C C   . VAL A 1 75  ? 3.784   6.477   6.330   1.00 17.34  ? 615 VAL A C   1 
ATOM   574 O O   . VAL A 1 75  ? 4.131   6.506   7.517   1.00 17.21  ? 615 VAL A O   1 
ATOM   575 C CB  . VAL A 1 75  ? 3.553   4.312   5.026   1.00 15.24  ? 615 VAL A CB  1 
ATOM   576 C CG1 . VAL A 1 75  ? 4.927   4.025   5.624   1.00 10.97  ? 615 VAL A CG1 1 
ATOM   577 C CG2 . VAL A 1 75  ? 2.714   3.045   4.995   1.00 11.99  ? 615 VAL A CG2 1 
ATOM   578 N N   . GLN A 1 76  ? 4.221   7.375   5.441   1.00 18.34  ? 616 GLN A N   1 
ATOM   579 C CA  . GLN A 1 76  ? 5.134   8.441   5.834   1.00 17.86  ? 616 GLN A CA  1 
ATOM   580 C C   . GLN A 1 76  ? 4.552   9.298   6.949   1.00 21.65  ? 616 GLN A C   1 
ATOM   581 O O   . GLN A 1 76  ? 5.303   9.797   7.795   1.00 21.32  ? 616 GLN A O   1 
ATOM   582 C CB  . GLN A 1 76  ? 5.478   9.319   4.633   1.00 15.68  ? 616 GLN A CB  1 
ATOM   583 C CG  . GLN A 1 76  ? 6.355   8.655   3.585   1.00 22.75  ? 616 GLN A CG  1 
ATOM   584 C CD  . GLN A 1 76  ? 6.399   9.458   2.294   1.00 23.71  ? 616 GLN A CD  1 
ATOM   585 O OE1 . GLN A 1 76  ? 5.685   10.454  2.156   1.00 25.92  ? 616 GLN A OE1 1 
ATOM   586 N NE2 . GLN A 1 76  ? 7.237   9.036   1.346   1.00 15.60  ? 616 GLN A NE2 1 
ATOM   587 N N   . LEU A 1 77  ? 3.226   9.489   6.963   1.00 19.26  ? 617 LEU A N   1 
ATOM   588 C CA  . LEU A 1 77  ? 2.617   10.217  8.078   1.00 22.30  ? 617 LEU A CA  1 
ATOM   589 C C   . LEU A 1 77  ? 2.966   9.577   9.420   1.00 25.92  ? 617 LEU A C   1 
ATOM   590 O O   . LEU A 1 77  ? 3.195   10.281  10.413  1.00 23.45  ? 617 LEU A O   1 
ATOM   591 C CB  . LEU A 1 77  ? 1.101   10.297  7.898   1.00 21.40  ? 617 LEU A CB  1 
ATOM   592 C CG  . LEU A 1 77  ? 0.629   11.238  6.784   1.00 24.85  ? 617 LEU A CG  1 
ATOM   593 C CD1 . LEU A 1 77  ? -0.877  11.184  6.658   1.00 20.86  ? 617 LEU A CD1 1 
ATOM   594 C CD2 . LEU A 1 77  ? 1.101   12.662  7.033   1.00 18.48  ? 617 LEU A CD2 1 
ATOM   595 N N   . LEU A 1 78  ? 3.027   8.242   9.469   1.00 24.65  ? 618 LEU A N   1 
ATOM   596 C CA  . LEU A 1 78  ? 3.399   7.530   10.688  1.00 25.50  ? 618 LEU A CA  1 
ATOM   597 C C   . LEU A 1 78  ? 4.886   7.209   10.770  1.00 32.18  ? 618 LEU A C   1 
ATOM   598 O O   . LEU A 1 78  ? 5.414   7.055   11.878  1.00 31.06  ? 618 LEU A O   1 
ATOM   599 C CB  . LEU A 1 78  ? 2.605   6.224   10.806  1.00 13.35  ? 618 LEU A CB  1 
ATOM   600 C CG  . LEU A 1 78  ? 1.079   6.336   10.828  1.00 17.43  ? 618 LEU A CG  1 
ATOM   601 C CD1 . LEU A 1 78  ? 0.434   4.960   10.807  1.00 17.45  ? 618 LEU A CD1 1 
ATOM   602 C CD2 . LEU A 1 78  ? 0.599   7.121   12.035  1.00 18.24  ? 618 LEU A CD2 1 
ATOM   603 N N   . TYR A 1 79  ? 5.571   7.120   9.631   1.00 29.10  ? 619 TYR A N   1 
ATOM   604 C CA  . TYR A 1 79  ? 6.954   6.646   9.569   1.00 19.42  ? 619 TYR A CA  1 
ATOM   605 C C   . TYR A 1 79  ? 7.729   7.565   8.639   1.00 20.37  ? 619 TYR A C   1 
ATOM   606 O O   . TYR A 1 79  ? 7.987   7.227   7.479   1.00 22.99  ? 619 TYR A O   1 
ATOM   607 C CB  . TYR A 1 79  ? 7.000   5.195   9.085   1.00 20.73  ? 619 TYR A CB  1 
ATOM   608 C CG  . TYR A 1 79  ? 8.366   4.538   9.065   1.00 28.53  ? 619 TYR A CG  1 
ATOM   609 C CD1 . TYR A 1 79  ? 9.463   5.123   9.689   1.00 33.70  ? 619 TYR A CD1 1 
ATOM   610 C CD2 . TYR A 1 79  ? 8.555   3.327   8.412   1.00 17.87  ? 619 TYR A CD2 1 
ATOM   611 C CE1 . TYR A 1 79  ? 10.704  4.514   9.667   1.00 36.28  ? 619 TYR A CE1 1 
ATOM   612 C CE2 . TYR A 1 79  ? 9.791   2.712   8.384   1.00 31.87  ? 619 TYR A CE2 1 
ATOM   613 C CZ  . TYR A 1 79  ? 10.863  3.309   9.014   1.00 38.07  ? 619 TYR A CZ  1 
ATOM   614 O OH  . TYR A 1 79  ? 12.095  2.699   8.989   1.00 36.62  ? 619 TYR A OH  1 
ATOM   615 N N   . PRO A 1 80  ? 8.130   8.743   9.121   1.00 21.78  ? 620 PRO A N   1 
ATOM   616 C CA  . PRO A 1 80  ? 8.772   9.726   8.228   1.00 25.44  ? 620 PRO A CA  1 
ATOM   617 C C   . PRO A 1 80  ? 9.985   9.200   7.471   1.00 29.34  ? 620 PRO A C   1 
ATOM   618 O O   . PRO A 1 80  ? 10.253  9.663   6.352   1.00 23.18  ? 620 PRO A O   1 
ATOM   619 C CB  . PRO A 1 80  ? 9.152   10.873  9.179   1.00 18.03  ? 620 PRO A CB  1 
ATOM   620 C CG  . PRO A 1 80  ? 8.953   10.330  10.575  1.00 21.15  ? 620 PRO A CG  1 
ATOM   621 C CD  . PRO A 1 80  ? 7.903   9.284   10.470  1.00 23.64  ? 620 PRO A CD  1 
ATOM   622 N N   . ARG A 1 81  ? 10.722  8.239   8.026   1.00 25.19  ? 621 ARG A N   1 
ATOM   623 C CA  . ARG A 1 81  ? 11.862  7.701   7.294   1.00 27.46  ? 621 ARG A CA  1 
ATOM   624 C C   . ARG A 1 81  ? 11.438  6.958   6.033   1.00 29.98  ? 621 ARG A C   1 
ATOM   625 O O   . ARG A 1 81  ? 12.282  6.711   5.165   1.00 26.77  ? 621 ARG A O   1 
ATOM   626 C CB  . ARG A 1 81  ? 12.687  6.781   8.194   1.00 42.30  ? 621 ARG A CB  1 
ATOM   627 C CG  . ARG A 1 81  ? 12.984  7.357   9.581   1.00 59.35  ? 621 ARG A CG  1 
ATOM   628 C CD  . ARG A 1 81  ? 13.895  8.586   9.528   1.00 57.53  ? 621 ARG A CD  1 
ATOM   629 N NE  . ARG A 1 81  ? 14.251  9.040   10.873  1.00 76.56  ? 621 ARG A NE  1 
ATOM   630 C CZ  . ARG A 1 81  ? 15.215  9.916   11.147  1.00 79.21  ? 621 ARG A CZ  1 
ATOM   631 N NH1 . ARG A 1 81  ? 15.935  10.444  10.165  1.00 77.81  ? 621 ARG A NH1 1 
ATOM   632 N NH2 . ARG A 1 81  ? 15.461  10.261  12.407  1.00 62.09  ? 621 ARG A NH2 1 
ATOM   633 N N   . ALA A 1 82  ? 10.155  6.601   5.905   1.00 20.69  ? 622 ALA A N   1 
ATOM   634 C CA  . ALA A 1 82  ? 9.672   6.034   4.653   1.00 17.44  ? 622 ALA A CA  1 
ATOM   635 C C   . ALA A 1 82  ? 9.694   7.036   3.506   1.00 18.08  ? 622 ALA A C   1 
ATOM   636 O O   . ALA A 1 82  ? 9.529   6.626   2.354   1.00 13.83  ? 622 ALA A O   1 
ATOM   637 C CB  . ALA A 1 82  ? 8.259   5.478   4.822   1.00 17.84  ? 622 ALA A CB  1 
ATOM   638 N N   . LYS A 1 83  ? 9.885   8.331   3.788   1.00 22.51  ? 623 LYS A N   1 
ATOM   639 C CA  . LYS A 1 83  ? 10.153  9.285   2.714   1.00 24.00  ? 623 LYS A CA  1 
ATOM   640 C C   . LYS A 1 83  ? 11.462  8.975   1.997   1.00 22.18  ? 623 LYS A C   1 
ATOM   641 O O   . LYS A 1 83  ? 11.669  9.440   0.871   1.00 27.66  ? 623 LYS A O   1 
ATOM   642 C CB  . LYS A 1 83  ? 10.180  10.713  3.265   1.00 27.61  ? 623 LYS A CB  1 
ATOM   643 C CG  . LYS A 1 83  ? 8.863   11.159  3.900   1.00 37.21  ? 623 LYS A CG  1 
ATOM   644 C CD  . LYS A 1 83  ? 9.008   12.448  4.710   1.00 43.45  ? 623 LYS A CD  1 
ATOM   645 C CE  . LYS A 1 83  ? 9.382   13.632  3.825   1.00 51.09  ? 623 LYS A CE  1 
ATOM   646 N NZ  . LYS A 1 83  ? 9.424   14.908  4.596   1.00 60.55  ? 623 LYS A NZ  1 
ATOM   647 N N   . ASN A 1 84  ? 12.339  8.196   2.624   1.00 23.92  ? 624 ASN A N   1 
ATOM   648 C CA  . ASN A 1 84  ? 13.591  7.781   2.009   1.00 20.05  ? 624 ASN A CA  1 
ATOM   649 C C   . ASN A 1 84  ? 13.362  6.566   1.115   1.00 16.86  ? 624 ASN A C   1 
ATOM   650 O O   . ASN A 1 84  ? 12.829  5.546   1.563   1.00 16.24  ? 624 ASN A O   1 
ATOM   651 C CB  . ASN A 1 84  ? 14.615  7.457   3.094   1.00 22.27  ? 624 ASN A CB  1 
ATOM   652 C CG  . ASN A 1 84  ? 15.944  7.033   2.527   1.00 29.18  ? 624 ASN A CG  1 
ATOM   653 O OD1 . ASN A 1 84  ? 16.125  5.880   2.134   1.00 28.34  ? 624 ASN A OD1 1 
ATOM   654 N ND2 . ASN A 1 84  ? 16.893  7.963   2.484   1.00 38.49  ? 624 ASN A ND2 1 
ATOM   655 N N   . ASP A 1 85  ? 13.796  6.672   -0.144  1.00 17.11  ? 625 ASP A N   1 
ATOM   656 C CA  . ASP A 1 85  ? 13.481  5.647   -1.135  1.00 15.95  ? 625 ASP A CA  1 
ATOM   657 C C   . ASP A 1 85  ? 14.066  4.287   -0.777  1.00 19.81  ? 625 ASP A C   1 
ATOM   658 O O   . ASP A 1 85  ? 13.478  3.252   -1.116  1.00 20.32  ? 625 ASP A O   1 
ATOM   659 C CB  . ASP A 1 85  ? 13.975  6.089   -2.506  1.00 15.31  ? 625 ASP A CB  1 
ATOM   660 C CG  . ASP A 1 85  ? 13.061  7.108   -3.149  1.00 24.16  ? 625 ASP A CG  1 
ATOM   661 O OD1 . ASP A 1 85  ? 11.973  7.370   -2.582  1.00 22.43  ? 625 ASP A OD1 1 
ATOM   662 O OD2 . ASP A 1 85  ? 13.431  7.641   -4.221  1.00 21.85  ? 625 ASP A OD2 1 
ATOM   663 N N   . ARG A 1 86  ? 15.216  4.258   -0.104  1.00 21.19  ? 626 ARG A N   1 
ATOM   664 C CA  . ARG A 1 86  ? 15.795  2.978   0.286   1.00 18.39  ? 626 ARG A CA  1 
ATOM   665 C C   . ARG A 1 86  ? 14.957  2.295   1.365   1.00 16.09  ? 626 ARG A C   1 
ATOM   666 O O   . ARG A 1 86  ? 14.771  1.073   1.334   1.00 16.24  ? 626 ARG A O   1 
ATOM   667 C CB  . ARG A 1 86  ? 17.231  3.184   0.757   1.00 15.13  ? 626 ARG A CB  1 
ATOM   668 C CG  . ARG A 1 86  ? 17.917  1.906   1.207   1.00 23.29  ? 626 ARG A CG  1 
ATOM   669 C CD  . ARG A 1 86  ? 19.324  2.202   1.675   1.00 20.35  ? 626 ARG A CD  1 
ATOM   670 N NE  . ARG A 1 86  ? 20.161  1.013   1.715   1.00 19.65  ? 626 ARG A NE  1 
ATOM   671 C CZ  . ARG A 1 86  ? 20.357  0.269   2.798   1.00 23.51  ? 626 ARG A CZ  1 
ATOM   672 N NH1 . ARG A 1 86  ? 19.763  0.585   3.943   1.00 14.56  ? 626 ARG A NH1 1 
ATOM   673 N NH2 . ARG A 1 86  ? 21.152  -0.792  2.731   1.00 16.59  ? 626 ARG A NH2 1 
ATOM   674 N N   . VAL A 1 87  ? 14.445  3.068   2.325   1.00 14.43  ? 627 VAL A N   1 
ATOM   675 C CA  . VAL A 1 87  ? 13.555  2.514   3.341   1.00 14.40  ? 627 VAL A CA  1 
ATOM   676 C C   . VAL A 1 87  ? 12.297  1.953   2.692   1.00 17.80  ? 627 VAL A C   1 
ATOM   677 O O   . VAL A 1 87  ? 11.887  0.821   2.967   1.00 16.61  ? 627 VAL A O   1 
ATOM   678 C CB  . VAL A 1 87  ? 13.216  3.586   4.396   1.00 22.20  ? 627 VAL A CB  1 
ATOM   679 C CG1 . VAL A 1 87  ? 11.960  3.202   5.180   1.00 16.70  ? 627 VAL A CG1 1 
ATOM   680 C CG2 . VAL A 1 87  ? 14.396  3.797   5.335   1.00 15.82  ? 627 VAL A CG2 1 
ATOM   681 N N   . TRP A 1 88  ? 11.670  2.734   1.812   1.00 17.32  ? 628 TRP A N   1 
ATOM   682 C CA  . TRP A 1 88  ? 10.455  2.262   1.160   1.00 13.82  ? 628 TRP A CA  1 
ATOM   683 C C   . TRP A 1 88  ? 10.716  1.001   0.345   1.00 18.65  ? 628 TRP A C   1 
ATOM   684 O O   . TRP A 1 88  ? 9.910   0.063   0.367   1.00 23.68  ? 628 TRP A O   1 
ATOM   685 C CB  . TRP A 1 88  ? 9.860   3.361   0.273   1.00 14.28  ? 628 TRP A CB  1 
ATOM   686 C CG  . TRP A 1 88  ? 8.610   2.909   -0.415  1.00 13.73  ? 628 TRP A CG  1 
ATOM   687 C CD1 . TRP A 1 88  ? 8.465   2.603   -1.736  1.00 11.36  ? 628 TRP A CD1 1 
ATOM   688 C CD2 . TRP A 1 88  ? 7.334   2.665   0.197   1.00 13.77  ? 628 TRP A CD2 1 
ATOM   689 N NE1 . TRP A 1 88  ? 7.178   2.201   -1.990  1.00 17.55  ? 628 TRP A NE1 1 
ATOM   690 C CE2 . TRP A 1 88  ? 6.461   2.227   -0.820  1.00 15.11  ? 628 TRP A CE2 1 
ATOM   691 C CE3 . TRP A 1 88  ? 6.844   2.783   1.505   1.00 11.79  ? 628 TRP A CE3 1 
ATOM   692 C CZ2 . TRP A 1 88  ? 5.126   1.908   -0.574  1.00 8.87   ? 628 TRP A CZ2 1 
ATOM   693 C CZ3 . TRP A 1 88  ? 5.518   2.464   1.750   1.00 12.85  ? 628 TRP A CZ3 1 
ATOM   694 C CH2 . TRP A 1 88  ? 4.672   2.032   0.715   1.00 13.25  ? 628 TRP A CH2 1 
ATOM   695 N N   . THR A 1 89  ? 11.837  0.956   -0.378  1.00 16.94  ? 629 THR A N   1 
ATOM   696 C CA  . THR A 1 89  ? 12.139  -0.221  -1.186  1.00 17.01  ? 629 THR A CA  1 
ATOM   697 C C   . THR A 1 89  ? 12.390  -1.444  -0.313  1.00 13.83  ? 629 THR A C   1 
ATOM   698 O O   . THR A 1 89  ? 11.840  -2.520  -0.563  1.00 12.70  ? 629 THR A O   1 
ATOM   699 C CB  . THR A 1 89  ? 13.351  0.046   -2.086  1.00 19.99  ? 629 THR A CB  1 
ATOM   700 O OG1 . THR A 1 89  ? 12.980  0.922   -3.158  1.00 18.26  ? 629 THR A OG1 1 
ATOM   701 C CG2 . THR A 1 89  ? 13.878  -1.256  -2.671  1.00 16.90  ? 629 THR A CG2 1 
ATOM   702 N N   . LEU A 1 90  ? 13.214  -1.292  0.726   1.00 17.48  ? 630 LEU A N   1 
ATOM   703 C CA  . LEU A 1 90  ? 13.713  -2.432  1.485   1.00 15.58  ? 630 LEU A CA  1 
ATOM   704 C C   . LEU A 1 90  ? 12.774  -2.897  2.586   1.00 16.08  ? 630 LEU A C   1 
ATOM   705 O O   . LEU A 1 90  ? 12.878  -4.052  3.017   1.00 14.25  ? 630 LEU A O   1 
ATOM   706 C CB  . LEU A 1 90  ? 15.075  -2.098  2.101   1.00 13.13  ? 630 LEU A CB  1 
ATOM   707 C CG  . LEU A 1 90  ? 16.260  -2.138  1.132   1.00 18.39  ? 630 LEU A CG  1 
ATOM   708 C CD1 . LEU A 1 90  ? 17.587  -1.980  1.864   1.00 13.20  ? 630 LEU A CD1 1 
ATOM   709 C CD2 . LEU A 1 90  ? 16.238  -3.424  0.310   1.00 12.83  ? 630 LEU A CD2 1 
ATOM   710 N N   . GLU A 1 91  ? 11.862  -2.041  3.046   1.00 18.36  ? 631 GLU A N   1 
ATOM   711 C CA  . GLU A 1 91  ? 11.035  -2.340  4.205   1.00 19.71  ? 631 GLU A CA  1 
ATOM   712 C C   . GLU A 1 91  ? 9.543   -2.369  3.909   1.00 16.08  ? 631 GLU A C   1 
ATOM   713 O O   . GLU A 1 91  ? 8.759   -2.641  4.824   1.00 18.75  ? 631 GLU A O   1 
ATOM   714 C CB  . GLU A 1 91  ? 11.304  -1.323  5.324   1.00 18.32  ? 631 GLU A CB  1 
ATOM   715 C CG  . GLU A 1 91  ? 12.748  -1.303  5.815   1.00 18.54  ? 631 GLU A CG  1 
ATOM   716 C CD  . GLU A 1 91  ? 12.943  -0.430  7.042   1.00 24.88  ? 631 GLU A CD  1 
ATOM   717 O OE1 . GLU A 1 91  ? 14.110  -0.185  7.412   1.00 26.42  ? 631 GLU A OE1 1 
ATOM   718 O OE2 . GLU A 1 91  ? 11.934  0.008   7.640   1.00 24.53  ? 631 GLU A OE2 1 
ATOM   719 N N   . PHE A 1 92  ? 9.121   -2.101  2.674   1.00 16.46  ? 632 PHE A N   1 
ATOM   720 C CA  . PHE A 1 92  ? 7.693   -2.076  2.381   1.00 14.13  ? 632 PHE A CA  1 
ATOM   721 C C   . PHE A 1 92  ? 7.356   -2.796  1.083   1.00 14.22  ? 632 PHE A C   1 
ATOM   722 O O   . PHE A 1 92  ? 6.378   -3.550  1.036   1.00 17.09  ? 632 PHE A O   1 
ATOM   723 C CB  . PHE A 1 92  ? 7.180   -0.634  2.341   1.00 16.29  ? 632 PHE A CB  1 
ATOM   724 C CG  . PHE A 1 92  ? 7.113   0.014   3.693   1.00 11.25  ? 632 PHE A CG  1 
ATOM   725 C CD1 . PHE A 1 92  ? 5.992   -0.142  4.494   1.00 11.49  ? 632 PHE A CD1 1 
ATOM   726 C CD2 . PHE A 1 92  ? 8.174   0.758   4.172   1.00 14.32  ? 632 PHE A CD2 1 
ATOM   727 C CE1 . PHE A 1 92  ? 5.923   0.440   5.749   1.00 11.59  ? 632 PHE A CE1 1 
ATOM   728 C CE2 . PHE A 1 92  ? 8.119   1.344   5.429   1.00 22.22  ? 632 PHE A CE2 1 
ATOM   729 C CZ  . PHE A 1 92  ? 6.988   1.186   6.218   1.00 15.96  ? 632 PHE A CZ  1 
ATOM   730 N N   . VAL A 1 93  ? 8.153   -2.587  0.031   1.00 12.96  ? 633 VAL A N   1 
ATOM   731 C CA  . VAL A 1 93  ? 7.827   -3.190  -1.259  1.00 11.96  ? 633 VAL A CA  1 
ATOM   732 C C   . VAL A 1 93  ? 7.782   -4.706  -1.145  1.00 13.21  ? 633 VAL A C   1 
ATOM   733 O O   . VAL A 1 93  ? 6.911   -5.358  -1.728  1.00 16.52  ? 633 VAL A O   1 
ATOM   734 C CB  . VAL A 1 93  ? 8.818   -2.732  -2.342  1.00 13.13  ? 633 VAL A CB  1 
ATOM   735 C CG1 . VAL A 1 93  ? 8.548   -3.463  -3.642  1.00 9.14   ? 633 VAL A CG1 1 
ATOM   736 C CG2 . VAL A 1 93  ? 8.707   -1.235  -2.553  1.00 18.45  ? 633 VAL A CG2 1 
ATOM   737 N N   . GLY A 1 94  ? 8.702   -5.288  -0.376  1.00 13.91  ? 634 GLY A N   1 
ATOM   738 C CA  . GLY A 1 94  ? 8.693   -6.730  -0.198  1.00 16.57  ? 634 GLY A CA  1 
ATOM   739 C C   . GLY A 1 94  ? 7.414   -7.240  0.443   1.00 18.16  ? 634 GLY A C   1 
ATOM   740 O O   . GLY A 1 94  ? 6.842   -8.237  -0.003  1.00 19.26  ? 634 GLY A O   1 
ATOM   741 N N   . LYS A 1 95  ? 6.937   -6.557  1.485   1.00 12.60  ? 635 LYS A N   1 
ATOM   742 C CA  . LYS A 1 95  ? 5.732   -7.023  2.163   1.00 15.83  ? 635 LYS A CA  1 
ATOM   743 C C   . LYS A 1 95  ? 4.499   -6.856  1.281   1.00 18.42  ? 635 LYS A C   1 
ATOM   744 O O   . LYS A 1 95  ? 3.581   -7.685  1.326   1.00 16.78  ? 635 LYS A O   1 
ATOM   745 C CB  . LYS A 1 95  ? 5.561   -6.287  3.490   1.00 11.67  ? 635 LYS A CB  1 
ATOM   746 C CG  . LYS A 1 95  ? 6.645   -6.612  4.500   1.00 16.16  ? 635 LYS A CG  1 
ATOM   747 C CD  . LYS A 1 95  ? 6.440   -5.902  5.824   1.00 17.50  ? 635 LYS A CD  1 
ATOM   748 C CE  . LYS A 1 95  ? 7.470   -6.374  6.833   1.00 17.54  ? 635 LYS A CE  1 
ATOM   749 N NZ  . LYS A 1 95  ? 7.174   -5.913  8.217   1.00 23.65  ? 635 LYS A NZ  1 
ATOM   750 N N   . LEU A 1 96  ? 4.467   -5.798  0.466   1.00 15.19  ? 636 LEU A N   1 
ATOM   751 C CA  . LEU A 1 96  ? 3.357   -5.613  -0.463  1.00 15.93  ? 636 LEU A CA  1 
ATOM   752 C C   . LEU A 1 96  ? 3.374   -6.681  -1.551  1.00 16.77  ? 636 LEU A C   1 
ATOM   753 O O   . LEU A 1 96  ? 2.333   -7.279  -1.870  1.00 19.34  ? 636 LEU A O   1 
ATOM   754 C CB  . LEU A 1 96  ? 3.414   -4.210  -1.070  1.00 13.52  ? 636 LEU A CB  1 
ATOM   755 C CG  . LEU A 1 96  ? 3.201   -3.046  -0.103  1.00 10.63  ? 636 LEU A CG  1 
ATOM   756 C CD1 . LEU A 1 96  ? 3.170   -1.730  -0.854  1.00 14.29  ? 636 LEU A CD1 1 
ATOM   757 C CD2 . LEU A 1 96  ? 1.921   -3.228  0.684   1.00 13.22  ? 636 LEU A CD2 1 
ATOM   758 N N   . ASP A 1 97  ? 4.552   -6.945  -2.123  1.00 16.55  ? 637 ASP A N   1 
ATOM   759 C CA  . ASP A 1 97  ? 4.665   -8.005  -3.119  1.00 14.03  ? 637 ASP A CA  1 
ATOM   760 C C   . ASP A 1 97  ? 4.259   -9.349  -2.528  1.00 17.18  ? 637 ASP A C   1 
ATOM   761 O O   . ASP A 1 97  ? 3.611   -10.163 -3.199  1.00 16.14  ? 637 ASP A O   1 
ATOM   762 C CB  . ASP A 1 97  ? 6.090   -8.061  -3.670  1.00 12.82  ? 637 ASP A CB  1 
ATOM   763 C CG  . ASP A 1 97  ? 6.479   -6.807  -4.458  1.00 19.74  ? 637 ASP A CG  1 
ATOM   764 O OD1 . ASP A 1 97  ? 5.590   -5.985  -4.775  1.00 21.93  ? 637 ASP A OD1 1 
ATOM   765 O OD2 . ASP A 1 97  ? 7.682   -6.646  -4.772  1.00 18.62  ? 637 ASP A OD2 1 
ATOM   766 N N   . GLU A 1 98  ? 4.614   -9.590  -1.264  1.00 14.98  ? 638 GLU A N   1 
ATOM   767 C CA  . GLU A 1 98  ? 4.227   -10.829 -0.599  1.00 17.74  ? 638 GLU A CA  1 
ATOM   768 C C   . GLU A 1 98  ? 2.712   -10.913 -0.449  1.00 21.94  ? 638 GLU A C   1 
ATOM   769 O O   . GLU A 1 98  ? 2.106   -11.959 -0.719  1.00 19.80  ? 638 GLU A O   1 
ATOM   770 C CB  . GLU A 1 98  ? 4.914   -10.923 0.767   1.00 27.92  ? 638 GLU A CB  1 
ATOM   771 C CG  . GLU A 1 98  ? 4.706   -12.255 1.498   1.00 31.10  ? 638 GLU A CG  1 
ATOM   772 C CD  . GLU A 1 98  ? 4.497   -12.080 3.001   1.00 43.74  ? 638 GLU A CD  1 
ATOM   773 O OE1 . GLU A 1 98  ? 3.681   -12.832 3.584   1.00 45.73  ? 638 GLU A OE1 1 
ATOM   774 O OE2 . GLU A 1 98  ? 5.140   -11.185 3.599   1.00 49.98  ? 638 GLU A OE2 1 
ATOM   775 N N   . ARG A 1 99  ? 2.080   -9.817  -0.017  1.00 18.02  ? 639 ARG A N   1 
ATOM   776 C CA  . ARG A 1 99  ? 0.625   -9.811  0.079   1.00 17.22  ? 639 ARG A CA  1 
ATOM   777 C C   . ARG A 1 99  ? -0.023  -10.096 -1.267  1.00 16.58  ? 639 ARG A C   1 
ATOM   778 O O   . ARG A 1 99  ? -1.069  -10.751 -1.325  1.00 17.64  ? 639 ARG A O   1 
ATOM   779 C CB  . ARG A 1 99  ? 0.129   -8.476  0.631   1.00 18.74  ? 639 ARG A CB  1 
ATOM   780 C CG  . ARG A 1 99  ? -1.365  -8.440  0.902   1.00 12.87  ? 639 ARG A CG  1 
ATOM   781 C CD  . ARG A 1 99  ? -1.776  -9.641  1.726   1.00 14.78  ? 639 ARG A CD  1 
ATOM   782 N NE  . ARG A 1 99  ? -3.210  -9.670  2.013   1.00 22.15  ? 639 ARG A NE  1 
ATOM   783 C CZ  . ARG A 1 99  ? -4.096  -10.413 1.352   1.00 21.41  ? 639 ARG A CZ  1 
ATOM   784 N NH1 . ARG A 1 99  ? -3.708  -11.195 0.352   1.00 20.92  ? 639 ARG A NH1 1 
ATOM   785 N NH2 . ARG A 1 99  ? -5.374  -10.381 1.698   1.00 19.84  ? 639 ARG A NH2 1 
ATOM   786 N N   . CYS A 1 100 ? 0.580   -9.621  -2.359  1.00 16.64  ? 640 CYS A N   1 
ATOM   787 C CA  . CYS A 1 100 ? 0.052   -9.962  -3.679  1.00 19.53  ? 640 CYS A CA  1 
ATOM   788 C C   . CYS A 1 100 ? 0.254   -11.436 -3.999  1.00 20.89  ? 640 CYS A C   1 
ATOM   789 O O   . CYS A 1 100 ? -0.609  -12.061 -4.627  1.00 25.86  ? 640 CYS A O   1 
ATOM   790 C CB  . CYS A 1 100 ? 0.711   -9.102  -4.752  1.00 21.74  ? 640 CYS A CB  1 
ATOM   791 S SG  . CYS A 1 100 ? 0.084   -7.422  -4.839  1.00 17.71  ? 640 CYS A SG  1 
ATOM   792 N N   . ARG A 1 101 ? 1.377   -12.010 -3.557  1.00 24.38  ? 641 ARG A N   1 
ATOM   793 C CA  . ARG A 1 101 ? 1.836   -13.316 -4.017  1.00 18.66  ? 641 ARG A CA  1 
ATOM   794 C C   . ARG A 1 101 ? 1.355   -14.485 -3.167  1.00 25.45  ? 641 ARG A C   1 
ATOM   795 O O   . ARG A 1 101 ? 1.341   -15.619 -3.659  1.00 28.00  ? 641 ARG A O   1 
ATOM   796 C CB  . ARG A 1 101 ? 3.367   -13.335 -4.047  1.00 18.33  ? 641 ARG A CB  1 
ATOM   797 C CG  . ARG A 1 101 ? 3.974   -14.472 -4.842  1.00 37.36  ? 641 ARG A CG  1 
ATOM   798 C CD  . ARG A 1 101 ? 5.365   -14.836 -4.334  1.00 32.17  ? 641 ARG A CD  1 
ATOM   799 N NE  . ARG A 1 101 ? 6.001   -13.723 -3.636  1.00 40.95  ? 641 ARG A NE  1 
ATOM   800 C CZ  . ARG A 1 101 ? 6.305   -13.722 -2.340  1.00 38.85  ? 641 ARG A CZ  1 
ATOM   801 N NH1 . ARG A 1 101 ? 6.038   -14.783 -1.588  1.00 33.94  ? 641 ARG A NH1 1 
ATOM   802 N NH2 . ARG A 1 101 ? 6.889   -12.658 -1.799  1.00 35.35  ? 641 ARG A NH2 1 
ATOM   803 N N   . ARG A 1 102 ? 0.971   -14.249 -1.915  1.00 24.29  ? 642 ARG A N   1 
ATOM   804 C CA  . ARG A 1 102 ? 0.842   -15.346 -0.966  1.00 37.53  ? 642 ARG A CA  1 
ATOM   805 C C   . ARG A 1 102 ? -0.289  -16.293 -1.362  1.00 37.91  ? 642 ARG A C   1 
ATOM   806 O O   . ARG A 1 102 ? -1.217  -15.928 -2.086  1.00 41.41  ? 642 ARG A O   1 
ATOM   807 C CB  . ARG A 1 102 ? 0.611   -14.806 0.444   1.00 39.03  ? 642 ARG A CB  1 
ATOM   808 C CG  . ARG A 1 102 ? -0.803  -14.333 0.721   1.00 32.57  ? 642 ARG A CG  1 
ATOM   809 C CD  . ARG A 1 102 ? -0.826  -13.506 1.985   1.00 33.77  ? 642 ARG A CD  1 
ATOM   810 N NE  . ARG A 1 102 ? -0.005  -14.106 3.031   1.00 39.99  ? 642 ARG A NE  1 
ATOM   811 C CZ  . ARG A 1 102 ? -0.457  -14.988 3.921   1.00 45.07  ? 642 ARG A CZ  1 
ATOM   812 N NH1 . ARG A 1 102 ? -1.728  -15.377 3.893   1.00 32.55  ? 642 ARG A NH1 1 
ATOM   813 N NH2 . ARG A 1 102 ? 0.365   -15.484 4.837   1.00 49.37  ? 642 ARG A NH2 1 
ATOM   814 N N   . ARG A 1 103 ? -0.195  -17.532 -0.880  1.00 47.12  ? 643 ARG A N   1 
ATOM   815 C CA  . ARG A 1 103 ? -1.223  -18.539 -1.143  1.00 51.03  ? 643 ARG A CA  1 
ATOM   816 C C   . ARG A 1 103 ? -2.444  -18.331 -0.253  1.00 61.47  ? 643 ARG A C   1 
ATOM   817 O O   . ARG A 1 103 ? -2.317  -18.102 0.951   1.00 70.23  ? 643 ARG A O   1 
ATOM   818 C CB  . ARG A 1 103 ? -0.663  -19.948 -0.941  1.00 53.01  ? 643 ARG A CB  1 
ATOM   819 C CG  . ARG A 1 103 ? 0.362   -20.364 -1.986  1.00 77.27  ? 643 ARG A CG  1 
ATOM   820 C CD  . ARG A 1 103 ? 0.901   -21.764 -1.714  1.00 93.96  ? 643 ARG A CD  1 
ATOM   821 N NE  . ARG A 1 103 ? 1.973   -22.133 -2.638  1.00 103.20 ? 643 ARG A NE  1 
ATOM   822 C CZ  . ARG A 1 103 ? 2.711   -23.235 -2.530  1.00 105.59 ? 643 ARG A CZ  1 
ATOM   823 N NH1 . ARG A 1 103 ? 2.498   -24.085 -1.533  1.00 104.98 ? 643 ARG A NH1 1 
ATOM   824 N NH2 . ARG A 1 103 ? 3.665   -23.488 -3.417  1.00 100.99 ? 643 ARG A NH2 1 
HETATM 825 O O   . HOH B 2 .   ? -10.043 19.551  -4.511  1.00 19.17  ? 701 HOH A O   1 
HETATM 826 O O   . HOH B 2 .   ? -9.594  -10.056 -7.756  1.00 16.11  ? 702 HOH A O   1 
HETATM 827 O O   . HOH B 2 .   ? 12.609  -7.997  -12.427 1.00 23.82  ? 703 HOH A O   1 
HETATM 828 O O   . HOH B 2 .   ? -6.678  -12.384 -0.292  1.00 29.20  ? 704 HOH A O   1 
HETATM 829 O O   . HOH B 2 .   ? 0.667   17.064  -8.816  1.00 25.50  ? 705 HOH A O   1 
HETATM 830 O O   . HOH B 2 .   ? 14.408  3.649   9.586   1.00 28.64  ? 706 HOH A O   1 
HETATM 831 O O   . HOH B 2 .   ? 11.104  2.424   -4.136  1.00 21.42  ? 707 HOH A O   1 
HETATM 832 O O   . HOH B 2 .   ? 8.581   -5.415  -6.885  1.00 16.59  ? 708 HOH A O   1 
HETATM 833 O O   . HOH B 2 .   ? -6.824  -9.421  3.712   1.00 18.27  ? 709 HOH A O   1 
HETATM 834 O O   . HOH B 2 .   ? -12.558 2.699   7.722   1.00 32.78  ? 710 HOH A O   1 
HETATM 835 O O   . HOH B 2 .   ? -10.190 8.971   -5.654  1.00 9.37   ? 711 HOH A O   1 
HETATM 836 O O   . HOH B 2 .   ? 0.162   -1.112  14.287  1.00 16.48  ? 712 HOH A O   1 
HETATM 837 O O   . HOH B 2 .   ? -10.651 -5.243  -0.613  1.00 35.02  ? 713 HOH A O   1 
HETATM 838 O O   . HOH B 2 .   ? 17.890  2.504   4.625   1.00 26.89  ? 714 HOH A O   1 
HETATM 839 O O   . HOH B 2 .   ? -0.233  10.805  -2.367  1.00 21.42  ? 715 HOH A O   1 
HETATM 840 O O   . HOH B 2 .   ? 9.899   -1.414  8.900   1.00 34.81  ? 716 HOH A O   1 
HETATM 841 O O   . HOH B 2 .   ? -10.304 16.329  -1.811  1.00 40.32  ? 717 HOH A O   1 
HETATM 842 O O   . HOH B 2 .   ? -4.378  19.572  -6.501  1.00 23.06  ? 718 HOH A O   1 
HETATM 843 O O   . HOH B 2 .   ? -6.129  12.053  3.062   1.00 25.30  ? 719 HOH A O   1 
HETATM 844 O O   . HOH B 2 .   ? -12.064 -7.268  -2.650  1.00 27.94  ? 720 HOH A O   1 
HETATM 845 O O   . HOH B 2 .   ? -7.574  -12.503 -2.382  1.00 23.74  ? 721 HOH A O   1 
HETATM 846 O O   . HOH B 2 .   ? 8.557   0.072   -6.280  1.00 25.41  ? 722 HOH A O   1 
HETATM 847 O O   . HOH B 2 .   ? 4.348   5.446   -6.646  1.00 20.17  ? 723 HOH A O   1 
HETATM 848 O O   . HOH B 2 .   ? -5.011  0.479   -12.292 1.00 22.97  ? 724 HOH A O   1 
HETATM 849 O O   . HOH B 2 .   ? -4.073  -7.037  11.865  1.00 34.87  ? 725 HOH A O   1 
HETATM 850 O O   . HOH B 2 .   ? 1.908   -3.050  -15.817 1.00 32.41  ? 726 HOH A O   1 
HETATM 851 O O   . HOH B 2 .   ? 7.709   4.457   -4.664  1.00 23.99  ? 727 HOH A O   1 
HETATM 852 O O   . HOH B 2 .   ? 6.840   1.327   -5.108  1.00 28.96  ? 728 HOH A O   1 
HETATM 853 O O   . HOH B 2 .   ? -13.123 15.594  -2.715  1.00 44.40  ? 729 HOH A O   1 
HETATM 854 O O   . HOH B 2 .   ? -5.860  -2.957  -11.168 1.00 29.48  ? 730 HOH A O   1 
HETATM 855 O O   . HOH B 2 .   ? -3.179  -2.104  -10.899 1.00 16.90  ? 731 HOH A O   1 
HETATM 856 O O   . HOH B 2 .   ? -13.851 -5.416  -6.226  1.00 21.11  ? 732 HOH A O   1 
HETATM 857 O O   . HOH B 2 .   ? 8.519   1.303   -8.867  1.00 21.25  ? 733 HOH A O   1 
HETATM 858 O O   . HOH B 2 .   ? 5.360   5.801   -4.152  1.00 17.71  ? 734 HOH A O   1 
HETATM 859 O O   . HOH B 2 .   ? -1.630  19.865  -7.419  1.00 12.65  ? 735 HOH A O   1 
HETATM 860 O O   . HOH B 2 .   ? -4.845  13.527  7.241   1.00 30.48  ? 736 HOH A O   1 
# 
